data_7LLJ
#
_entry.id   7LLJ
#
_cell.length_a   297.549
_cell.length_b   297.549
_cell.length_c   120.371
_cell.angle_alpha   90.000
_cell.angle_beta   90.000
_cell.angle_gamma   120.000
#
_symmetry.space_group_name_H-M   'H 3'
#
loop_
_entity.id
_entity.type
_entity.pdbx_description
1 polymer 'T cell receptor gamma variable 8'
2 polymer 'T cell receptor delta variable 3'
3 polymer 'Major histocompatibility complex class I-related gene protein'
4 polymer Beta-2-microglobulin
5 non-polymer N-(6-formyl-4-oxo-3,4-dihydropteridin-2-yl)acetamide
#
loop_
_entity_poly.entity_id
_entity_poly.type
_entity_poly.pdbx_seq_one_letter_code
_entity_poly.pdbx_strand_id
1 'polypeptide(L)'
;TGSSNLEGRTKSVTRPTGSSAVITCDLPVENAVYTHWYLHQEGKAPQRLLYYDSYNSRVVLESGISREKYHTYASTGKSL
KFILENLIERDSGVYYCATWDYKKLFGSGTTLVVTEDLKNVFPPEVAVFEPSEAEISHTQKATLVCLATGFYPDHVELSW
WVNGKEVHSGVCTDPQPLKEQPALNDSRYALSSRLRVSATFWQNPRNHFRCQVQFYGLSENDEWTQDRAKPVTQIVSAEA
WGRAD
;
K,A
2 'polypeptide(L)'
;SDKVTQSSPDQTVASGSEVVLLCTYDTVYSNPDLFWYRIRPDYSFQFVFYGDNSRSEGADFTQGRFSVKHILTQKAFHLV
ISPVRTEDSATYYCATRLWLGDPHTDKLIFGKGTRVTVEPNIQNPDPAVYQLRDSKSSDKSVCLFTDFDSQTNVSQSKDS
DVYITDKCVLDMRSMDFKSNSAVAWSNKSDFACANAFNNSIIPEDTFFPSPESS
;
L,B
3 'polypeptide(L)'
;MRTHSLRYFRLGVSDPIHGVPEFISVGYVDSHPITTYDSVTRQKEPRAPWMAENLAPDHWERYTQLLRGWQQMFKVELKR
LQRHYNHSGSHTYQRMIGCELLEDGSTTGFLQYAYDGQDFLIFNKDTLSWLAVDNVAHTIKQAWEANQHELLYQKNWLEE
ECIAWLKRFLEYGKDTLQRTEPPLVRVNRKETFPGVTALFCKAHGFYPPEIYMTWMKNGEEIVQEIDYGDILPSGDGTYQ
AWASIELDPQSSNLYSCHVEHSGVHMVLQVP
;
C,E
4 'polypeptide(L)'
;MIQRTPKIQVYSRHPAENGKSNFLNCYVSGFHPSDIEVDLLKNGERIEKVEHSDLSFSKDWSFYLLYYTEFTPTEKDEYA
CRVNHVTLSQPKIVKWDRDM
;
D,F
#
loop_
_chem_comp.id
_chem_comp.type
_chem_comp.name
_chem_comp.formula
30W non-polymer N-(6-formyl-4-oxo-3,4-dihydropteridin-2-yl)acetamide 'C9 H7 N5 O3'
#
# COMPACT_ATOMS: atom_id res chain seq x y z
N ARG A 9 -22.34 -21.29 -4.51
CA ARG A 9 -21.09 -20.56 -4.43
C ARG A 9 -19.90 -21.51 -4.34
N THR A 10 -20.07 -22.58 -3.56
CA THR A 10 -19.03 -23.60 -3.46
C THR A 10 -18.69 -24.17 -4.83
N LYS A 11 -17.40 -24.14 -5.16
CA LYS A 11 -16.90 -24.68 -6.41
C LYS A 11 -16.44 -26.12 -6.23
N SER A 12 -16.18 -26.78 -7.36
CA SER A 12 -15.92 -28.21 -7.34
C SER A 12 -14.95 -28.58 -8.47
N VAL A 13 -14.09 -29.58 -8.22
CA VAL A 13 -13.10 -30.00 -9.21
C VAL A 13 -12.79 -31.48 -9.03
N THR A 14 -12.62 -32.16 -10.17
CA THR A 14 -12.19 -33.55 -10.24
C THR A 14 -10.89 -33.61 -11.04
N ARG A 15 -9.92 -34.35 -10.53
CA ARG A 15 -8.58 -34.40 -11.10
C ARG A 15 -8.05 -35.82 -11.07
N PRO A 16 -7.08 -36.13 -11.92
CA PRO A 16 -6.42 -37.44 -11.84
C PRO A 16 -5.24 -37.42 -10.88
N THR A 17 -4.68 -38.61 -10.64
CA THR A 17 -3.54 -38.75 -9.75
C THR A 17 -2.26 -38.27 -10.44
N GLY A 18 -1.42 -37.57 -9.67
CA GLY A 18 -0.15 -37.08 -10.17
C GLY A 18 -0.21 -35.74 -10.85
N SER A 19 -1.41 -35.23 -11.14
CA SER A 19 -1.56 -33.93 -11.77
C SER A 19 -1.63 -32.83 -10.71
N SER A 20 -1.66 -31.57 -11.19
CA SER A 20 -1.75 -30.41 -10.32
C SER A 20 -3.15 -29.83 -10.40
N ALA A 21 -3.58 -29.17 -9.32
CA ALA A 21 -4.92 -28.62 -9.22
C ALA A 21 -4.86 -27.17 -8.76
N VAL A 22 -5.85 -26.39 -9.18
CA VAL A 22 -5.94 -24.97 -8.87
C VAL A 22 -7.25 -24.72 -8.12
N ILE A 23 -7.17 -23.94 -7.05
CA ILE A 23 -8.31 -23.63 -6.20
C ILE A 23 -8.37 -22.12 -5.99
N THR A 24 -9.57 -21.55 -6.08
CA THR A 24 -9.77 -20.11 -5.92
C THR A 24 -10.55 -19.84 -4.65
N CYS A 25 -10.09 -18.83 -3.90
CA CYS A 25 -10.78 -18.43 -2.68
C CYS A 25 -12.06 -17.68 -3.01
N ASP A 26 -13.09 -17.88 -2.17
CA ASP A 26 -14.37 -17.20 -2.30
C ASP A 26 -14.64 -16.49 -0.98
N LEU A 27 -14.17 -15.25 -0.86
CA LEU A 27 -14.25 -14.46 0.35
C LEU A 27 -14.92 -13.13 0.07
N PRO A 28 -15.56 -12.53 1.07
CA PRO A 28 -16.16 -11.20 0.86
C PRO A 28 -15.19 -10.16 0.31
N VAL A 29 -13.98 -10.11 0.87
CA VAL A 29 -12.93 -9.22 0.40
C VAL A 29 -11.90 -10.04 -0.36
N GLU A 30 -11.60 -9.63 -1.60
CA GLU A 30 -10.73 -10.42 -2.46
C GLU A 30 -9.32 -10.53 -1.90
N ASN A 31 -8.77 -9.42 -1.39
CA ASN A 31 -7.39 -9.36 -0.93
C ASN A 31 -7.35 -9.15 0.58
N ALA A 32 -6.62 -10.02 1.26
CA ALA A 32 -6.41 -9.91 2.70
C ALA A 32 -4.93 -10.06 3.01
N VAL A 33 -4.49 -9.39 4.09
CA VAL A 33 -3.07 -9.42 4.47
C VAL A 33 -2.63 -10.83 4.84
N TYR A 34 -3.44 -11.54 5.63
CA TYR A 34 -3.17 -12.93 5.99
C TYR A 34 -4.37 -13.77 5.59
N THR A 35 -4.14 -14.78 4.76
CA THR A 35 -5.21 -15.65 4.28
C THR A 35 -4.87 -17.10 4.60
N HIS A 36 -5.75 -17.78 5.33
CA HIS A 36 -5.47 -19.14 5.80
C HIS A 36 -6.21 -20.15 4.94
N TRP A 37 -5.70 -21.38 4.94
CA TRP A 37 -6.25 -22.45 4.11
C TRP A 37 -6.43 -23.70 4.96
N TYR A 38 -7.66 -24.19 5.03
CA TYR A 38 -8.01 -25.36 5.83
C TYR A 38 -8.58 -26.46 4.95
N LEU A 39 -8.41 -27.71 5.40
CA LEU A 39 -8.92 -28.89 4.72
C LEU A 39 -9.90 -29.61 5.63
N HIS A 40 -10.99 -30.10 5.05
CA HIS A 40 -11.99 -30.86 5.78
C HIS A 40 -12.27 -32.17 5.06
N GLN A 41 -12.26 -33.26 5.84
CA GLN A 41 -12.66 -34.58 5.39
C GLN A 41 -13.74 -35.10 6.34
N GLU A 42 -14.46 -36.13 5.89
CA GLU A 42 -15.66 -36.57 6.61
C GLU A 42 -15.31 -37.07 8.01
N GLY A 43 -14.23 -37.83 8.15
CA GLY A 43 -13.90 -38.43 9.42
C GLY A 43 -13.03 -37.58 10.32
N LYS A 44 -11.99 -36.98 9.74
CA LYS A 44 -11.03 -36.23 10.54
C LYS A 44 -11.55 -34.83 10.87
N ALA A 45 -10.92 -34.21 11.86
CA ALA A 45 -11.23 -32.83 12.20
C ALA A 45 -10.65 -31.89 11.15
N PRO A 46 -11.25 -30.71 10.97
CA PRO A 46 -10.62 -29.71 10.10
C PRO A 46 -9.26 -29.31 10.63
N GLN A 47 -8.30 -29.16 9.72
CA GLN A 47 -6.93 -28.80 10.06
C GLN A 47 -6.45 -27.66 9.19
N ARG A 48 -5.74 -26.72 9.80
CA ARG A 48 -5.08 -25.68 9.02
C ARG A 48 -3.93 -26.29 8.23
N LEU A 49 -3.84 -25.95 6.95
CA LEU A 49 -2.74 -26.43 6.11
C LEU A 49 -1.62 -25.41 6.01
N LEU A 50 -1.94 -24.14 5.79
CA LEU A 50 -0.95 -23.08 5.69
C LEU A 50 -1.68 -21.74 5.73
N TYR A 51 -0.90 -20.67 5.70
CA TYR A 51 -1.47 -19.33 5.54
C TYR A 51 -0.49 -18.44 4.82
N TYR A 52 -1.01 -17.57 3.96
CA TYR A 52 -0.22 -16.67 3.14
C TYR A 52 -0.16 -15.29 3.79
N ASP A 53 1.06 -14.75 3.86
CA ASP A 53 1.35 -13.41 4.36
C ASP A 53 1.70 -12.52 3.19
N SER A 54 0.94 -11.44 3.02
CA SER A 54 1.19 -10.50 1.93
C SER A 54 2.37 -9.58 2.23
N TYR A 55 2.54 -9.19 3.49
CA TYR A 55 3.64 -8.28 3.84
C TYR A 55 4.99 -8.90 3.53
N ASN A 56 5.21 -10.14 3.99
CA ASN A 56 6.39 -10.88 3.59
C ASN A 56 6.21 -11.62 2.28
N SER A 57 4.97 -11.65 1.76
CA SER A 57 4.65 -12.30 0.49
C SER A 57 5.12 -13.74 0.46
N ARG A 58 4.91 -14.46 1.57
CA ARG A 58 5.37 -15.84 1.67
C ARG A 58 4.30 -16.69 2.35
N VAL A 59 4.35 -17.98 2.07
CA VAL A 59 3.46 -18.95 2.69
C VAL A 59 4.13 -19.50 3.94
N VAL A 60 3.34 -19.69 5.00
CA VAL A 60 3.80 -20.30 6.23
C VAL A 60 3.03 -21.60 6.37
N LEU A 61 3.77 -22.71 6.42
CA LEU A 61 3.21 -24.05 6.46
C LEU A 61 3.18 -24.58 7.89
N GLU A 62 2.53 -25.73 8.05
CA GLU A 62 2.53 -26.45 9.31
C GLU A 62 3.51 -27.62 9.24
N SER A 63 3.66 -28.30 10.38
CA SER A 63 4.58 -29.43 10.46
C SER A 63 4.03 -30.63 9.70
N GLY A 64 4.93 -31.33 9.01
CA GLY A 64 4.57 -32.55 8.33
C GLY A 64 4.18 -32.41 6.88
N ILE A 65 4.41 -31.26 6.26
CA ILE A 65 4.05 -31.00 4.87
C ILE A 65 5.27 -30.52 4.11
N SER A 66 5.47 -31.06 2.92
CA SER A 66 6.60 -30.65 2.08
C SER A 66 6.42 -29.20 1.62
N ARG A 67 7.56 -28.51 1.45
CA ARG A 67 7.52 -27.12 1.02
C ARG A 67 7.15 -26.98 -0.45
N GLU A 68 7.33 -28.03 -1.25
CA GLU A 68 7.03 -28.00 -2.68
C GLU A 68 5.78 -28.80 -3.00
N LYS A 69 4.80 -28.76 -2.10
CA LYS A 69 3.52 -29.44 -2.27
C LYS A 69 2.41 -28.49 -2.65
N TYR A 70 2.39 -27.30 -2.05
CA TYR A 70 1.41 -26.26 -2.34
C TYR A 70 2.13 -24.97 -2.67
N HIS A 71 1.45 -24.09 -3.39
CA HIS A 71 1.93 -22.73 -3.59
C HIS A 71 0.75 -21.82 -3.86
N THR A 72 1.05 -20.54 -4.09
CA THR A 72 0.02 -19.51 -4.16
C THR A 72 0.23 -18.62 -5.37
N TYR A 73 -0.90 -18.18 -5.94
CA TYR A 73 -0.93 -17.18 -7.00
C TYR A 73 -1.70 -15.99 -6.47
N ALA A 74 -1.02 -14.86 -6.31
CA ALA A 74 -1.58 -13.66 -5.71
C ALA A 74 -1.78 -12.60 -6.79
N SER A 75 -3.00 -12.49 -7.30
CA SER A 75 -3.33 -11.43 -8.23
C SER A 75 -3.47 -10.11 -7.50
N THR A 76 -3.23 -9.01 -8.22
CA THR A 76 -3.24 -7.69 -7.59
C THR A 76 -4.63 -7.34 -7.07
N GLY A 77 -5.68 -7.62 -7.85
CA GLY A 77 -7.03 -7.26 -7.46
C GLY A 77 -7.98 -8.42 -7.30
N LYS A 78 -7.59 -9.59 -7.81
CA LYS A 78 -8.45 -10.76 -7.76
C LYS A 78 -8.23 -11.56 -6.47
N SER A 79 -9.12 -12.52 -6.24
CA SER A 79 -8.97 -13.44 -5.11
C SER A 79 -7.72 -14.30 -5.30
N LEU A 80 -7.00 -14.52 -4.21
CA LEU A 80 -5.79 -15.32 -4.27
C LEU A 80 -6.15 -16.78 -4.52
N LYS A 81 -5.19 -17.52 -5.10
CA LYS A 81 -5.41 -18.90 -5.48
C LYS A 81 -4.34 -19.80 -4.86
N PHE A 82 -4.73 -21.04 -4.57
CA PHE A 82 -3.84 -22.04 -4.02
C PHE A 82 -3.73 -23.19 -5.01
N ILE A 83 -2.49 -23.63 -5.29
CA ILE A 83 -2.23 -24.65 -6.28
C ILE A 83 -1.56 -25.84 -5.59
N LEU A 84 -2.09 -27.03 -5.85
CA LEU A 84 -1.60 -28.29 -5.29
C LEU A 84 -0.88 -29.10 -6.36
N GLU A 85 0.14 -29.84 -5.92
CA GLU A 85 0.98 -30.63 -6.80
C GLU A 85 1.01 -32.07 -6.33
N ASN A 86 1.23 -32.98 -7.28
CA ASN A 86 1.36 -34.43 -7.00
C ASN A 86 0.17 -34.93 -6.17
N LEU A 87 -1.02 -34.82 -6.77
CA LEU A 87 -2.23 -35.18 -6.05
C LEU A 87 -2.26 -36.66 -5.71
N ILE A 88 -2.51 -36.96 -4.45
CA ILE A 88 -2.62 -38.31 -3.94
C ILE A 88 -4.07 -38.54 -3.52
N GLU A 89 -4.47 -39.82 -3.49
CA GLU A 89 -5.85 -40.16 -3.15
C GLU A 89 -6.28 -39.57 -1.81
N ARG A 90 -5.34 -39.44 -0.87
CA ARG A 90 -5.64 -38.89 0.44
C ARG A 90 -5.85 -37.38 0.43
N ASP A 91 -5.66 -36.72 -0.71
CA ASP A 91 -5.87 -35.28 -0.81
C ASP A 91 -7.31 -34.90 -1.13
N SER A 92 -8.19 -35.88 -1.34
CA SER A 92 -9.59 -35.57 -1.61
C SER A 92 -10.25 -34.97 -0.38
N GLY A 93 -11.14 -34.01 -0.59
CA GLY A 93 -11.80 -33.36 0.54
C GLY A 93 -12.46 -32.07 0.11
N VAL A 94 -12.57 -31.14 1.05
CA VAL A 94 -13.08 -29.81 0.75
C VAL A 94 -12.18 -28.78 1.42
N TYR A 95 -11.76 -27.77 0.66
CA TYR A 95 -10.79 -26.79 1.11
C TYR A 95 -11.47 -25.44 1.28
N TYR A 96 -11.20 -24.77 2.39
CA TYR A 96 -11.79 -23.47 2.71
C TYR A 96 -10.69 -22.43 2.91
N CYS A 97 -10.87 -21.26 2.31
CA CYS A 97 -10.06 -20.10 2.66
C CYS A 97 -10.69 -19.39 3.86
N ALA A 98 -9.85 -18.65 4.59
CA ALA A 98 -10.32 -18.02 5.82
C ALA A 98 -9.54 -16.75 6.08
N THR A 99 -10.18 -15.84 6.82
CA THR A 99 -9.59 -14.57 7.23
C THR A 99 -10.11 -14.22 8.62
N TRP A 100 -9.64 -13.11 9.17
CA TRP A 100 -9.92 -12.72 10.55
C TRP A 100 -10.40 -11.28 10.63
N ASP A 101 -11.54 -10.99 9.99
CA ASP A 101 -12.14 -9.67 10.08
C ASP A 101 -12.72 -9.44 11.47
N TYR A 102 -13.70 -10.25 11.86
CA TYR A 102 -14.24 -10.23 13.21
C TYR A 102 -14.02 -11.54 13.93
N LYS A 103 -14.30 -12.66 13.27
CA LYS A 103 -13.84 -13.99 13.69
C LYS A 103 -13.25 -14.65 12.47
N LYS A 104 -12.94 -15.95 12.55
CA LYS A 104 -12.45 -16.65 11.36
C LYS A 104 -13.62 -16.89 10.42
N LEU A 105 -13.73 -16.04 9.40
CA LEU A 105 -14.78 -16.17 8.38
C LEU A 105 -14.29 -17.11 7.30
N PHE A 106 -14.85 -18.31 7.26
CA PHE A 106 -14.50 -19.26 6.21
C PHE A 106 -15.30 -18.96 4.95
N GLY A 107 -14.66 -19.20 3.81
CA GLY A 107 -15.29 -18.98 2.53
C GLY A 107 -16.30 -20.05 2.18
N SER A 108 -16.87 -19.92 0.98
CA SER A 108 -17.84 -20.91 0.51
C SER A 108 -17.20 -22.27 0.35
N GLY A 109 -15.89 -22.32 0.14
CA GLY A 109 -15.18 -23.57 0.04
C GLY A 109 -15.25 -24.18 -1.35
N THR A 110 -14.37 -25.15 -1.60
CA THR A 110 -14.34 -25.85 -2.87
C THR A 110 -14.02 -27.31 -2.62
N THR A 111 -14.78 -28.19 -3.25
CA THR A 111 -14.59 -29.63 -3.13
C THR A 111 -13.63 -30.13 -4.21
N LEU A 112 -12.82 -31.12 -3.84
CA LEU A 112 -11.83 -31.67 -4.75
C LEU A 112 -11.80 -33.18 -4.59
N VAL A 113 -11.92 -33.89 -5.72
CA VAL A 113 -11.78 -35.33 -5.75
C VAL A 113 -10.73 -35.70 -6.77
N VAL A 114 -9.92 -36.71 -6.46
CA VAL A 114 -8.84 -37.17 -7.33
C VAL A 114 -8.98 -38.67 -7.54
N THR A 115 -8.65 -39.12 -8.74
CA THR A 115 -8.82 -40.52 -9.11
C THR A 115 -7.53 -41.08 -9.69
N GLU A 116 -7.18 -42.31 -9.29
CA GLU A 116 -5.97 -42.94 -9.78
C GLU A 116 -6.09 -43.30 -11.26
N ASP A 117 -7.18 -43.96 -11.63
CA ASP A 117 -7.36 -44.48 -12.98
C ASP A 117 -8.39 -43.64 -13.72
N LEU A 118 -8.02 -43.15 -14.90
CA LEU A 118 -8.88 -42.28 -15.69
C LEU A 118 -9.74 -43.04 -16.69
N LYS A 119 -9.58 -44.36 -16.79
CA LYS A 119 -10.44 -45.16 -17.66
C LYS A 119 -11.69 -45.67 -16.93
N ASN A 120 -11.78 -45.47 -15.62
CA ASN A 120 -12.93 -45.89 -14.84
C ASN A 120 -14.02 -44.83 -14.73
N VAL A 121 -13.77 -43.62 -15.24
CA VAL A 121 -14.72 -42.52 -15.06
C VAL A 121 -15.82 -42.61 -16.10
N PHE A 122 -17.07 -42.52 -15.64
CA PHE A 122 -18.24 -42.49 -16.51
C PHE A 122 -19.12 -41.32 -16.14
N PRO A 123 -19.81 -40.73 -17.11
CA PRO A 123 -20.77 -39.66 -16.81
C PRO A 123 -22.11 -40.24 -16.38
N PRO A 124 -22.92 -39.47 -15.67
CA PRO A 124 -24.20 -40.01 -15.21
C PRO A 124 -25.29 -39.91 -16.26
N GLU A 125 -26.24 -40.84 -16.16
CA GLU A 125 -27.45 -40.83 -16.96
C GLU A 125 -28.61 -40.40 -16.08
N VAL A 126 -29.37 -39.41 -16.54
CA VAL A 126 -30.41 -38.77 -15.74
C VAL A 126 -31.77 -39.15 -16.30
N ALA A 127 -32.65 -39.63 -15.42
CA ALA A 127 -34.01 -39.98 -15.79
C ALA A 127 -34.98 -39.34 -14.78
N VAL A 128 -36.17 -38.99 -15.27
CA VAL A 128 -37.20 -38.36 -14.47
C VAL A 128 -38.45 -39.24 -14.51
N PHE A 129 -38.98 -39.55 -13.34
CA PHE A 129 -40.19 -40.36 -13.19
C PHE A 129 -41.31 -39.49 -12.64
N GLU A 130 -42.45 -39.53 -13.34
CA GLU A 130 -43.68 -38.78 -13.11
C GLU A 130 -44.46 -39.34 -11.93
N PRO A 131 -45.27 -38.52 -11.27
CA PRO A 131 -45.99 -39.00 -10.08
C PRO A 131 -47.02 -40.07 -10.42
N SER A 132 -47.39 -40.81 -9.38
CA SER A 132 -48.35 -41.90 -9.51
C SER A 132 -49.78 -41.36 -9.48
N GLU A 133 -50.67 -42.06 -10.21
CA GLU A 133 -52.07 -41.71 -10.19
C GLU A 133 -52.68 -41.94 -8.81
N ALA A 134 -52.16 -42.90 -8.05
CA ALA A 134 -52.68 -43.15 -6.71
C ALA A 134 -52.41 -41.98 -5.78
N GLU A 135 -51.22 -41.40 -5.84
CA GLU A 135 -50.89 -40.30 -4.95
C GLU A 135 -51.71 -39.05 -5.27
N ILE A 136 -51.93 -38.79 -6.56
CA ILE A 136 -52.64 -37.58 -6.99
C ILE A 136 -54.08 -37.56 -6.47
N SER A 137 -54.66 -38.72 -6.18
CA SER A 137 -56.01 -38.81 -5.65
C SER A 137 -56.05 -39.04 -4.15
N HIS A 138 -55.10 -39.80 -3.60
CA HIS A 138 -55.07 -40.03 -2.16
C HIS A 138 -54.67 -38.76 -1.42
N THR A 139 -53.71 -38.01 -1.97
CA THR A 139 -53.22 -36.78 -1.38
C THR A 139 -53.27 -35.69 -2.44
N GLN A 140 -53.27 -34.44 -1.98
CA GLN A 140 -53.29 -33.29 -2.87
C GLN A 140 -51.90 -32.85 -3.33
N LYS A 141 -50.87 -33.66 -3.08
CA LYS A 141 -49.51 -33.34 -3.49
C LYS A 141 -49.03 -34.32 -4.55
N ALA A 142 -48.02 -33.91 -5.30
CA ALA A 142 -47.45 -34.68 -6.40
C ALA A 142 -45.93 -34.70 -6.26
N THR A 143 -45.33 -35.86 -6.51
CA THR A 143 -43.90 -36.07 -6.31
C THR A 143 -43.25 -36.56 -7.60
N LEU A 144 -42.25 -35.81 -8.06
CA LEU A 144 -41.40 -36.19 -9.18
C LEU A 144 -40.07 -36.71 -8.66
N VAL A 145 -39.55 -37.75 -9.29
CA VAL A 145 -38.33 -38.41 -8.83
C VAL A 145 -37.26 -38.31 -9.92
N CYS A 146 -36.06 -37.89 -9.54
CA CYS A 146 -34.92 -37.88 -10.44
C CYS A 146 -33.91 -38.94 -10.04
N LEU A 147 -33.46 -39.72 -11.02
CA LEU A 147 -32.47 -40.79 -10.80
C LEU A 147 -31.27 -40.54 -11.70
N ALA A 148 -30.09 -40.44 -11.11
CA ALA A 148 -28.84 -40.34 -11.85
C ALA A 148 -28.04 -41.61 -11.60
N THR A 149 -27.68 -42.31 -12.67
CA THR A 149 -27.08 -43.63 -12.54
C THR A 149 -25.76 -43.68 -13.33
N GLY A 150 -24.90 -44.61 -12.91
CA GLY A 150 -23.74 -44.94 -13.71
C GLY A 150 -22.67 -43.87 -13.81
N PHE A 151 -22.39 -43.18 -12.72
CA PHE A 151 -21.29 -42.22 -12.64
C PHE A 151 -20.33 -42.68 -11.56
N TYR A 152 -19.05 -42.77 -11.91
CA TYR A 152 -18.07 -43.25 -10.95
C TYR A 152 -17.62 -42.18 -9.95
N PRO A 153 -17.24 -40.98 -10.38
CA PRO A 153 -16.80 -39.97 -9.41
C PRO A 153 -17.98 -39.37 -8.67
N ASP A 154 -17.94 -39.43 -7.34
CA ASP A 154 -19.00 -38.87 -6.51
C ASP A 154 -18.83 -37.34 -6.38
N HIS A 155 -18.84 -36.68 -7.54
CA HIS A 155 -18.64 -35.24 -7.62
C HIS A 155 -19.73 -34.69 -8.54
N VAL A 156 -20.95 -34.61 -8.03
CA VAL A 156 -22.09 -34.13 -8.79
C VAL A 156 -22.81 -33.05 -7.99
N GLU A 157 -23.54 -32.19 -8.70
CA GLU A 157 -24.38 -31.19 -8.06
C GLU A 157 -25.76 -31.26 -8.71
N LEU A 158 -26.79 -31.53 -7.90
CA LEU A 158 -28.13 -31.74 -8.42
C LEU A 158 -29.01 -30.54 -8.10
N SER A 159 -29.81 -30.12 -9.07
CA SER A 159 -30.74 -29.03 -8.89
C SER A 159 -32.03 -29.31 -9.65
N TRP A 160 -33.10 -28.65 -9.20
CA TRP A 160 -34.41 -28.73 -9.84
C TRP A 160 -34.79 -27.35 -10.35
N TRP A 161 -35.29 -27.30 -11.59
CA TRP A 161 -35.66 -26.05 -12.23
C TRP A 161 -37.10 -26.17 -12.71
N VAL A 162 -37.98 -25.35 -12.15
CA VAL A 162 -39.38 -25.28 -12.55
C VAL A 162 -39.61 -23.97 -13.30
N ASN A 163 -40.20 -24.07 -14.49
CA ASN A 163 -40.51 -22.91 -15.33
C ASN A 163 -39.28 -22.02 -15.53
N GLY A 164 -38.12 -22.66 -15.67
CA GLY A 164 -36.89 -21.96 -15.94
C GLY A 164 -36.21 -21.33 -14.73
N LYS A 165 -36.70 -21.59 -13.52
CA LYS A 165 -36.12 -21.02 -12.31
C LYS A 165 -35.77 -22.13 -11.33
N GLU A 166 -34.61 -22.00 -10.70
CA GLU A 166 -34.18 -22.99 -9.72
C GLU A 166 -35.07 -22.93 -8.48
N VAL A 167 -35.50 -24.08 -7.99
CA VAL A 167 -36.40 -24.18 -6.84
C VAL A 167 -35.65 -24.78 -5.67
N HIS A 168 -35.76 -24.14 -4.51
CA HIS A 168 -35.13 -24.62 -3.29
C HIS A 168 -36.12 -25.17 -2.27
N SER A 169 -37.42 -24.91 -2.45
CA SER A 169 -38.43 -25.38 -1.50
C SER A 169 -39.02 -26.70 -1.95
N GLY A 170 -39.31 -27.57 -0.97
CA GLY A 170 -39.94 -28.85 -1.24
C GLY A 170 -39.11 -29.79 -2.08
N VAL A 171 -37.79 -29.77 -1.93
CA VAL A 171 -36.89 -30.63 -2.67
C VAL A 171 -35.96 -31.34 -1.68
N CYS A 172 -35.80 -32.65 -1.84
CA CYS A 172 -34.95 -33.43 -0.95
C CYS A 172 -34.01 -34.30 -1.76
N THR A 173 -32.72 -34.25 -1.42
CA THR A 173 -31.70 -35.10 -2.02
C THR A 173 -30.91 -35.77 -0.91
N ASP A 174 -30.76 -37.09 -1.00
CA ASP A 174 -30.03 -37.82 0.02
C ASP A 174 -28.57 -37.41 0.01
N PRO A 175 -27.93 -37.27 1.18
CA PRO A 175 -26.57 -36.70 1.22
C PRO A 175 -25.50 -37.59 0.63
N GLN A 176 -25.70 -38.91 0.59
CA GLN A 176 -24.65 -39.78 0.09
C GLN A 176 -25.21 -40.81 -0.89
N PRO A 177 -24.52 -41.08 -1.98
CA PRO A 177 -24.99 -42.07 -2.95
C PRO A 177 -24.67 -43.48 -2.50
N LEU A 178 -25.12 -44.46 -3.29
CA LEU A 178 -24.89 -45.87 -3.04
C LEU A 178 -24.12 -46.47 -4.20
N LYS A 179 -23.40 -47.55 -3.91
CA LYS A 179 -22.57 -48.21 -4.91
C LYS A 179 -23.43 -49.08 -5.83
N GLU A 180 -23.29 -48.88 -7.14
CA GLU A 180 -23.97 -49.76 -8.09
C GLU A 180 -23.44 -51.18 -7.98
N GLN A 181 -22.13 -51.34 -7.85
CA GLN A 181 -21.52 -52.63 -7.55
C GLN A 181 -20.95 -52.59 -6.14
N PRO A 182 -21.58 -53.25 -5.17
CA PRO A 182 -21.16 -53.05 -3.77
C PRO A 182 -19.85 -53.72 -3.41
N ALA A 183 -19.38 -54.68 -4.20
CA ALA A 183 -18.19 -55.45 -3.84
C ALA A 183 -17.00 -55.19 -4.75
N LEU A 184 -17.16 -54.39 -5.80
CA LEU A 184 -16.11 -54.14 -6.77
C LEU A 184 -15.36 -52.85 -6.46
N ASN A 185 -14.04 -52.88 -6.62
CA ASN A 185 -13.24 -51.68 -6.46
C ASN A 185 -13.52 -50.70 -7.59
N ASP A 186 -13.50 -49.41 -7.26
CA ASP A 186 -13.79 -48.35 -8.22
C ASP A 186 -15.11 -48.62 -8.94
N SER A 187 -16.18 -48.54 -8.17
CA SER A 187 -17.51 -48.88 -8.67
C SER A 187 -18.31 -47.61 -8.95
N ARG A 188 -19.21 -47.72 -9.92
CA ARG A 188 -20.07 -46.62 -10.29
C ARG A 188 -21.16 -46.40 -9.24
N TYR A 189 -21.78 -45.23 -9.29
CA TYR A 189 -22.69 -44.78 -8.25
C TYR A 189 -24.09 -44.55 -8.83
N ALA A 190 -24.98 -44.10 -7.94
CA ALA A 190 -26.35 -43.75 -8.27
C ALA A 190 -26.88 -42.83 -7.19
N LEU A 191 -27.67 -41.83 -7.60
CA LEU A 191 -28.21 -40.82 -6.71
C LEU A 191 -29.66 -40.57 -7.06
N SER A 192 -30.43 -40.13 -6.06
CA SER A 192 -31.85 -39.87 -6.22
C SER A 192 -32.22 -38.53 -5.62
N SER A 193 -33.24 -37.90 -6.20
CA SER A 193 -33.77 -36.64 -5.70
C SER A 193 -35.28 -36.63 -5.86
N ARG A 194 -35.94 -35.82 -5.03
CA ARG A 194 -37.40 -35.78 -4.99
C ARG A 194 -37.88 -34.34 -4.93
N LEU A 195 -38.89 -34.03 -5.75
CA LEU A 195 -39.55 -32.73 -5.74
C LEU A 195 -41.04 -32.92 -5.53
N ARG A 196 -41.61 -32.23 -4.54
CA ARG A 196 -43.03 -32.31 -4.26
C ARG A 196 -43.67 -30.94 -4.44
N VAL A 197 -44.80 -30.91 -5.13
CA VAL A 197 -45.53 -29.67 -5.41
C VAL A 197 -47.03 -29.96 -5.25
N SER A 198 -47.82 -28.89 -5.27
CA SER A 198 -49.27 -29.05 -5.19
C SER A 198 -49.80 -29.75 -6.44
N ALA A 199 -50.84 -30.57 -6.25
CA ALA A 199 -51.43 -31.27 -7.38
C ALA A 199 -52.02 -30.30 -8.40
N THR A 200 -52.48 -29.13 -7.95
CA THR A 200 -52.96 -28.12 -8.89
C THR A 200 -51.84 -27.68 -9.83
N PHE A 201 -50.62 -27.55 -9.30
CA PHE A 201 -49.49 -27.14 -10.13
C PHE A 201 -49.13 -28.22 -11.15
N TRP A 202 -49.12 -29.48 -10.74
CA TRP A 202 -48.71 -30.56 -11.64
C TRP A 202 -49.72 -30.79 -12.75
N GLN A 203 -51.02 -30.64 -12.45
CA GLN A 203 -52.04 -30.90 -13.46
C GLN A 203 -52.06 -29.87 -14.57
N ASN A 204 -51.42 -28.72 -14.38
CA ASN A 204 -51.34 -27.72 -15.43
C ASN A 204 -50.29 -28.13 -16.45
N PRO A 205 -50.66 -28.35 -17.72
CA PRO A 205 -49.64 -28.71 -18.73
C PRO A 205 -48.68 -27.58 -19.06
N ARG A 206 -49.01 -26.34 -18.69
CA ARG A 206 -48.12 -25.22 -18.97
C ARG A 206 -46.82 -25.32 -18.19
N ASN A 207 -46.82 -26.00 -17.05
CA ASN A 207 -45.65 -26.04 -16.18
C ASN A 207 -44.63 -27.04 -16.70
N HIS A 208 -43.37 -26.62 -16.72
CA HIS A 208 -42.25 -27.43 -17.18
C HIS A 208 -41.31 -27.70 -16.01
N PHE A 209 -40.99 -28.97 -15.78
CA PHE A 209 -40.10 -29.38 -14.72
C PHE A 209 -38.84 -29.96 -15.32
N ARG A 210 -37.69 -29.65 -14.73
CA ARG A 210 -36.42 -30.16 -15.23
C ARG A 210 -35.51 -30.49 -14.06
N CYS A 211 -34.82 -31.62 -14.16
CA CYS A 211 -33.82 -32.04 -13.18
C CYS A 211 -32.46 -31.97 -13.85
N GLN A 212 -31.55 -31.20 -13.27
CA GLN A 212 -30.24 -30.91 -13.85
C GLN A 212 -29.15 -31.40 -12.93
N VAL A 213 -28.26 -32.24 -13.46
CA VAL A 213 -27.10 -32.73 -12.72
C VAL A 213 -25.85 -32.16 -13.38
N GLN A 214 -25.16 -31.29 -12.65
CA GLN A 214 -23.86 -30.79 -13.06
C GLN A 214 -22.82 -31.84 -12.68
N PHE A 215 -22.25 -32.50 -13.68
CA PHE A 215 -21.24 -33.52 -13.48
C PHE A 215 -19.86 -32.90 -13.68
N TYR A 216 -18.98 -33.11 -12.70
CA TYR A 216 -17.61 -32.62 -12.75
C TYR A 216 -16.72 -33.77 -13.23
N GLY A 217 -16.15 -33.60 -14.41
CA GLY A 217 -15.36 -34.63 -15.06
C GLY A 217 -14.01 -34.10 -15.52
N LEU A 218 -13.53 -34.66 -16.61
CA LEU A 218 -12.22 -34.30 -17.12
C LEU A 218 -12.22 -32.88 -17.66
N SER A 219 -11.06 -32.26 -17.68
CA SER A 219 -10.87 -30.93 -18.23
C SER A 219 -10.36 -31.03 -19.67
N GLU A 220 -10.24 -29.88 -20.33
CA GLU A 220 -9.77 -29.87 -21.70
C GLU A 220 -8.29 -30.25 -21.79
N ASN A 221 -7.53 -30.03 -20.72
CA ASN A 221 -6.13 -30.42 -20.71
C ASN A 221 -5.95 -31.93 -20.70
N ASP A 222 -6.86 -32.66 -20.06
CA ASP A 222 -6.78 -34.11 -20.02
C ASP A 222 -6.95 -34.71 -21.41
N GLU A 223 -6.25 -35.82 -21.63
CA GLU A 223 -6.23 -36.51 -22.92
C GLU A 223 -7.04 -37.80 -22.81
N TRP A 224 -7.88 -38.07 -23.80
CA TRP A 224 -8.74 -39.25 -23.83
C TRP A 224 -8.20 -40.25 -24.84
N THR A 225 -8.08 -41.51 -24.41
CA THR A 225 -7.54 -42.57 -25.25
C THR A 225 -8.48 -43.78 -25.30
N GLN A 226 -9.78 -43.55 -25.09
CA GLN A 226 -10.75 -44.64 -25.03
C GLN A 226 -11.79 -44.49 -26.12
N ASP A 227 -12.45 -45.61 -26.44
CA ASP A 227 -13.47 -45.61 -27.48
C ASP A 227 -14.66 -44.73 -27.10
N ARG A 228 -14.97 -44.64 -25.81
CA ARG A 228 -16.09 -43.85 -25.35
C ARG A 228 -15.82 -42.36 -25.52
N ALA A 229 -16.88 -41.56 -25.38
CA ALA A 229 -16.75 -40.11 -25.42
C ALA A 229 -16.02 -39.61 -24.18
N LYS A 230 -15.48 -38.40 -24.29
CA LYS A 230 -14.68 -37.83 -23.20
C LYS A 230 -15.56 -37.48 -22.00
N PRO A 231 -15.29 -38.03 -20.82
CA PRO A 231 -16.06 -37.62 -19.62
C PRO A 231 -15.71 -36.22 -19.17
N VAL A 232 -16.14 -35.22 -19.93
CA VAL A 232 -15.80 -33.83 -19.66
C VAL A 232 -16.79 -33.26 -18.66
N THR A 233 -16.38 -32.19 -17.98
CA THR A 233 -17.29 -31.46 -17.12
C THR A 233 -18.50 -30.99 -17.92
N GLN A 234 -19.68 -31.44 -17.52
CA GLN A 234 -20.87 -31.23 -18.35
C GLN A 234 -22.09 -31.05 -17.46
N ILE A 235 -23.22 -30.80 -18.10
CA ILE A 235 -24.52 -30.72 -17.43
C ILE A 235 -25.44 -31.71 -18.12
N VAL A 236 -25.82 -32.76 -17.41
CA VAL A 236 -26.80 -33.72 -17.91
C VAL A 236 -28.15 -33.30 -17.37
N SER A 237 -29.21 -33.60 -18.11
CA SER A 237 -30.52 -33.09 -17.71
C SER A 237 -31.61 -34.02 -18.17
N ALA A 238 -32.76 -33.93 -17.49
CA ALA A 238 -33.98 -34.58 -17.92
C ALA A 238 -35.13 -33.63 -17.64
N GLU A 239 -36.23 -33.81 -18.39
CA GLU A 239 -37.33 -32.85 -18.31
C GLU A 239 -38.66 -33.56 -18.46
N ALA A 240 -39.71 -32.88 -17.99
CA ALA A 240 -41.08 -33.37 -18.09
C ALA A 240 -42.03 -32.19 -18.09
N TRP A 241 -43.26 -32.46 -18.52
CA TRP A 241 -44.29 -31.45 -18.64
C TRP A 241 -45.52 -31.87 -17.84
N GLY A 242 -46.36 -30.89 -17.51
CA GLY A 242 -47.57 -31.18 -16.79
C GLY A 242 -48.52 -32.04 -17.60
N ARG A 243 -49.30 -32.85 -16.88
CA ARG A 243 -50.21 -33.80 -17.53
C ARG A 243 -51.44 -33.95 -16.65
N ALA A 244 -52.59 -33.50 -17.16
CA ALA A 244 -53.85 -33.63 -16.44
C ALA A 244 -54.38 -35.06 -16.53
N SER B 1 -4.11 -26.00 24.12
CA SER B 1 -3.23 -25.78 22.98
C SER B 1 -2.96 -27.08 22.25
N ASP B 2 -2.99 -28.20 22.99
CA ASP B 2 -2.68 -29.49 22.40
C ASP B 2 -3.90 -30.16 21.79
N LYS B 3 -4.97 -30.32 22.56
CA LYS B 3 -6.09 -31.16 22.14
C LYS B 3 -7.42 -30.54 22.51
N VAL B 4 -8.42 -30.84 21.67
CA VAL B 4 -9.82 -30.54 21.95
C VAL B 4 -10.61 -31.79 21.57
N THR B 5 -11.51 -32.22 22.45
CA THR B 5 -12.18 -33.51 22.31
C THR B 5 -13.68 -33.33 22.36
N GLN B 6 -14.39 -34.04 21.48
CA GLN B 6 -15.85 -34.07 21.48
C GLN B 6 -16.28 -35.48 21.89
N SER B 7 -16.82 -35.59 23.11
CA SER B 7 -17.16 -36.90 23.66
C SER B 7 -18.49 -37.42 23.13
N SER B 8 -19.45 -36.53 22.92
CA SER B 8 -20.79 -36.95 22.52
C SER B 8 -20.77 -37.55 21.13
N PRO B 9 -21.32 -38.75 20.93
CA PRO B 9 -21.39 -39.33 19.59
C PRO B 9 -22.49 -38.69 18.76
N ASP B 10 -22.46 -38.99 17.47
CA ASP B 10 -23.47 -38.48 16.55
C ASP B 10 -24.86 -38.97 16.96
N GLN B 11 -25.83 -38.06 16.94
CA GLN B 11 -27.16 -38.36 17.47
C GLN B 11 -28.25 -37.88 16.51
N THR B 12 -29.38 -38.58 16.58
CA THR B 12 -30.60 -38.20 15.88
C THR B 12 -31.65 -37.82 16.92
N VAL B 13 -32.14 -36.59 16.84
CA VAL B 13 -33.10 -36.07 17.79
C VAL B 13 -34.36 -35.65 17.01
N ALA B 14 -35.40 -35.30 17.76
CA ALA B 14 -36.66 -34.85 17.19
C ALA B 14 -36.83 -33.35 17.38
N SER B 15 -37.59 -32.73 16.48
CA SER B 15 -37.77 -31.28 16.52
C SER B 15 -38.48 -30.85 17.79
N GLY B 16 -38.10 -29.69 18.30
CA GLY B 16 -38.65 -29.16 19.52
C GLY B 16 -37.94 -29.59 20.79
N SER B 17 -36.98 -30.50 20.70
CA SER B 17 -36.24 -30.96 21.86
C SER B 17 -35.04 -30.08 22.13
N GLU B 18 -34.38 -30.35 23.27
CA GLU B 18 -33.14 -29.68 23.65
C GLU B 18 -31.99 -30.66 23.48
N VAL B 19 -30.93 -30.21 22.82
CA VAL B 19 -29.77 -31.07 22.58
C VAL B 19 -28.51 -30.41 23.13
N VAL B 20 -27.60 -31.24 23.63
CA VAL B 20 -26.36 -30.79 24.23
C VAL B 20 -25.19 -31.43 23.49
N LEU B 21 -24.20 -30.61 23.14
CA LEU B 21 -22.99 -31.05 22.47
C LEU B 21 -21.81 -30.86 23.41
N LEU B 22 -21.04 -31.93 23.63
CA LEU B 22 -20.00 -31.98 24.64
C LEU B 22 -18.63 -31.66 24.01
N CYS B 23 -17.83 -30.88 24.74
CA CYS B 23 -16.51 -30.50 24.25
C CYS B 23 -15.60 -30.18 25.44
N THR B 24 -14.40 -30.74 25.42
CA THR B 24 -13.40 -30.52 26.46
C THR B 24 -12.11 -30.02 25.82
N TYR B 25 -11.54 -28.96 26.39
CA TYR B 25 -10.35 -28.32 25.85
C TYR B 25 -9.17 -28.52 26.80
N ASP B 26 -8.00 -28.83 26.24
CA ASP B 26 -6.76 -28.96 27.00
C ASP B 26 -5.86 -27.78 26.62
N THR B 27 -5.93 -26.71 27.40
CA THR B 27 -5.23 -25.46 27.08
C THR B 27 -4.23 -25.11 28.17
N VAL B 28 -3.25 -24.29 27.79
CA VAL B 28 -2.23 -23.81 28.71
C VAL B 28 -2.57 -22.39 29.14
N TYR B 29 -3.32 -21.68 28.31
CA TYR B 29 -3.63 -20.29 28.58
C TYR B 29 -4.62 -20.17 29.75
N SER B 30 -4.59 -18.99 30.39
CA SER B 30 -5.48 -18.76 31.53
C SER B 30 -6.88 -18.34 31.08
N ASN B 31 -6.97 -17.58 30.00
CA ASN B 31 -8.25 -17.09 29.47
C ASN B 31 -8.31 -17.44 27.98
N PRO B 32 -8.54 -18.71 27.65
CA PRO B 32 -8.56 -19.10 26.24
C PRO B 32 -9.79 -18.61 25.51
N ASP B 33 -9.69 -18.58 24.17
CA ASP B 33 -10.78 -18.23 23.29
C ASP B 33 -11.30 -19.49 22.62
N LEU B 34 -12.58 -19.80 22.85
CA LEU B 34 -13.18 -21.02 22.34
C LEU B 34 -14.32 -20.68 21.39
N PHE B 35 -14.55 -21.55 20.41
CA PHE B 35 -15.50 -21.30 19.34
C PHE B 35 -16.30 -22.56 19.06
N TRP B 36 -17.53 -22.37 18.60
CA TRP B 36 -18.36 -23.44 18.09
C TRP B 36 -18.74 -23.10 16.65
N TYR B 37 -18.49 -24.04 15.74
CA TYR B 37 -18.73 -23.86 14.32
C TYR B 37 -19.55 -25.06 13.81
N ARG B 38 -20.20 -24.87 12.67
CA ARG B 38 -21.03 -25.92 12.10
C ARG B 38 -20.80 -26.01 10.60
N ILE B 39 -20.91 -27.22 10.07
CA ILE B 39 -20.87 -27.48 8.63
C ILE B 39 -22.20 -28.11 8.25
N ARG B 40 -22.91 -27.46 7.34
CA ARG B 40 -24.19 -27.94 6.83
C ARG B 40 -23.96 -28.94 5.70
N PRO B 41 -25.00 -29.68 5.30
CA PRO B 41 -24.86 -30.56 4.13
C PRO B 41 -24.46 -29.81 2.86
N ASP B 42 -24.86 -28.55 2.72
CA ASP B 42 -24.40 -27.74 1.59
C ASP B 42 -22.96 -27.23 1.76
N TYR B 43 -22.25 -27.73 2.77
CA TYR B 43 -20.84 -27.45 3.03
C TYR B 43 -20.59 -25.99 3.38
N SER B 44 -21.61 -25.26 3.81
CA SER B 44 -21.40 -23.90 4.27
C SER B 44 -20.70 -23.91 5.63
N PHE B 45 -19.64 -23.13 5.75
CA PHE B 45 -18.84 -23.05 6.96
C PHE B 45 -19.10 -21.70 7.63
N GLN B 46 -19.86 -21.71 8.72
CA GLN B 46 -20.29 -20.49 9.37
C GLN B 46 -19.95 -20.53 10.86
N PHE B 47 -19.62 -19.36 11.40
CA PHE B 47 -19.35 -19.20 12.82
C PHE B 47 -20.65 -19.22 13.61
N VAL B 48 -20.71 -20.08 14.63
CA VAL B 48 -21.93 -20.24 15.42
C VAL B 48 -21.81 -19.46 16.72
N PHE B 49 -20.80 -19.76 17.53
CA PHE B 49 -20.71 -19.12 18.84
C PHE B 49 -19.25 -18.93 19.23
N TYR B 50 -19.02 -17.97 20.14
CA TYR B 50 -17.70 -17.69 20.68
C TYR B 50 -17.83 -17.44 22.17
N GLY B 51 -16.85 -17.94 22.93
CA GLY B 51 -16.86 -17.76 24.37
C GLY B 51 -15.46 -17.68 24.95
N ASP B 52 -15.34 -16.89 26.01
CA ASP B 52 -14.16 -16.90 26.87
C ASP B 52 -14.63 -17.10 28.31
N ASN B 53 -13.72 -16.92 29.28
CA ASN B 53 -14.11 -17.07 30.67
C ASN B 53 -15.15 -16.03 31.07
N SER B 54 -15.04 -14.82 30.53
CA SER B 54 -15.87 -13.70 30.94
C SER B 54 -17.13 -13.51 30.08
N ARG B 55 -17.01 -13.66 28.77
CA ARG B 55 -18.02 -13.22 27.82
C ARG B 55 -18.59 -14.40 27.04
N SER B 56 -19.59 -14.10 26.20
CA SER B 56 -20.25 -15.11 25.39
C SER B 56 -21.04 -14.39 24.30
N GLU B 57 -20.68 -14.60 23.04
CA GLU B 57 -21.37 -13.93 21.93
C GLU B 57 -21.63 -14.91 20.81
N GLY B 58 -22.83 -14.83 20.22
CA GLY B 58 -23.25 -15.74 19.18
C GLY B 58 -23.48 -15.06 17.83
N ALA B 59 -23.77 -15.89 16.83
CA ALA B 59 -24.03 -15.43 15.48
C ALA B 59 -25.42 -14.81 15.39
N ASP B 60 -25.68 -14.14 14.26
CA ASP B 60 -26.97 -13.49 14.07
C ASP B 60 -28.07 -14.49 13.76
N PHE B 61 -27.74 -15.60 13.09
CA PHE B 61 -28.75 -16.58 12.69
C PHE B 61 -29.24 -17.43 13.86
N THR B 62 -28.54 -17.44 14.99
CA THR B 62 -28.97 -18.26 16.11
C THR B 62 -30.30 -17.80 16.67
N GLN B 63 -30.47 -16.48 16.83
CA GLN B 63 -31.73 -15.87 17.26
C GLN B 63 -32.20 -16.43 18.60
N GLY B 64 -31.32 -16.35 19.60
CA GLY B 64 -31.65 -16.77 20.95
C GLY B 64 -31.88 -18.25 21.15
N ARG B 65 -31.85 -19.05 20.09
CA ARG B 65 -32.06 -20.49 20.19
C ARG B 65 -30.81 -21.24 20.63
N PHE B 66 -29.66 -20.59 20.64
CA PHE B 66 -28.37 -21.21 20.93
C PHE B 66 -27.81 -20.65 22.23
N SER B 67 -27.25 -21.52 23.06
CA SER B 67 -26.60 -21.08 24.28
C SER B 67 -25.38 -21.97 24.52
N VAL B 68 -24.49 -21.52 25.39
CA VAL B 68 -23.28 -22.25 25.74
C VAL B 68 -23.14 -22.29 27.25
N LYS B 69 -22.83 -23.48 27.78
CA LYS B 69 -22.47 -23.66 29.18
C LYS B 69 -20.96 -23.76 29.25
N HIS B 70 -20.32 -22.71 29.76
CA HIS B 70 -18.87 -22.65 29.91
C HIS B 70 -18.55 -22.74 31.40
N ILE B 71 -18.12 -23.90 31.85
CA ILE B 71 -17.72 -24.11 33.25
C ILE B 71 -16.22 -24.32 33.29
N LEU B 72 -15.54 -23.45 34.04
CA LEU B 72 -14.08 -23.44 34.07
C LEU B 72 -13.53 -24.61 34.85
N THR B 73 -14.16 -24.98 35.96
CA THR B 73 -13.61 -26.02 36.83
C THR B 73 -13.53 -27.36 36.11
N GLN B 74 -14.56 -27.71 35.34
CA GLN B 74 -14.58 -28.97 34.60
C GLN B 74 -13.99 -28.84 33.21
N LYS B 75 -13.47 -27.66 32.84
CA LYS B 75 -12.91 -27.41 31.50
C LYS B 75 -13.94 -27.72 30.41
N ALA B 76 -15.19 -27.34 30.63
CA ALA B 76 -16.28 -27.76 29.76
C ALA B 76 -16.88 -26.56 29.02
N PHE B 77 -17.08 -26.74 27.72
CA PHE B 77 -17.67 -25.75 26.83
C PHE B 77 -18.75 -26.48 26.01
N HIS B 78 -19.97 -26.53 26.55
CA HIS B 78 -21.03 -27.32 25.97
C HIS B 78 -22.02 -26.45 25.21
N LEU B 79 -22.53 -26.96 24.09
CA LEU B 79 -23.55 -26.27 23.31
C LEU B 79 -24.93 -26.77 23.71
N VAL B 80 -25.85 -25.84 23.93
CA VAL B 80 -27.23 -26.16 24.31
C VAL B 80 -28.15 -25.55 23.27
N ILE B 81 -29.00 -26.38 22.68
CA ILE B 81 -30.06 -25.93 21.77
C ILE B 81 -31.38 -26.22 22.46
N SER B 82 -32.04 -25.18 22.96
CA SER B 82 -33.29 -25.35 23.69
C SER B 82 -34.43 -25.61 22.70
N PRO B 83 -34.72 -24.69 21.73
CA PRO B 83 -35.59 -25.09 20.62
C PRO B 83 -34.75 -25.63 19.47
N VAL B 84 -35.00 -26.87 19.05
CA VAL B 84 -34.28 -27.45 17.92
C VAL B 84 -35.21 -27.48 16.72
N ARG B 85 -34.65 -27.17 15.55
CA ARG B 85 -35.39 -27.11 14.31
C ARG B 85 -34.69 -27.95 13.25
N THR B 86 -35.45 -28.34 12.22
CA THR B 86 -34.88 -29.15 11.15
C THR B 86 -33.82 -28.41 10.36
N GLU B 87 -33.76 -27.07 10.48
CA GLU B 87 -32.74 -26.27 9.82
C GLU B 87 -31.40 -26.30 10.54
N ASP B 88 -31.23 -27.21 11.50
CA ASP B 88 -30.01 -27.30 12.29
C ASP B 88 -29.26 -28.62 12.11
N SER B 89 -29.81 -29.57 11.37
CA SER B 89 -29.13 -30.84 11.15
C SER B 89 -27.83 -30.62 10.41
N ALA B 90 -26.72 -30.95 11.06
CA ALA B 90 -25.39 -30.60 10.52
C ALA B 90 -24.33 -31.28 11.38
N THR B 91 -23.07 -31.05 11.02
CA THR B 91 -21.93 -31.56 11.78
C THR B 91 -21.29 -30.39 12.53
N TYR B 92 -21.24 -30.50 13.85
CA TYR B 92 -20.77 -29.42 14.70
C TYR B 92 -19.37 -29.72 15.22
N TYR B 93 -18.52 -28.69 15.22
CA TYR B 93 -17.15 -28.78 15.67
C TYR B 93 -16.91 -27.69 16.72
N CYS B 94 -16.05 -27.99 17.68
CA CYS B 94 -15.62 -27.00 18.67
C CYS B 94 -14.12 -26.79 18.54
N ALA B 95 -13.70 -25.54 18.67
CA ALA B 95 -12.35 -25.13 18.34
C ALA B 95 -11.79 -24.21 19.42
N THR B 96 -10.47 -24.17 19.48
CA THR B 96 -9.75 -23.24 20.35
C THR B 96 -8.80 -22.40 19.51
N ARG B 97 -8.58 -21.16 19.94
CA ARG B 97 -7.74 -20.21 19.22
C ARG B 97 -6.37 -20.13 19.89
N LEU B 98 -5.32 -20.36 19.11
CA LEU B 98 -3.95 -20.25 19.57
C LEU B 98 -3.28 -19.04 18.92
N TRP B 99 -2.72 -18.17 19.76
CA TRP B 99 -2.01 -16.97 19.34
C TRP B 99 -0.52 -17.29 19.20
N LEU B 100 0.08 -16.90 18.08
CA LEU B 100 1.51 -17.06 17.91
C LEU B 100 2.15 -15.77 17.41
N GLY B 101 1.38 -14.98 16.66
CA GLY B 101 1.86 -13.70 16.15
C GLY B 101 0.78 -12.64 16.18
N ASP B 102 0.58 -12.00 15.03
CA ASP B 102 -0.49 -11.04 14.89
C ASP B 102 -1.83 -11.74 15.07
N PRO B 103 -2.84 -11.05 15.63
CA PRO B 103 -4.15 -11.70 15.81
C PRO B 103 -4.72 -12.27 14.53
N HIS B 104 -4.43 -11.65 13.39
CA HIS B 104 -4.86 -12.20 12.11
C HIS B 104 -4.11 -13.46 11.73
N THR B 105 -3.04 -13.82 12.45
CA THR B 105 -2.22 -14.99 12.13
C THR B 105 -2.49 -16.18 13.05
N ASP B 106 -3.53 -16.12 13.88
CA ASP B 106 -3.75 -17.17 14.86
C ASP B 106 -4.25 -18.45 14.19
N LYS B 107 -4.46 -19.49 14.98
CA LYS B 107 -4.89 -20.78 14.44
C LYS B 107 -6.05 -21.33 15.27
N LEU B 108 -6.94 -22.05 14.61
CA LEU B 108 -8.05 -22.74 15.26
C LEU B 108 -7.81 -24.24 15.24
N ILE B 109 -8.03 -24.88 16.38
CA ILE B 109 -7.92 -26.34 16.50
C ILE B 109 -9.30 -26.89 16.80
N PHE B 110 -9.73 -27.87 15.99
CA PHE B 110 -11.07 -28.41 16.00
C PHE B 110 -11.09 -29.82 16.58
N GLY B 111 -12.27 -30.21 17.10
CA GLY B 111 -12.51 -31.58 17.46
C GLY B 111 -12.99 -32.40 16.26
N LYS B 112 -13.07 -33.72 16.47
CA LYS B 112 -13.45 -34.63 15.40
C LYS B 112 -14.87 -34.41 14.91
N GLY B 113 -15.73 -33.80 15.71
CA GLY B 113 -17.04 -33.38 15.25
C GLY B 113 -18.14 -34.33 15.68
N THR B 114 -19.33 -33.76 15.90
CA THR B 114 -20.52 -34.52 16.24
C THR B 114 -21.60 -34.22 15.22
N ARG B 115 -22.20 -35.27 14.65
CA ARG B 115 -23.21 -35.13 13.61
C ARG B 115 -24.59 -35.25 14.23
N VAL B 116 -25.41 -34.20 14.08
CA VAL B 116 -26.74 -34.16 14.67
C VAL B 116 -27.77 -34.11 13.55
N THR B 117 -28.75 -35.00 13.60
CA THR B 117 -29.82 -35.08 12.62
C THR B 117 -31.15 -34.77 13.31
N VAL B 118 -31.84 -33.73 12.85
CA VAL B 118 -33.09 -33.27 13.45
C VAL B 118 -34.24 -33.82 12.60
N GLU B 119 -34.80 -34.96 13.03
CA GLU B 119 -35.95 -35.52 12.37
C GLU B 119 -37.18 -34.63 12.61
N PRO B 120 -38.11 -34.59 11.67
CA PRO B 120 -39.31 -33.75 11.83
C PRO B 120 -40.42 -34.50 12.55
N ASN B 121 -41.41 -33.73 12.99
CA ASN B 121 -42.58 -34.25 13.70
C ASN B 121 -43.74 -34.37 12.72
N ILE B 122 -44.08 -35.61 12.35
CA ILE B 122 -45.18 -35.86 11.43
C ILE B 122 -46.45 -36.04 12.27
N GLN B 123 -47.32 -35.04 12.23
CA GLN B 123 -48.51 -35.06 13.08
C GLN B 123 -49.52 -36.11 12.60
N ASN B 124 -49.72 -36.22 11.29
CA ASN B 124 -50.75 -37.08 10.72
C ASN B 124 -50.08 -37.99 9.69
N PRO B 125 -49.41 -39.05 10.14
CA PRO B 125 -48.76 -39.97 9.19
C PRO B 125 -49.76 -40.60 8.25
N ASP B 126 -49.36 -40.72 6.99
CA ASP B 126 -50.14 -41.39 5.95
C ASP B 126 -49.21 -42.30 5.15
N PRO B 127 -48.70 -43.37 5.79
CA PRO B 127 -47.67 -44.19 5.14
C PRO B 127 -48.18 -44.79 3.85
N ALA B 128 -47.55 -44.43 2.73
CA ALA B 128 -48.03 -44.85 1.43
C ALA B 128 -46.88 -45.26 0.53
N VAL B 129 -47.11 -46.30 -0.27
CA VAL B 129 -46.16 -46.78 -1.26
C VAL B 129 -46.80 -46.65 -2.63
N TYR B 130 -46.14 -45.90 -3.52
CA TYR B 130 -46.66 -45.61 -4.85
C TYR B 130 -45.70 -46.12 -5.91
N GLN B 131 -46.26 -46.42 -7.09
CA GLN B 131 -45.52 -46.83 -8.27
C GLN B 131 -45.51 -45.66 -9.24
N LEU B 132 -44.34 -45.06 -9.46
CA LEU B 132 -44.27 -43.88 -10.30
C LEU B 132 -44.37 -44.26 -11.77
N ARG B 133 -44.99 -43.39 -12.56
CA ARG B 133 -45.17 -43.64 -13.98
C ARG B 133 -43.82 -43.63 -14.70
N ASP B 134 -43.63 -44.61 -15.58
CA ASP B 134 -42.36 -44.71 -16.30
C ASP B 134 -42.39 -43.71 -17.46
N SER B 135 -41.88 -42.51 -17.21
CA SER B 135 -41.71 -41.52 -18.26
C SER B 135 -40.50 -41.87 -19.10
N LYS B 136 -40.60 -41.65 -20.41
CA LYS B 136 -39.54 -41.94 -21.37
C LYS B 136 -39.13 -43.41 -21.38
N SER B 137 -39.87 -44.27 -20.69
CA SER B 137 -39.59 -45.71 -20.63
C SER B 137 -38.24 -45.98 -19.98
N ASP B 139 -34.85 -47.37 -17.81
CA ASP B 139 -34.88 -48.81 -17.94
C ASP B 139 -35.33 -49.45 -16.62
N LYS B 140 -35.78 -48.61 -15.69
CA LYS B 140 -36.12 -49.03 -14.34
C LYS B 140 -37.56 -48.62 -14.02
N SER B 141 -38.07 -49.19 -12.92
CA SER B 141 -39.36 -48.83 -12.35
C SER B 141 -39.13 -48.33 -10.93
N VAL B 142 -39.85 -47.29 -10.54
CA VAL B 142 -39.58 -46.56 -9.31
C VAL B 142 -40.75 -46.76 -8.35
N CYS B 143 -40.43 -47.17 -7.11
CA CYS B 143 -41.39 -47.25 -6.03
C CYS B 143 -41.00 -46.24 -4.95
N LEU B 144 -41.97 -45.49 -4.46
CA LEU B 144 -41.74 -44.44 -3.48
C LEU B 144 -42.53 -44.72 -2.21
N PHE B 145 -41.86 -44.67 -1.07
CA PHE B 145 -42.50 -44.81 0.23
C PHE B 145 -42.43 -43.45 0.94
N THR B 146 -43.59 -42.95 1.37
CA THR B 146 -43.64 -41.58 1.86
C THR B 146 -44.70 -41.41 2.93
N ASP B 147 -44.60 -40.29 3.64
CA ASP B 147 -45.54 -39.86 4.67
C ASP B 147 -45.59 -40.85 5.84
N PHE B 148 -44.43 -41.06 6.45
CA PHE B 148 -44.32 -41.88 7.64
C PHE B 148 -43.65 -41.08 8.75
N ASP B 149 -43.89 -41.50 9.99
CA ASP B 149 -43.33 -40.81 11.13
C ASP B 149 -41.82 -40.99 11.19
N SER B 150 -41.17 -40.09 11.94
CA SER B 150 -39.71 -40.12 12.06
C SER B 150 -39.20 -41.35 12.79
N GLN B 151 -40.07 -42.01 13.59
CA GLN B 151 -39.62 -43.15 14.37
C GLN B 151 -39.28 -44.34 13.49
N THR B 152 -39.98 -44.51 12.37
CA THR B 152 -39.70 -45.61 11.47
C THR B 152 -38.32 -45.43 10.83
N ASN B 153 -37.52 -46.48 10.84
CA ASN B 153 -36.16 -46.46 10.34
C ASN B 153 -36.04 -47.31 9.08
N VAL B 154 -35.28 -46.83 8.12
CA VAL B 154 -35.12 -47.52 6.84
C VAL B 154 -33.88 -48.39 6.88
N SER B 155 -33.97 -49.57 6.28
CA SER B 155 -32.86 -50.50 6.20
C SER B 155 -32.64 -50.89 4.74
N GLN B 156 -31.45 -51.42 4.45
CA GLN B 156 -31.09 -51.77 3.10
C GLN B 156 -31.86 -53.02 2.64
N SER B 157 -31.76 -53.32 1.36
CA SER B 157 -32.52 -54.40 0.77
C SER B 157 -31.82 -55.74 0.97
N LYS B 158 -32.58 -56.82 0.75
CA LYS B 158 -32.03 -58.17 0.87
C LYS B 158 -31.25 -58.54 -0.38
N ASP B 159 -31.88 -58.43 -1.55
CA ASP B 159 -31.22 -58.78 -2.81
C ASP B 159 -30.35 -57.62 -3.28
N SER B 160 -29.14 -57.95 -3.75
CA SER B 160 -28.23 -56.91 -4.24
C SER B 160 -28.63 -56.35 -5.59
N ASP B 161 -29.58 -56.99 -6.29
CA ASP B 161 -30.06 -56.48 -7.57
C ASP B 161 -31.11 -55.39 -7.41
N VAL B 162 -31.54 -55.09 -6.20
CA VAL B 162 -32.55 -54.07 -5.92
C VAL B 162 -31.89 -52.98 -5.09
N TYR B 163 -32.03 -51.74 -5.52
CA TYR B 163 -31.40 -50.60 -4.85
C TYR B 163 -32.44 -49.78 -4.11
N ILE B 164 -32.17 -49.52 -2.84
CA ILE B 164 -33.07 -48.78 -1.95
C ILE B 164 -32.25 -47.70 -1.26
N THR B 165 -32.76 -46.46 -1.28
CA THR B 165 -32.09 -45.34 -0.63
C THR B 165 -32.55 -45.24 0.83
N ASP B 166 -32.02 -44.23 1.52
CA ASP B 166 -32.33 -43.99 2.92
C ASP B 166 -33.35 -42.87 3.05
N LYS B 167 -33.60 -42.43 4.27
CA LYS B 167 -34.63 -41.43 4.53
C LYS B 167 -34.24 -40.08 3.94
N CYS B 168 -35.26 -39.25 3.70
CA CYS B 168 -35.08 -37.94 3.11
C CYS B 168 -36.20 -37.04 3.62
N VAL B 169 -35.86 -35.82 4.03
CA VAL B 169 -36.81 -34.90 4.64
C VAL B 169 -36.96 -33.70 3.70
N LEU B 170 -38.19 -33.45 3.24
CA LEU B 170 -38.48 -32.35 2.34
C LEU B 170 -39.51 -31.44 2.96
N ASP B 171 -39.26 -30.13 2.89
CA ASP B 171 -40.11 -29.11 3.50
C ASP B 171 -40.75 -28.27 2.40
N MET B 172 -42.06 -28.44 2.21
CA MET B 172 -42.84 -27.53 1.40
C MET B 172 -43.00 -26.22 2.17
N ARG B 173 -42.27 -25.20 1.72
CA ARG B 173 -42.21 -23.93 2.45
C ARG B 173 -43.52 -23.17 2.35
N SER B 174 -44.16 -23.18 1.18
CA SER B 174 -45.42 -22.48 1.01
C SER B 174 -46.50 -23.07 1.91
N MET B 175 -46.58 -24.40 1.98
CA MET B 175 -47.55 -25.08 2.83
C MET B 175 -47.01 -25.38 4.22
N ASP B 176 -45.73 -25.10 4.48
CA ASP B 176 -45.11 -25.35 5.79
C ASP B 176 -45.30 -26.81 6.22
N PHE B 177 -45.10 -27.73 5.27
CA PHE B 177 -45.39 -29.14 5.50
C PHE B 177 -44.15 -29.96 5.19
N LYS B 178 -43.70 -30.73 6.17
CA LYS B 178 -42.50 -31.56 6.03
C LYS B 178 -42.88 -33.03 5.92
N SER B 179 -42.20 -33.74 5.02
CA SER B 179 -42.51 -35.13 4.75
C SER B 179 -41.22 -35.93 4.58
N ASN B 180 -41.32 -37.22 4.84
CA ASN B 180 -40.24 -38.17 4.67
C ASN B 180 -40.45 -38.99 3.40
N SER B 181 -39.37 -39.55 2.88
CA SER B 181 -39.46 -40.27 1.62
C SER B 181 -38.31 -41.27 1.50
N ALA B 182 -38.54 -42.32 0.71
CA ALA B 182 -37.54 -43.31 0.38
C ALA B 182 -37.86 -43.89 -0.99
N VAL B 183 -36.82 -44.12 -1.79
CA VAL B 183 -36.99 -44.57 -3.17
C VAL B 183 -36.42 -45.97 -3.32
N ALA B 184 -36.98 -46.73 -4.25
CA ALA B 184 -36.49 -48.08 -4.52
C ALA B 184 -36.67 -48.38 -6.00
N TRP B 185 -35.72 -49.13 -6.57
CA TRP B 185 -35.80 -49.54 -7.96
C TRP B 185 -35.03 -50.84 -8.16
N SER B 186 -35.26 -51.45 -9.31
CA SER B 186 -34.63 -52.71 -9.68
C SER B 186 -34.84 -52.93 -11.16
N ASN B 187 -34.25 -54.01 -11.69
CA ASN B 187 -34.36 -54.34 -13.10
C ASN B 187 -35.11 -55.65 -13.38
N LYS B 188 -35.18 -56.56 -12.41
CA LYS B 188 -35.81 -57.86 -12.65
C LYS B 188 -37.30 -57.72 -12.88
N SER B 189 -37.85 -58.63 -13.70
CA SER B 189 -39.26 -58.60 -14.06
C SER B 189 -40.18 -59.01 -12.92
N ASP B 190 -39.65 -59.63 -11.86
CA ASP B 190 -40.44 -60.04 -10.70
C ASP B 190 -40.39 -58.99 -9.58
N PHE B 191 -40.27 -57.72 -9.93
CA PHE B 191 -40.13 -56.64 -8.98
C PHE B 191 -41.41 -55.83 -8.93
N ALA B 192 -41.96 -55.67 -7.72
CA ALA B 192 -43.16 -54.87 -7.52
C ALA B 192 -43.02 -54.09 -6.22
N CYS B 193 -43.78 -52.99 -6.13
CA CYS B 193 -43.72 -52.13 -4.96
C CYS B 193 -44.22 -52.82 -3.70
N ALA B 194 -45.04 -53.86 -3.82
CA ALA B 194 -45.57 -54.54 -2.64
C ALA B 194 -44.45 -55.18 -1.82
N ASN B 195 -43.49 -55.83 -2.48
CA ASN B 195 -42.38 -56.49 -1.81
C ASN B 195 -41.12 -55.65 -1.80
N ALA B 196 -41.21 -54.37 -2.19
CA ALA B 196 -40.01 -53.53 -2.30
C ALA B 196 -39.35 -53.32 -0.94
N PHE B 197 -40.13 -53.00 0.09
CA PHE B 197 -39.61 -52.70 1.42
C PHE B 197 -39.90 -53.81 2.43
N ASN B 198 -39.92 -55.06 1.97
CA ASN B 198 -40.23 -56.18 2.85
C ASN B 198 -39.15 -56.41 3.89
N ASN B 199 -37.93 -55.93 3.66
CA ASN B 199 -36.81 -56.16 4.56
C ASN B 199 -36.70 -55.08 5.65
N SER B 200 -37.62 -54.14 5.70
CA SER B 200 -37.60 -53.06 6.67
C SER B 200 -38.81 -53.18 7.60
N ILE B 201 -38.77 -52.40 8.69
CA ILE B 201 -39.87 -52.39 9.65
C ILE B 201 -40.98 -51.50 9.08
N ILE B 202 -41.95 -52.14 8.42
CA ILE B 202 -43.05 -51.43 7.75
C ILE B 202 -44.14 -51.12 8.77
N PRO B 203 -44.68 -49.90 8.80
CA PRO B 203 -45.82 -49.63 9.67
C PRO B 203 -47.02 -50.48 9.27
N GLU B 204 -47.84 -50.81 10.27
CA GLU B 204 -49.02 -51.63 10.00
C GLU B 204 -50.01 -50.91 9.10
N ASP B 205 -50.15 -49.59 9.27
CA ASP B 205 -51.09 -48.80 8.47
C ASP B 205 -50.40 -48.16 7.28
N THR B 206 -49.91 -49.03 6.38
CA THR B 206 -49.26 -48.60 5.15
C THR B 206 -50.19 -48.79 3.97
N PHE B 207 -50.39 -47.73 3.19
CA PHE B 207 -51.24 -47.79 2.00
C PHE B 207 -50.51 -48.50 0.88
N PHE B 208 -51.17 -49.50 0.28
CA PHE B 208 -50.62 -50.27 -0.83
C PHE B 208 -51.64 -50.25 -1.97
N PRO B 209 -51.73 -49.14 -2.69
CA PRO B 209 -52.73 -49.02 -3.76
C PRO B 209 -52.54 -50.05 -4.85
N SER B 210 -53.66 -50.52 -5.38
CA SER B 210 -53.75 -51.45 -6.50
C SER B 210 -53.76 -50.68 -7.82
N PRO B 211 -53.36 -51.33 -8.93
CA PRO B 211 -53.41 -50.64 -10.23
C PRO B 211 -54.78 -50.07 -10.55
N GLU B 212 -54.85 -48.75 -10.66
CA GLU B 212 -56.10 -48.05 -10.93
C GLU B 212 -56.57 -48.29 -12.37
N MET C 1 -8.84 -13.57 37.18
CA MET C 1 -9.96 -12.80 37.68
C MET C 1 -9.50 -11.46 38.24
N ARG C 2 -8.63 -10.78 37.50
CA ARG C 2 -8.13 -9.46 37.89
C ARG C 2 -8.20 -8.50 36.71
N THR C 3 -8.33 -7.23 37.03
CA THR C 3 -8.46 -6.17 36.02
C THR C 3 -7.11 -5.94 35.34
N HIS C 4 -7.00 -6.32 34.07
CA HIS C 4 -5.85 -6.06 33.25
C HIS C 4 -6.23 -5.05 32.18
N SER C 5 -5.25 -4.31 31.67
CA SER C 5 -5.55 -3.17 30.82
C SER C 5 -4.42 -2.90 29.84
N LEU C 6 -4.73 -2.96 28.54
CA LEU C 6 -3.78 -2.59 27.50
C LEU C 6 -4.05 -1.16 27.07
N ARG C 7 -2.99 -0.37 26.96
CA ARG C 7 -3.12 1.04 26.62
C ARG C 7 -1.96 1.46 25.74
N TYR C 8 -2.21 2.45 24.89
CA TYR C 8 -1.21 3.11 24.08
C TYR C 8 -1.40 4.61 24.22
N PHE C 9 -0.31 5.32 24.51
CA PHE C 9 -0.33 6.76 24.74
C PHE C 9 0.58 7.45 23.73
N ARG C 10 0.10 8.55 23.18
CA ARG C 10 0.86 9.39 22.28
C ARG C 10 0.83 10.82 22.82
N LEU C 11 1.98 11.49 22.77
CA LEU C 11 2.11 12.82 23.32
C LEU C 11 2.98 13.67 22.41
N GLY C 12 2.55 14.92 22.21
CA GLY C 12 3.31 15.87 21.43
C GLY C 12 3.25 17.25 22.06
N VAL C 13 4.30 18.03 21.80
CA VAL C 13 4.43 19.38 22.36
C VAL C 13 5.03 20.28 21.31
N SER C 14 4.53 21.51 21.21
CA SER C 14 5.01 22.48 20.23
C SER C 14 6.12 23.34 20.83
N ASP C 15 7.16 23.56 20.04
CA ASP C 15 8.32 24.34 20.44
C ASP C 15 8.84 23.91 21.82
N PRO C 16 9.26 22.66 21.98
CA PRO C 16 9.67 22.17 23.29
C PRO C 16 11.11 22.55 23.60
N ILE C 17 11.52 22.25 24.83
CA ILE C 17 12.93 22.35 25.18
C ILE C 17 13.71 21.36 24.33
N HIS C 18 14.84 21.82 23.79
CA HIS C 18 15.58 21.01 22.81
C HIS C 18 16.00 19.65 23.35
N GLY C 19 16.14 19.52 24.68
CA GLY C 19 16.34 18.20 25.25
C GLY C 19 15.13 17.31 25.11
N VAL C 20 13.94 17.88 25.29
CA VAL C 20 12.69 17.11 25.20
C VAL C 20 12.37 16.88 23.73
N PRO C 21 12.02 15.65 23.33
CA PRO C 21 11.60 15.41 21.94
C PRO C 21 10.25 16.04 21.63
N GLU C 22 9.76 15.85 20.40
CA GLU C 22 8.49 16.43 19.98
C GLU C 22 7.33 15.44 20.04
N PHE C 23 7.57 14.16 19.82
CA PHE C 23 6.50 13.16 19.83
C PHE C 23 7.02 11.89 20.50
N ILE C 24 6.17 11.29 21.34
CA ILE C 24 6.54 10.06 22.04
C ILE C 24 5.30 9.19 22.18
N SER C 25 5.46 7.88 21.97
CA SER C 25 4.39 6.90 22.11
C SER C 25 4.87 5.73 22.95
N VAL C 26 4.07 5.37 23.96
CA VAL C 26 4.44 4.31 24.90
C VAL C 26 3.22 3.43 25.15
N GLY C 27 3.44 2.10 25.19
CA GLY C 27 2.41 1.15 25.52
C GLY C 27 2.51 0.60 26.93
N TYR C 28 1.38 0.11 27.44
CA TYR C 28 1.27 -0.40 28.80
C TYR C 28 0.38 -1.63 28.81
N VAL C 29 0.85 -2.69 29.49
CA VAL C 29 0.07 -3.90 29.69
C VAL C 29 -0.53 -3.96 31.09
N ASP C 30 0.23 -3.59 32.11
CA ASP C 30 -0.28 -3.52 33.48
C ASP C 30 0.32 -2.30 34.18
N SER C 31 0.32 -1.17 33.47
CA SER C 31 0.85 0.13 33.87
C SER C 31 2.37 0.16 33.89
N HIS C 32 3.05 -0.93 33.51
CA HIS C 32 4.49 -0.86 33.32
C HIS C 32 4.79 -0.80 31.83
N PRO C 33 5.71 0.07 31.42
CA PRO C 33 5.93 0.29 29.98
C PRO C 33 6.33 -0.98 29.25
N ILE C 34 5.84 -1.10 28.02
CA ILE C 34 6.05 -2.28 27.20
C ILE C 34 6.80 -1.91 25.92
N THR C 35 6.56 -0.71 25.40
CA THR C 35 7.15 -0.27 24.15
C THR C 35 7.40 1.23 24.21
N THR C 36 8.26 1.71 23.32
CA THR C 36 8.61 3.13 23.27
C THR C 36 9.03 3.51 21.86
N TYR C 37 8.47 4.62 21.37
CA TYR C 37 8.87 5.21 20.11
C TYR C 37 8.93 6.73 20.28
N ASP C 38 9.96 7.36 19.73
CA ASP C 38 10.13 8.79 19.83
C ASP C 38 10.64 9.34 18.52
N SER C 39 10.49 10.65 18.35
CA SER C 39 10.90 11.31 17.10
C SER C 39 12.41 11.25 16.89
N VAL C 40 13.18 11.18 17.97
CA VAL C 40 14.64 11.17 17.84
C VAL C 40 15.11 9.88 17.18
N THR C 41 14.60 8.74 17.64
CA THR C 41 15.04 7.46 17.08
C THR C 41 14.27 7.09 15.83
N ARG C 42 13.00 7.51 15.72
CA ARG C 42 12.14 7.16 14.60
C ARG C 42 12.10 5.65 14.41
N GLN C 43 12.04 4.93 15.53
CA GLN C 43 12.04 3.47 15.51
C GLN C 43 11.30 2.95 16.74
N LYS C 44 10.35 2.06 16.52
CA LYS C 44 9.61 1.43 17.61
C LYS C 44 10.36 0.18 18.05
N GLU C 45 10.68 0.11 19.34
CA GLU C 45 11.44 -1.00 19.91
C GLU C 45 10.83 -1.39 21.24
N PRO C 46 10.97 -2.64 21.64
CA PRO C 46 10.39 -3.08 22.92
C PRO C 46 11.14 -2.52 24.11
N ARG C 47 10.44 -2.44 25.24
CA ARG C 47 11.04 -2.08 26.51
C ARG C 47 10.80 -3.17 27.56
N ALA C 48 10.64 -4.41 27.09
CA ALA C 48 10.50 -5.58 27.93
C ALA C 48 11.12 -6.74 27.14
N PRO C 49 11.94 -7.58 27.78
CA PRO C 49 12.64 -8.61 27.01
C PRO C 49 11.75 -9.76 26.56
N TRP C 50 10.77 -10.17 27.38
CA TRP C 50 9.93 -11.30 27.02
C TRP C 50 9.06 -10.99 25.80
N MET C 51 8.61 -9.74 25.65
CA MET C 51 7.86 -9.38 24.46
C MET C 51 8.74 -9.44 23.22
N ALA C 52 10.01 -9.04 23.34
CA ALA C 52 10.93 -9.12 22.21
C ALA C 52 11.27 -10.56 21.88
N GLU C 53 11.21 -11.46 22.86
CA GLU C 53 11.55 -12.86 22.61
C GLU C 53 10.51 -13.55 21.75
N ASN C 54 9.24 -13.16 21.86
CA ASN C 54 8.15 -13.88 21.21
C ASN C 54 7.56 -13.13 20.01
N LEU C 55 8.20 -12.04 19.56
CA LEU C 55 7.68 -11.27 18.44
C LEU C 55 8.69 -11.24 17.30
N ALA C 56 8.18 -11.35 16.08
CA ALA C 56 8.98 -11.26 14.87
C ALA C 56 9.34 -9.80 14.55
N PRO C 57 10.50 -9.58 13.92
CA PRO C 57 10.92 -8.20 13.63
C PRO C 57 9.99 -7.44 12.70
N ASP C 58 9.30 -8.14 11.79
CA ASP C 58 8.42 -7.45 10.84
C ASP C 58 7.32 -6.68 11.55
N HIS C 59 6.88 -7.16 12.71
CA HIS C 59 5.92 -6.40 13.52
C HIS C 59 6.49 -5.04 13.87
N TRP C 60 7.74 -5.01 14.35
CA TRP C 60 8.38 -3.75 14.68
C TRP C 60 8.53 -2.87 13.45
N GLU C 61 8.86 -3.46 12.31
CA GLU C 61 8.99 -2.67 11.08
C GLU C 61 7.66 -2.01 10.69
N ARG C 62 6.58 -2.81 10.65
CA ARG C 62 5.28 -2.28 10.27
C ARG C 62 4.85 -1.17 11.21
N TYR C 63 4.92 -1.42 12.52
CA TYR C 63 4.46 -0.40 13.46
C TYR C 63 5.39 0.80 13.52
N THR C 64 6.67 0.64 13.18
CA THR C 64 7.55 1.81 13.05
C THR C 64 7.07 2.70 11.91
N GLN C 65 6.74 2.10 10.76
CA GLN C 65 6.21 2.90 9.66
C GLN C 65 4.90 3.58 10.05
N LEU C 66 4.00 2.82 10.67
CA LEU C 66 2.70 3.38 11.07
C LEU C 66 2.88 4.52 12.07
N LEU C 67 3.81 4.37 13.02
CA LEU C 67 4.02 5.43 14.00
C LEU C 67 4.75 6.63 13.41
N ARG C 68 5.55 6.44 12.36
CA ARG C 68 6.07 7.59 11.62
C ARG C 68 4.91 8.41 11.04
N GLY C 69 4.00 7.73 10.34
CA GLY C 69 2.85 8.43 9.81
C GLY C 69 2.00 9.08 10.89
N TRP C 70 1.82 8.38 12.01
CA TRP C 70 1.03 8.92 13.11
C TRP C 70 1.72 10.10 13.78
N GLN C 71 3.06 10.10 13.84
CA GLN C 71 3.78 11.26 14.34
C GLN C 71 3.54 12.48 13.47
N GLN C 72 3.61 12.31 12.15
CA GLN C 72 3.32 13.43 11.26
C GLN C 72 1.90 13.93 11.44
N MET C 73 0.94 13.00 11.54
CA MET C 73 -0.45 13.39 11.76
C MET C 73 -0.63 14.10 13.10
N PHE C 74 0.06 13.62 14.14
CA PHE C 74 -0.03 14.25 15.45
C PHE C 74 0.47 15.68 15.41
N LYS C 75 1.60 15.90 14.73
CA LYS C 75 2.15 17.25 14.63
C LYS C 75 1.18 18.19 13.92
N VAL C 76 0.63 17.75 12.78
CA VAL C 76 -0.26 18.64 12.04
C VAL C 76 -1.55 18.89 12.83
N GLU C 77 -2.04 17.87 13.54
CA GLU C 77 -3.23 18.07 14.38
C GLU C 77 -2.99 19.08 15.48
N LEU C 78 -1.84 18.98 16.16
CA LEU C 78 -1.53 19.95 17.21
C LEU C 78 -1.39 21.35 16.64
N LYS C 79 -0.78 21.48 15.47
CA LYS C 79 -0.67 22.79 14.83
C LYS C 79 -2.05 23.36 14.50
N ARG C 80 -2.95 22.52 14.00
CA ARG C 80 -4.31 22.98 13.71
C ARG C 80 -5.03 23.42 14.98
N LEU C 81 -4.86 22.67 16.07
CA LEU C 81 -5.48 23.06 17.33
C LEU C 81 -4.95 24.40 17.82
N GLN C 82 -3.64 24.61 17.72
CA GLN C 82 -3.08 25.91 18.11
C GLN C 82 -3.63 27.03 17.22
N ARG C 83 -3.77 26.77 15.92
CA ARG C 83 -4.34 27.76 15.02
C ARG C 83 -5.77 28.12 15.43
N HIS C 84 -6.58 27.10 15.73
CA HIS C 84 -7.98 27.35 16.07
C HIS C 84 -8.10 28.10 17.40
N TYR C 85 -7.31 27.71 18.40
CA TYR C 85 -7.42 28.34 19.72
C TYR C 85 -6.67 29.67 19.82
N ASN C 86 -5.98 30.09 18.77
CA ASN C 86 -5.18 31.33 18.78
C ASN C 86 -4.16 31.30 19.92
N HIS C 87 -3.56 30.13 20.15
CA HIS C 87 -2.60 29.94 21.22
C HIS C 87 -1.20 29.90 20.64
N SER C 88 -0.32 30.73 21.19
CA SER C 88 1.08 30.78 20.79
C SER C 88 1.97 30.34 21.94
N GLY C 89 3.13 29.80 21.60
CA GLY C 89 4.06 29.32 22.61
C GLY C 89 4.22 27.81 22.60
N SER C 90 4.07 27.19 23.77
CA SER C 90 4.26 25.75 23.92
C SER C 90 3.04 25.17 24.61
N HIS C 91 2.34 24.27 23.92
CA HIS C 91 1.18 23.57 24.45
C HIS C 91 1.32 22.08 24.16
N THR C 92 0.45 21.29 24.80
CA THR C 92 0.55 19.83 24.77
C THR C 92 -0.68 19.23 24.11
N TYR C 93 -0.48 18.08 23.48
CA TYR C 93 -1.55 17.34 22.81
C TYR C 93 -1.33 15.85 23.10
N GLN C 94 -2.34 15.21 23.68
CA GLN C 94 -2.20 13.83 24.13
C GLN C 94 -3.36 12.98 23.60
N ARG C 95 -3.07 11.70 23.39
CA ARG C 95 -4.09 10.73 23.00
C ARG C 95 -3.84 9.43 23.74
N MET C 96 -4.91 8.81 24.23
CA MET C 96 -4.84 7.54 24.93
C MET C 96 -5.88 6.60 24.35
N ILE C 97 -5.45 5.40 23.95
CA ILE C 97 -6.33 4.41 23.38
C ILE C 97 -6.09 3.09 24.10
N GLY C 98 -7.09 2.22 24.11
CA GLY C 98 -6.87 0.89 24.62
C GLY C 98 -8.15 0.25 25.12
N CYS C 99 -7.96 -0.79 25.92
CA CYS C 99 -9.07 -1.59 26.44
C CYS C 99 -8.70 -2.18 27.78
N GLU C 100 -9.72 -2.63 28.51
CA GLU C 100 -9.57 -3.23 29.83
C GLU C 100 -10.46 -4.45 29.94
N LEU C 101 -9.93 -5.50 30.55
CA LEU C 101 -10.72 -6.63 31.02
C LEU C 101 -10.80 -6.53 32.54
N LEU C 102 -12.02 -6.48 33.07
CA LEU C 102 -12.20 -6.22 34.49
C LEU C 102 -12.35 -7.52 35.27
N GLU C 103 -12.15 -7.43 36.58
CA GLU C 103 -12.25 -8.60 37.44
C GLU C 103 -13.70 -9.01 37.67
N ASP C 104 -14.66 -8.11 37.48
CA ASP C 104 -16.06 -8.45 37.65
C ASP C 104 -16.65 -9.17 36.44
N GLY C 105 -15.97 -9.11 35.29
CA GLY C 105 -16.43 -9.77 34.07
C GLY C 105 -16.60 -8.82 32.91
N SER C 106 -16.89 -7.55 33.18
CA SER C 106 -17.13 -6.59 32.11
C SER C 106 -15.83 -6.23 31.39
N THR C 107 -15.98 -5.82 30.13
CA THR C 107 -14.86 -5.37 29.31
C THR C 107 -15.15 -3.95 28.81
N THR C 108 -14.10 -3.14 28.74
CA THR C 108 -14.24 -1.74 28.35
C THR C 108 -13.23 -1.40 27.26
N GLY C 109 -13.59 -0.42 26.43
CA GLY C 109 -12.68 0.11 25.44
C GLY C 109 -12.79 1.61 25.39
N PHE C 110 -11.66 2.27 25.11
CA PHE C 110 -11.62 3.72 25.21
C PHE C 110 -10.64 4.31 24.22
N LEU C 111 -10.92 5.54 23.80
CA LEU C 111 -10.04 6.31 22.93
C LEU C 111 -10.35 7.78 23.17
N GLN C 112 -9.41 8.51 23.78
CA GLN C 112 -9.63 9.90 24.16
C GLN C 112 -8.46 10.76 23.69
N TYR C 113 -8.78 12.02 23.41
CA TYR C 113 -7.83 13.03 23.00
C TYR C 113 -7.98 14.22 23.94
N ALA C 114 -6.84 14.78 24.37
CA ALA C 114 -6.82 15.87 25.33
C ALA C 114 -5.85 16.94 24.87
N TYR C 115 -6.22 18.21 25.13
CA TYR C 115 -5.37 19.36 24.83
C TYR C 115 -5.03 20.06 26.13
N ASP C 116 -3.72 20.23 26.38
CA ASP C 116 -3.23 20.87 27.60
C ASP C 116 -3.75 20.17 28.85
N GLY C 117 -3.85 18.85 28.79
CA GLY C 117 -4.27 18.05 29.91
C GLY C 117 -5.76 18.02 30.18
N GLN C 118 -6.55 18.80 29.45
CA GLN C 118 -7.99 18.83 29.63
C GLN C 118 -8.67 17.98 28.56
N ASP C 119 -9.74 17.30 28.95
CA ASP C 119 -10.46 16.43 28.02
C ASP C 119 -10.95 17.23 26.82
N PHE C 120 -10.72 16.69 25.63
CA PHE C 120 -11.11 17.33 24.38
C PHE C 120 -12.13 16.51 23.59
N LEU C 121 -11.87 15.22 23.40
CA LEU C 121 -12.76 14.37 22.61
C LEU C 121 -12.69 12.96 23.16
N ILE C 122 -13.85 12.35 23.41
CA ILE C 122 -13.89 10.97 23.89
C ILE C 122 -14.73 10.13 22.93
N PHE C 123 -14.26 8.92 22.64
CA PHE C 123 -14.96 8.03 21.73
C PHE C 123 -16.03 7.23 22.47
N ASN C 124 -17.08 6.90 21.74
CA ASN C 124 -18.17 6.05 22.26
C ASN C 124 -18.32 4.91 21.27
N LYS C 125 -17.83 3.72 21.66
CA LYS C 125 -17.82 2.58 20.75
C LYS C 125 -19.22 2.00 20.57
N ASP C 126 -20.07 2.07 21.60
CA ASP C 126 -21.42 1.56 21.46
C ASP C 126 -22.26 2.49 20.60
N THR C 127 -22.13 3.80 20.81
CA THR C 127 -22.79 4.77 19.95
C THR C 127 -22.00 5.06 18.68
N LEU C 128 -20.76 4.57 18.59
CA LEU C 128 -19.88 4.82 17.44
C LEU C 128 -19.74 6.31 17.17
N SER C 129 -19.75 7.11 18.23
CA SER C 129 -19.80 8.56 18.11
C SER C 129 -18.63 9.19 18.87
N TRP C 130 -18.59 10.52 18.86
CA TRP C 130 -17.57 11.28 19.57
C TRP C 130 -18.26 12.32 20.45
N LEU C 131 -17.94 12.31 21.74
CA LEU C 131 -18.40 13.34 22.66
C LEU C 131 -17.33 14.42 22.72
N ALA C 132 -17.72 15.64 22.34
CA ALA C 132 -16.83 16.79 22.30
C ALA C 132 -17.17 17.76 23.42
N VAL C 133 -16.14 18.44 23.93
CA VAL C 133 -16.33 19.38 25.04
C VAL C 133 -16.39 20.83 24.58
N ASP C 134 -16.19 21.10 23.29
CA ASP C 134 -16.14 22.48 22.81
C ASP C 134 -16.57 22.52 21.36
N ASN C 135 -16.95 23.72 20.92
CA ASN C 135 -17.28 23.94 19.51
C ASN C 135 -16.06 23.72 18.62
N VAL C 136 -14.87 24.14 19.08
CA VAL C 136 -13.64 23.80 18.38
C VAL C 136 -13.49 22.29 18.27
N ALA C 137 -13.82 21.56 19.33
CA ALA C 137 -13.85 20.12 19.26
C ALA C 137 -15.04 19.61 18.43
N HIS C 138 -16.11 20.40 18.36
CA HIS C 138 -17.25 20.02 17.52
C HIS C 138 -16.87 20.00 16.04
N THR C 139 -16.02 20.94 15.62
CA THR C 139 -15.55 20.94 14.24
C THR C 139 -14.82 19.65 13.90
N ILE C 140 -13.91 19.23 14.77
CA ILE C 140 -13.17 17.99 14.54
C ILE C 140 -14.10 16.78 14.62
N LYS C 141 -15.09 16.84 15.51
CA LYS C 141 -16.07 15.77 15.59
C LYS C 141 -16.84 15.61 14.29
N GLN C 142 -17.29 16.73 13.72
CA GLN C 142 -18.00 16.68 12.44
C GLN C 142 -17.10 16.16 11.34
N ALA C 143 -15.84 16.61 11.31
CA ALA C 143 -14.91 16.15 10.28
C ALA C 143 -14.65 14.65 10.39
N TRP C 144 -14.42 14.15 11.60
CA TRP C 144 -14.07 12.74 11.78
C TRP C 144 -15.27 11.83 11.59
N GLU C 145 -16.44 12.22 12.09
CA GLU C 145 -17.61 11.36 12.04
C GLU C 145 -18.07 11.07 10.61
N ALA C 146 -17.62 11.87 9.64
CA ALA C 146 -17.99 11.62 8.26
C ALA C 146 -17.43 10.29 7.77
N ASN C 147 -16.24 9.94 8.23
CA ASN C 147 -15.56 8.70 7.80
C ASN C 147 -16.10 7.56 8.65
N GLN C 148 -17.17 6.93 8.17
CA GLN C 148 -17.77 5.81 8.89
C GLN C 148 -16.84 4.61 8.96
N HIS C 149 -16.11 4.34 7.87
CA HIS C 149 -15.25 3.16 7.83
C HIS C 149 -14.16 3.23 8.88
N GLU C 150 -13.55 4.40 9.07
CA GLU C 150 -12.50 4.53 10.07
C GLU C 150 -13.07 4.34 11.48
N LEU C 151 -14.28 4.85 11.74
CA LEU C 151 -14.89 4.68 13.06
C LEU C 151 -15.20 3.21 13.33
N LEU C 152 -15.72 2.50 12.32
CA LEU C 152 -15.94 1.07 12.48
C LEU C 152 -14.63 0.33 12.72
N TYR C 153 -13.57 0.75 12.03
CA TYR C 153 -12.26 0.14 12.26
C TYR C 153 -11.79 0.34 13.69
N GLN C 154 -11.93 1.56 14.22
CA GLN C 154 -11.52 1.81 15.61
C GLN C 154 -12.35 0.99 16.58
N LYS C 155 -13.67 0.93 16.39
CA LYS C 155 -14.52 0.17 17.30
C LYS C 155 -14.17 -1.32 17.26
N ASN C 156 -13.98 -1.88 16.07
CA ASN C 156 -13.65 -3.29 15.95
C ASN C 156 -12.27 -3.59 16.49
N TRP C 157 -11.34 -2.63 16.38
CA TRP C 157 -10.02 -2.82 17.00
C TRP C 157 -10.13 -2.83 18.51
N LEU C 158 -10.91 -1.92 19.08
CA LEU C 158 -11.06 -1.85 20.53
C LEU C 158 -11.85 -3.03 21.09
N GLU C 159 -12.70 -3.67 20.28
CA GLU C 159 -13.54 -4.76 20.77
C GLU C 159 -13.06 -6.14 20.35
N GLU C 160 -12.11 -6.26 19.42
CA GLU C 160 -11.70 -7.56 18.91
C GLU C 160 -10.19 -7.75 18.81
N GLU C 161 -9.40 -6.69 18.74
CA GLU C 161 -7.95 -6.78 18.58
C GLU C 161 -7.18 -6.43 19.84
N CYS C 162 -7.56 -5.35 20.52
CA CYS C 162 -6.89 -4.97 21.76
C CYS C 162 -7.00 -6.07 22.80
N ILE C 163 -8.20 -6.67 22.94
CA ILE C 163 -8.39 -7.75 23.88
C ILE C 163 -7.51 -8.94 23.52
N ALA C 164 -7.44 -9.28 22.22
CA ALA C 164 -6.59 -10.38 21.79
C ALA C 164 -5.12 -10.07 22.05
N TRP C 165 -4.71 -8.82 21.80
CA TRP C 165 -3.33 -8.43 22.09
C TRP C 165 -3.01 -8.61 23.57
N LEU C 166 -3.94 -8.20 24.45
CA LEU C 166 -3.76 -8.43 25.87
C LEU C 166 -3.68 -9.92 26.18
N LYS C 167 -4.50 -10.72 25.49
CA LYS C 167 -4.52 -12.15 25.75
C LYS C 167 -3.17 -12.80 25.43
N ARG C 168 -2.54 -12.39 24.33
CA ARG C 168 -1.22 -12.95 24.04
C ARG C 168 -0.15 -12.35 24.95
N PHE C 169 -0.28 -11.07 25.30
CA PHE C 169 0.74 -10.42 26.12
C PHE C 169 0.79 -11.00 27.53
N LEU C 170 -0.38 -11.29 28.12
CA LEU C 170 -0.42 -11.84 29.46
C LEU C 170 0.16 -13.26 29.53
N GLU C 171 0.27 -13.94 28.39
CA GLU C 171 0.89 -15.25 28.34
C GLU C 171 2.36 -15.20 27.95
N TYR C 172 2.76 -14.21 27.13
CA TYR C 172 4.17 -14.06 26.80
C TYR C 172 4.98 -13.70 28.04
N GLY C 173 4.44 -12.86 28.90
CA GLY C 173 5.11 -12.47 30.12
C GLY C 173 4.37 -12.93 31.36
N LYS C 174 3.85 -14.16 31.32
CA LYS C 174 3.07 -14.69 32.43
C LYS C 174 3.88 -14.71 33.72
N ASP C 175 5.18 -14.97 33.63
CA ASP C 175 6.02 -14.97 34.83
C ASP C 175 6.08 -13.59 35.46
N THR C 176 6.15 -12.54 34.63
CA THR C 176 6.25 -11.17 35.11
C THR C 176 4.88 -10.50 35.30
N LEU C 177 3.81 -11.08 34.77
CA LEU C 177 2.50 -10.45 34.79
C LEU C 177 1.47 -11.18 35.65
N GLN C 178 1.39 -12.50 35.54
CA GLN C 178 0.44 -13.29 36.31
C GLN C 178 1.01 -13.77 37.64
N ARG C 179 2.24 -13.38 37.97
CA ARG C 179 2.84 -13.77 39.24
C ARG C 179 2.10 -13.13 40.41
N THR C 180 2.23 -13.77 41.57
CA THR C 180 1.65 -13.24 42.80
C THR C 180 2.68 -13.37 43.92
N GLU C 181 2.89 -12.29 44.66
CA GLU C 181 3.81 -12.28 45.79
C GLU C 181 3.05 -11.78 47.00
N PRO C 182 2.96 -12.56 48.08
CA PRO C 182 2.13 -12.15 49.21
C PRO C 182 2.75 -10.97 49.93
N PRO C 183 1.93 -10.11 50.54
CA PRO C 183 2.47 -9.00 51.33
C PRO C 183 2.81 -9.41 52.75
N LEU C 184 3.74 -8.66 53.34
CA LEU C 184 4.14 -8.85 54.72
C LEU C 184 3.49 -7.76 55.57
N VAL C 185 2.65 -8.18 56.52
CA VAL C 185 1.86 -7.27 57.34
C VAL C 185 2.49 -7.17 58.73
N ARG C 186 2.71 -5.94 59.19
CA ARG C 186 3.27 -5.68 60.51
C ARG C 186 2.49 -4.56 61.19
N VAL C 187 2.53 -4.59 62.52
CA VAL C 187 1.84 -3.61 63.37
C VAL C 187 2.89 -2.79 64.10
N ASN C 188 2.71 -1.47 64.08
CA ASN C 188 3.62 -0.51 64.69
C ASN C 188 2.85 0.33 65.69
N ARG C 189 3.54 0.75 66.76
CA ARG C 189 2.92 1.59 67.77
C ARG C 189 3.13 3.08 67.52
N LYS C 190 4.34 3.48 67.15
CA LYS C 190 4.63 4.90 66.91
C LYS C 190 5.92 5.07 66.11
N PRO C 194 1.32 15.10 69.91
CA PRO C 194 1.74 13.70 69.83
C PRO C 194 1.49 12.93 71.12
N GLY C 195 0.62 13.48 71.98
CA GLY C 195 0.33 12.82 73.24
C GLY C 195 -0.34 11.48 73.06
N VAL C 196 -1.32 11.40 72.15
CA VAL C 196 -2.06 10.18 71.87
C VAL C 196 -1.69 9.72 70.47
N THR C 197 -1.28 8.46 70.35
CA THR C 197 -0.85 7.89 69.08
C THR C 197 -1.67 6.65 68.74
N ALA C 198 -1.74 6.35 67.45
CA ALA C 198 -2.47 5.21 66.93
C ALA C 198 -1.51 4.15 66.43
N LEU C 199 -2.03 2.95 66.23
CA LEU C 199 -1.24 1.81 65.78
C LEU C 199 -1.34 1.66 64.27
N PHE C 200 -0.19 1.59 63.61
CA PHE C 200 -0.11 1.47 62.16
C PHE C 200 -0.16 0.00 61.75
N CYS C 201 -0.90 -0.26 60.68
CA CYS C 201 -0.92 -1.57 60.02
C CYS C 201 -0.31 -1.38 58.64
N LYS C 202 0.78 -2.10 58.36
CA LYS C 202 1.55 -1.89 57.14
C LYS C 202 1.71 -3.19 56.38
N ALA C 203 1.53 -3.11 55.06
CA ALA C 203 1.76 -4.24 54.16
C ALA C 203 2.80 -3.86 53.13
N HIS C 204 3.65 -4.82 52.76
CA HIS C 204 4.72 -4.54 51.81
C HIS C 204 5.11 -5.83 51.10
N GLY C 205 5.51 -5.71 49.84
CA GLY C 205 6.03 -6.83 49.09
C GLY C 205 5.02 -7.59 48.26
N PHE C 206 3.95 -6.93 47.82
CA PHE C 206 2.92 -7.55 47.00
C PHE C 206 2.97 -6.98 45.59
N TYR C 207 2.99 -7.86 44.59
CA TYR C 207 3.05 -7.42 43.20
C TYR C 207 1.68 -6.92 42.73
N PRO C 208 0.60 -7.68 42.87
CA PRO C 208 -0.72 -7.15 42.48
C PRO C 208 -1.11 -5.97 43.34
N PRO C 209 -1.25 -4.78 42.74
CA PRO C 209 -1.54 -3.58 43.54
C PRO C 209 -2.91 -3.60 44.20
N GLU C 210 -3.80 -4.51 43.83
CA GLU C 210 -5.11 -4.61 44.47
C GLU C 210 -4.94 -5.06 45.91
N ILE C 211 -5.28 -4.19 46.86
CA ILE C 211 -5.19 -4.50 48.28
C ILE C 211 -6.27 -3.74 49.01
N TYR C 212 -6.87 -4.37 50.00
CA TYR C 212 -7.90 -3.76 50.83
C TYR C 212 -7.47 -3.88 52.29
N MET C 213 -7.60 -2.79 53.04
CA MET C 213 -7.16 -2.79 54.44
C MET C 213 -8.27 -2.19 55.30
N THR C 214 -8.55 -2.87 56.41
CA THR C 214 -9.59 -2.43 57.34
C THR C 214 -9.15 -2.72 58.77
N TRP C 215 -9.69 -1.94 59.70
CA TRP C 215 -9.54 -2.17 61.13
C TRP C 215 -10.89 -2.57 61.69
N MET C 216 -10.90 -3.50 62.65
CA MET C 216 -12.15 -3.88 63.28
C MET C 216 -11.90 -4.41 64.68
N LYS C 217 -12.79 -4.08 65.60
CA LYS C 217 -12.68 -4.53 66.99
C LYS C 217 -13.67 -5.65 67.22
N ASN C 218 -13.15 -6.87 67.38
CA ASN C 218 -13.96 -8.05 67.69
C ASN C 218 -15.11 -8.21 66.70
N GLY C 219 -14.78 -8.10 65.41
CA GLY C 219 -15.75 -8.28 64.35
C GLY C 219 -16.50 -7.04 63.94
N GLU C 220 -16.25 -5.89 64.56
CA GLU C 220 -16.96 -4.66 64.23
C GLU C 220 -15.95 -3.65 63.69
N GLU C 221 -16.16 -3.23 62.44
CA GLU C 221 -15.26 -2.28 61.81
C GLU C 221 -15.40 -0.89 62.41
N ILE C 222 -14.48 -0.01 62.04
CA ILE C 222 -14.45 1.36 62.53
C ILE C 222 -15.21 2.23 61.52
N VAL C 223 -15.84 3.28 62.01
CA VAL C 223 -16.71 4.12 61.15
C VAL C 223 -15.81 5.18 60.54
N GLN C 224 -15.10 4.78 59.47
CA GLN C 224 -14.35 5.69 58.60
C GLN C 224 -13.42 6.61 59.39
N GLU C 225 -12.91 6.14 60.52
CA GLU C 225 -11.90 6.84 61.29
C GLU C 225 -10.49 6.37 60.93
N ILE C 226 -10.39 5.40 60.03
CA ILE C 226 -9.11 4.81 59.65
C ILE C 226 -8.47 5.75 58.62
N ASP C 227 -7.48 6.52 59.07
CA ASP C 227 -6.75 7.44 58.19
C ASP C 227 -5.91 6.63 57.21
N TYR C 228 -6.37 6.53 55.97
CA TYR C 228 -5.71 5.70 54.98
C TYR C 228 -4.39 6.33 54.52
N GLY C 229 -3.56 5.48 53.94
CA GLY C 229 -2.33 5.95 53.33
C GLY C 229 -2.24 5.47 51.89
N ASP C 230 -1.53 6.25 51.09
CA ASP C 230 -1.42 5.94 49.67
C ASP C 230 -0.59 4.69 49.45
N ILE C 231 -0.83 4.04 48.31
CA ILE C 231 -0.11 2.83 47.93
C ILE C 231 0.99 3.23 46.95
N LEU C 232 2.20 2.76 47.22
CA LEU C 232 3.38 3.15 46.45
C LEU C 232 4.20 1.93 46.08
N PRO C 233 4.94 2.00 44.98
CA PRO C 233 5.79 0.87 44.59
C PRO C 233 7.12 0.87 45.31
N SER C 234 7.59 -0.33 45.61
CA SER C 234 8.86 -0.48 46.33
C SER C 234 10.05 -0.20 45.43
N GLY C 235 9.96 -0.57 44.15
CA GLY C 235 11.05 -0.45 43.21
C GLY C 235 11.60 -1.78 42.73
N ASP C 236 11.35 -2.87 43.46
CA ASP C 236 11.72 -4.21 43.03
C ASP C 236 10.63 -4.90 42.23
N GLY C 237 9.56 -4.18 41.90
CA GLY C 237 8.39 -4.77 41.29
C GLY C 237 7.25 -5.08 42.24
N THR C 238 7.34 -4.64 43.49
CA THR C 238 6.31 -4.85 44.51
C THR C 238 5.80 -3.49 44.97
N TYR C 239 4.85 -3.51 45.90
CA TYR C 239 4.20 -2.30 46.40
C TYR C 239 4.18 -2.32 47.92
N GLN C 240 3.55 -1.29 48.50
CA GLN C 240 3.46 -1.16 49.94
C GLN C 240 2.32 -0.19 50.27
N ALA C 241 1.82 -0.31 51.51
CA ALA C 241 0.74 0.53 51.98
C ALA C 241 0.75 0.55 53.50
N TRP C 242 0.11 1.56 54.07
CA TRP C 242 0.03 1.74 55.51
C TRP C 242 -1.33 2.34 55.86
N ALA C 243 -1.78 2.06 57.08
CA ALA C 243 -3.04 2.61 57.56
C ALA C 243 -2.97 2.82 59.06
N SER C 244 -3.77 3.76 59.56
CA SER C 244 -3.82 4.10 60.97
C SER C 244 -5.27 4.15 61.44
N ILE C 245 -5.51 3.70 62.66
CA ILE C 245 -6.85 3.71 63.23
C ILE C 245 -7.11 5.02 63.97
N GLN C 250 -6.64 6.40 77.74
CA GLN C 250 -6.66 5.25 76.85
C GLN C 250 -7.63 4.18 77.38
N SER C 251 -8.09 3.32 76.48
CA SER C 251 -9.04 2.26 76.83
C SER C 251 -8.49 0.91 76.44
N SER C 252 -8.91 -0.12 77.18
CA SER C 252 -8.45 -1.50 76.97
C SER C 252 -9.41 -2.16 76.00
N ASN C 253 -9.11 -2.03 74.70
CA ASN C 253 -9.92 -2.62 73.64
C ASN C 253 -9.03 -3.43 72.72
N LEU C 254 -9.57 -4.54 72.22
CA LEU C 254 -8.86 -5.43 71.32
C LEU C 254 -9.22 -5.10 69.87
N TYR C 255 -8.19 -4.92 69.04
CA TYR C 255 -8.40 -4.57 67.64
C TYR C 255 -7.69 -5.58 66.75
N SER C 256 -8.18 -5.70 65.52
CA SER C 256 -7.65 -6.61 64.53
C SER C 256 -7.54 -5.88 63.19
N CYS C 257 -6.51 -6.21 62.44
CA CYS C 257 -6.27 -5.63 61.12
C CYS C 257 -6.59 -6.70 60.08
N HIS C 258 -7.56 -6.41 59.21
CA HIS C 258 -7.91 -7.32 58.12
C HIS C 258 -7.38 -6.76 56.81
N VAL C 259 -6.73 -7.60 56.03
CA VAL C 259 -6.19 -7.20 54.74
C VAL C 259 -6.52 -8.24 53.69
N GLU C 260 -7.07 -7.79 52.57
CA GLU C 260 -7.50 -8.63 51.47
C GLU C 260 -6.59 -8.40 50.27
N HIS C 261 -5.88 -9.45 49.87
CA HIS C 261 -5.10 -9.45 48.63
C HIS C 261 -5.75 -10.45 47.67
N SER C 262 -5.12 -10.60 46.50
CA SER C 262 -5.71 -11.40 45.43
C SER C 262 -5.97 -12.82 45.91
N GLY C 263 -7.25 -13.15 46.10
CA GLY C 263 -7.65 -14.47 46.51
C GLY C 263 -7.72 -14.70 48.01
N VAL C 264 -7.00 -13.91 48.81
CA VAL C 264 -6.80 -14.27 50.21
C VAL C 264 -7.21 -13.12 51.12
N HIS C 265 -7.80 -13.48 52.27
CA HIS C 265 -8.05 -12.56 53.37
C HIS C 265 -7.22 -13.01 54.56
N MET C 266 -6.45 -12.09 55.16
CA MET C 266 -5.64 -12.43 56.31
C MET C 266 -5.82 -11.37 57.39
N VAL C 267 -5.82 -11.80 58.65
CA VAL C 267 -6.08 -10.92 59.79
C VAL C 267 -4.95 -11.05 60.80
N LEU C 268 -4.50 -9.92 61.32
CA LEU C 268 -3.49 -9.87 62.37
C LEU C 268 -4.12 -9.29 63.63
N GLN C 269 -3.98 -10.02 64.73
CA GLN C 269 -4.59 -9.69 66.02
C GLN C 269 -3.56 -9.11 66.98
N VAL C 270 -4.06 -8.36 67.96
CA VAL C 270 -3.22 -7.74 68.97
C VAL C 270 -3.47 -8.36 70.33
N ILE D 2 -4.18 25.49 32.29
CA ILE D 2 -4.71 24.69 33.40
C ILE D 2 -3.72 23.60 33.77
N GLN D 3 -2.80 23.94 34.68
CA GLN D 3 -1.74 23.04 35.10
C GLN D 3 -1.88 22.75 36.59
N ARG D 4 -1.60 21.50 36.97
CA ARG D 4 -1.69 21.06 38.35
C ARG D 4 -0.30 20.82 38.92
N THR D 5 -0.07 21.30 40.13
CA THR D 5 1.22 21.12 40.78
C THR D 5 1.46 19.64 41.10
N PRO D 6 2.70 19.18 41.03
CA PRO D 6 2.99 17.76 41.30
C PRO D 6 2.84 17.42 42.78
N LYS D 7 2.79 16.13 43.04
CA LYS D 7 2.65 15.58 44.39
C LYS D 7 3.89 14.77 44.71
N ILE D 8 4.58 15.13 45.79
CA ILE D 8 5.85 14.54 46.17
C ILE D 8 5.64 13.53 47.28
N GLN D 9 6.39 12.42 47.23
CA GLN D 9 6.27 11.37 48.24
C GLN D 9 7.65 10.72 48.41
N VAL D 10 8.24 10.91 49.59
CA VAL D 10 9.56 10.36 49.91
C VAL D 10 9.35 9.25 50.93
N TYR D 11 10.01 8.11 50.70
CA TYR D 11 9.89 6.97 51.61
C TYR D 11 11.09 6.05 51.41
N SER D 12 11.06 4.90 52.08
CA SER D 12 12.11 3.90 51.99
C SER D 12 11.57 2.63 51.35
N ARG D 13 12.41 1.95 50.56
CA ARG D 13 12.00 0.71 49.92
C ARG D 13 11.71 -0.38 50.95
N HIS D 14 12.55 -0.49 51.96
CA HIS D 14 12.42 -1.47 53.03
C HIS D 14 12.29 -0.77 54.37
N PRO D 15 11.78 -1.47 55.40
CA PRO D 15 11.77 -0.90 56.76
C PRO D 15 13.15 -0.40 57.17
N ALA D 16 13.26 0.90 57.41
CA ALA D 16 14.56 1.56 57.56
C ALA D 16 15.13 1.25 58.93
N GLU D 17 16.10 0.32 58.97
CA GLU D 17 16.91 0.07 60.15
C GLU D 17 18.27 0.71 59.96
N ASN D 18 18.83 1.24 61.05
CA ASN D 18 20.10 1.94 60.98
C ASN D 18 21.22 0.99 60.58
N GLY D 19 22.12 1.47 59.74
CA GLY D 19 23.26 0.67 59.30
C GLY D 19 22.92 -0.53 58.45
N LYS D 20 21.98 -0.38 57.53
CA LYS D 20 21.59 -1.46 56.63
C LYS D 20 21.41 -0.91 55.22
N SER D 21 21.83 -1.70 54.23
CA SER D 21 21.66 -1.30 52.84
C SER D 21 20.18 -1.21 52.49
N ASN D 22 19.78 -0.11 51.88
CA ASN D 22 18.38 0.12 51.54
C ASN D 22 18.31 1.06 50.34
N PHE D 23 17.09 1.28 49.86
CA PHE D 23 16.85 2.17 48.72
C PHE D 23 15.86 3.25 49.13
N LEU D 24 16.26 4.51 48.95
CA LEU D 24 15.37 5.65 49.19
C LEU D 24 14.59 5.94 47.92
N ASN D 25 13.27 6.12 48.07
CA ASN D 25 12.37 6.27 46.93
C ASN D 25 11.71 7.65 46.99
N CYS D 26 11.68 8.32 45.84
CA CYS D 26 10.98 9.59 45.67
C CYS D 26 10.01 9.41 44.51
N TYR D 27 8.71 9.49 44.81
CA TYR D 27 7.64 9.23 43.85
C TYR D 27 6.89 10.53 43.59
N VAL D 28 6.95 11.02 42.36
CA VAL D 28 6.32 12.28 41.98
C VAL D 28 5.21 11.97 40.98
N SER D 29 4.01 12.45 41.24
CA SER D 29 2.87 12.14 40.38
C SER D 29 1.94 13.34 40.30
N GLY D 30 1.14 13.36 39.23
CA GLY D 30 0.12 14.37 39.07
C GLY D 30 0.60 15.71 38.55
N PHE D 31 1.64 15.72 37.72
CA PHE D 31 2.15 16.93 37.10
C PHE D 31 1.86 16.88 35.60
N HIS D 32 1.25 17.94 35.08
CA HIS D 32 0.87 17.94 33.67
C HIS D 32 2.06 18.22 32.75
N PRO D 33 2.85 19.29 32.96
CA PRO D 33 4.04 19.47 32.13
C PRO D 33 5.11 18.44 32.49
N SER D 34 5.69 17.83 31.45
CA SER D 34 6.63 16.73 31.64
C SER D 34 8.05 17.20 31.93
N ASP D 35 8.34 18.49 31.77
CA ASP D 35 9.68 19.03 32.02
C ASP D 35 9.78 19.39 33.50
N ILE D 36 10.51 18.58 34.26
CA ILE D 36 10.68 18.77 35.70
C ILE D 36 12.14 18.59 36.07
N GLU D 37 12.50 19.12 37.23
CA GLU D 37 13.82 18.91 37.82
C GLU D 37 13.62 18.18 39.15
N VAL D 38 14.31 17.04 39.30
CA VAL D 38 14.17 16.21 40.50
C VAL D 38 15.56 15.87 41.01
N ASP D 39 15.78 16.05 42.32
CA ASP D 39 17.04 15.71 42.95
C ASP D 39 16.79 15.06 44.30
N LEU D 40 17.69 14.17 44.68
CA LEU D 40 17.67 13.55 45.99
C LEU D 40 18.72 14.21 46.88
N LEU D 41 18.41 14.36 48.16
CA LEU D 41 19.23 15.13 49.07
C LEU D 41 19.78 14.25 50.17
N LYS D 42 21.10 14.31 50.38
CA LYS D 42 21.76 13.70 51.53
C LYS D 42 22.40 14.84 52.32
N ASN D 43 21.90 15.08 53.53
CA ASN D 43 22.36 16.18 54.37
C ASN D 43 22.24 17.52 53.64
N GLY D 44 21.18 17.68 52.88
CA GLY D 44 20.98 18.87 52.09
C GLY D 44 21.87 19.00 50.87
N GLU D 45 22.45 17.90 50.40
CA GLU D 45 23.30 17.91 49.22
C GLU D 45 22.87 16.82 48.26
N ARG D 46 23.03 17.10 46.96
CA ARG D 46 22.55 16.19 45.93
C ARG D 46 23.33 14.88 45.93
N ILE D 47 22.61 13.78 45.80
CA ILE D 47 23.23 12.46 45.59
C ILE D 47 23.40 12.25 44.10
N GLU D 48 24.64 11.98 43.67
CA GLU D 48 24.91 11.79 42.25
C GLU D 48 24.79 10.33 41.81
N LYS D 49 24.79 9.39 42.74
CA LYS D 49 24.57 7.98 42.42
C LYS D 49 23.08 7.66 42.34
N VAL D 50 22.37 8.43 41.53
CA VAL D 50 20.92 8.36 41.47
C VAL D 50 20.50 7.39 40.37
N GLU D 51 19.30 6.84 40.52
CA GLU D 51 18.71 5.93 39.56
C GLU D 51 17.21 6.20 39.51
N HIS D 52 16.60 5.87 38.38
CA HIS D 52 15.18 6.14 38.21
C HIS D 52 14.59 5.19 37.19
N SER D 53 13.27 5.06 37.23
CA SER D 53 12.52 4.27 36.27
C SER D 53 12.22 5.14 35.05
N ASP D 54 11.43 4.62 34.13
CA ASP D 54 11.09 5.34 32.91
C ASP D 54 9.82 6.15 33.13
N LEU D 55 9.76 7.32 32.49
CA LEU D 55 8.60 8.19 32.61
C LEU D 55 7.35 7.48 32.11
N SER D 56 6.26 7.62 32.86
CA SER D 56 5.05 6.86 32.61
C SER D 56 3.87 7.81 32.35
N PHE D 57 2.71 7.20 32.08
CA PHE D 57 1.49 7.91 31.73
C PHE D 57 0.37 7.52 32.68
N SER D 58 -0.55 8.46 32.91
CA SER D 58 -1.73 8.22 33.72
C SER D 58 -2.98 8.48 32.88
N LYS D 59 -4.06 7.78 33.20
CA LYS D 59 -5.29 7.89 32.43
C LYS D 59 -6.00 9.23 32.62
N ASP D 60 -5.61 10.01 33.64
CA ASP D 60 -6.16 11.34 33.84
C ASP D 60 -5.29 12.42 33.22
N TRP D 61 -4.49 12.08 32.20
CA TRP D 61 -3.63 12.99 31.47
C TRP D 61 -2.50 13.55 32.33
N SER D 62 -2.17 12.90 33.43
CA SER D 62 -1.05 13.28 34.28
C SER D 62 0.09 12.28 34.09
N PHE D 63 1.18 12.50 34.82
CA PHE D 63 2.37 11.67 34.72
C PHE D 63 2.88 11.33 36.12
N TYR D 64 3.64 10.24 36.20
CA TYR D 64 4.26 9.82 37.44
C TYR D 64 5.64 9.22 37.16
N LEU D 65 6.53 9.37 38.14
CA LEU D 65 7.90 8.88 38.03
C LEU D 65 8.43 8.55 39.42
N LEU D 66 9.46 7.71 39.45
CA LEU D 66 10.09 7.27 40.68
C LEU D 66 11.61 7.35 40.53
N TYR D 67 12.27 7.94 41.54
CA TYR D 67 13.72 8.01 41.60
C TYR D 67 14.21 7.26 42.83
N TYR D 68 15.34 6.57 42.70
CA TYR D 68 15.84 5.74 43.79
C TYR D 68 17.34 5.60 43.71
N THR D 69 17.94 5.16 44.82
CA THR D 69 19.37 4.93 44.91
C THR D 69 19.64 4.05 46.12
N GLU D 70 20.79 3.39 46.09
CA GLU D 70 21.21 2.51 47.19
C GLU D 70 22.04 3.29 48.18
N PHE D 71 21.74 3.11 49.47
CA PHE D 71 22.39 3.89 50.52
C PHE D 71 22.28 3.11 51.83
N THR D 72 22.76 3.73 52.91
CA THR D 72 22.66 3.18 54.25
C THR D 72 22.18 4.28 55.18
N PRO D 73 21.03 4.12 55.84
CA PRO D 73 20.49 5.20 56.68
C PRO D 73 21.19 5.27 58.02
N THR D 74 21.66 6.46 58.38
CA THR D 74 22.14 6.78 59.71
C THR D 74 21.37 7.97 60.23
N GLU D 75 21.11 7.98 61.54
CA GLU D 75 20.27 9.03 62.12
C GLU D 75 20.92 10.41 61.99
N LYS D 76 22.24 10.48 61.83
CA LYS D 76 22.88 11.75 61.55
C LYS D 76 22.47 12.30 60.20
N ASP D 77 22.39 11.43 59.19
CA ASP D 77 22.04 11.87 57.85
C ASP D 77 20.55 12.18 57.74
N GLU D 78 20.23 13.25 57.01
CA GLU D 78 18.86 13.66 56.77
C GLU D 78 18.54 13.57 55.29
N TYR D 79 17.39 12.99 54.96
CA TYR D 79 16.97 12.86 53.57
C TYR D 79 15.60 13.52 53.36
N CYS D 81 13.36 15.21 49.04
CA CYS D 81 13.41 15.39 47.58
C CYS D 81 13.29 16.87 47.25
N ARG D 82 14.03 17.32 46.25
CA ARG D 82 13.96 18.68 45.72
C ARG D 82 13.36 18.64 44.32
N VAL D 83 12.26 19.36 44.11
CA VAL D 83 11.59 19.36 42.81
C VAL D 83 11.38 20.78 42.34
N ASN D 84 11.66 21.02 41.07
CA ASN D 84 11.41 22.30 40.40
C ASN D 84 10.51 22.06 39.20
N HIS D 85 9.50 22.91 39.05
CA HIS D 85 8.50 22.77 38.01
C HIS D 85 8.07 24.16 37.54
N VAL D 86 7.49 24.20 36.34
CA VAL D 86 6.97 25.47 35.83
C VAL D 86 5.79 25.94 36.68
N THR D 87 5.00 25.01 37.19
CA THR D 87 3.89 25.37 38.09
C THR D 87 4.39 25.83 39.45
N LEU D 88 5.65 25.57 39.78
CA LEU D 88 6.22 25.91 41.08
C LEU D 88 6.97 27.24 40.97
N SER D 89 6.65 28.17 41.87
CA SER D 89 7.40 29.42 41.93
C SER D 89 8.85 29.17 42.32
N GLN D 90 9.07 28.29 43.28
CA GLN D 90 10.40 27.90 43.73
C GLN D 90 10.50 26.39 43.82
N PRO D 91 11.71 25.83 43.70
CA PRO D 91 11.88 24.39 43.91
C PRO D 91 11.56 23.99 45.34
N LYS D 92 10.49 23.20 45.50
CA LYS D 92 10.03 22.79 46.81
C LYS D 92 10.75 21.53 47.30
N ILE D 93 10.92 21.46 48.62
CA ILE D 93 11.69 20.41 49.28
C ILE D 93 10.76 19.63 50.19
N VAL D 94 10.97 18.32 50.26
CA VAL D 94 10.20 17.44 51.14
C VAL D 94 11.17 16.62 51.99
N LYS D 95 10.85 16.50 53.28
CA LYS D 95 11.68 15.75 54.22
C LYS D 95 11.13 14.34 54.39
N TRP D 96 11.99 13.46 54.92
CA TRP D 96 11.68 12.06 55.12
C TRP D 96 11.27 11.83 56.57
N ASP D 97 10.08 11.25 56.77
CA ASP D 97 9.53 11.11 58.11
C ASP D 97 10.01 9.87 58.84
N ARG D 98 10.43 8.85 58.10
CA ARG D 98 11.00 7.60 58.63
C ARG D 98 10.03 6.84 59.53
N ASP D 99 8.74 7.18 59.52
CA ASP D 99 7.76 6.47 60.34
C ASP D 99 7.54 5.05 59.83
N ARG E 9 -9.05 26.19 -11.89
CA ARG E 9 -7.88 26.23 -12.77
C ARG E 9 -6.68 26.76 -12.01
N THR E 10 -6.90 27.83 -11.24
CA THR E 10 -5.88 28.42 -10.36
C THR E 10 -6.60 28.96 -9.13
N LYS E 11 -6.14 28.55 -7.95
CA LYS E 11 -6.71 29.06 -6.71
C LYS E 11 -5.88 30.23 -6.19
N SER E 12 -6.46 30.96 -5.24
CA SER E 12 -5.87 32.20 -4.76
C SER E 12 -6.25 32.42 -3.30
N VAL E 13 -5.33 33.04 -2.56
CA VAL E 13 -5.54 33.31 -1.14
C VAL E 13 -4.81 34.60 -0.76
N THR E 14 -5.47 35.40 0.07
CA THR E 14 -4.88 36.58 0.69
C THR E 14 -4.96 36.44 2.20
N ARG E 15 -3.88 36.79 2.88
CA ARG E 15 -3.76 36.60 4.32
C ARG E 15 -3.06 37.80 4.93
N PRO E 16 -3.21 37.99 6.24
CA PRO E 16 -2.45 39.04 6.93
C PRO E 16 -1.09 38.54 7.39
N THR E 17 -0.29 39.47 7.89
CA THR E 17 1.05 39.13 8.36
C THR E 17 0.98 38.40 9.70
N GLY E 18 1.77 37.35 9.82
CA GLY E 18 1.83 36.57 11.04
C GLY E 18 0.82 35.45 11.14
N SER E 19 -0.14 35.38 10.23
CA SER E 19 -1.15 34.33 10.24
C SER E 19 -0.66 33.13 9.43
N SER E 20 -1.44 32.05 9.49
CA SER E 20 -1.13 30.82 8.77
C SER E 20 -2.07 30.66 7.58
N ALA E 21 -1.58 29.98 6.55
CA ALA E 21 -2.32 29.80 5.31
C ALA E 21 -2.30 28.33 4.90
N VAL E 22 -3.35 27.91 4.20
CA VAL E 22 -3.52 26.53 3.75
C VAL E 22 -3.63 26.54 2.23
N ILE E 23 -2.91 25.63 1.57
CA ILE E 23 -2.88 25.53 0.12
C ILE E 23 -3.11 24.06 -0.26
N THR E 24 -3.93 23.83 -1.27
CA THR E 24 -4.24 22.48 -1.72
C THR E 24 -3.61 22.22 -3.08
N CYS E 25 -3.01 21.04 -3.23
CA CYS E 25 -2.39 20.67 -4.49
C CYS E 25 -3.46 20.34 -5.53
N ASP E 26 -3.17 20.71 -6.78
CA ASP E 26 -4.05 20.42 -7.92
C ASP E 26 -3.21 19.67 -8.95
N LEU E 27 -3.20 18.34 -8.85
CA LEU E 27 -2.40 17.49 -9.70
C LEU E 27 -3.29 16.44 -10.35
N PRO E 28 -2.91 15.95 -11.53
CA PRO E 28 -3.70 14.88 -12.17
C PRO E 28 -3.95 13.68 -11.28
N VAL E 29 -2.93 13.19 -10.59
CA VAL E 29 -3.05 12.08 -9.65
C VAL E 29 -2.97 12.65 -8.24
N GLU E 30 -3.97 12.34 -7.41
CA GLU E 30 -4.03 12.92 -6.07
C GLU E 30 -2.88 12.45 -5.20
N ASN E 31 -2.54 11.17 -5.27
CA ASN E 31 -1.55 10.57 -4.37
C ASN E 31 -0.30 10.19 -5.14
N ALA E 32 0.85 10.68 -4.67
CA ALA E 32 2.15 10.33 -5.22
C ALA E 32 3.10 10.00 -4.08
N VAL E 33 4.05 9.11 -4.37
CA VAL E 33 5.00 8.69 -3.32
C VAL E 33 5.85 9.86 -2.86
N TYR E 34 6.35 10.66 -3.79
CA TYR E 34 7.09 11.88 -3.49
C TYR E 34 6.41 13.04 -4.18
N THR E 35 6.02 14.06 -3.41
CA THR E 35 5.32 15.22 -3.95
C THR E 35 6.09 16.48 -3.59
N HIS E 36 6.48 17.26 -4.59
CA HIS E 36 7.38 18.38 -4.37
C HIS E 36 6.62 19.71 -4.40
N TRP E 37 7.22 20.71 -3.74
CA TRP E 37 6.61 22.02 -3.57
C TRP E 37 7.64 23.09 -3.90
N TYR E 38 7.31 23.93 -4.89
CA TYR E 38 8.16 25.00 -5.40
C TYR E 38 7.47 26.35 -5.23
N LEU E 39 8.27 27.41 -5.13
CA LEU E 39 7.79 28.77 -5.01
C LEU E 39 8.29 29.62 -6.17
N HIS E 40 7.43 30.50 -6.67
CA HIS E 40 7.78 31.43 -7.75
C HIS E 40 7.45 32.85 -7.31
N GLN E 41 8.40 33.76 -7.53
CA GLN E 41 8.21 35.18 -7.32
C GLN E 41 8.52 35.92 -8.62
N GLU E 42 8.06 37.18 -8.70
CA GLU E 42 8.11 37.92 -9.95
C GLU E 42 9.54 38.15 -10.43
N GLY E 43 10.43 38.53 -9.53
CA GLY E 43 11.78 38.88 -9.92
C GLY E 43 12.77 37.73 -9.93
N LYS E 44 12.73 36.92 -8.87
CA LYS E 44 13.70 35.84 -8.72
C LYS E 44 13.31 34.62 -9.54
N ALA E 45 14.26 33.71 -9.71
CA ALA E 45 13.99 32.46 -10.39
C ALA E 45 13.17 31.54 -9.49
N PRO E 46 12.38 30.64 -10.08
CA PRO E 46 11.68 29.64 -9.27
C PRO E 46 12.67 28.76 -8.52
N GLN E 47 12.34 28.46 -7.27
CA GLN E 47 13.19 27.65 -6.40
C GLN E 47 12.35 26.56 -5.75
N ARG E 48 12.94 25.37 -5.62
CA ARG E 48 12.28 24.30 -4.88
C ARG E 48 12.26 24.65 -3.40
N LEU E 49 11.09 24.48 -2.78
CA LEU E 49 10.95 24.74 -1.35
C LEU E 49 11.08 23.47 -0.51
N LEU E 50 10.44 22.38 -0.91
CA LEU E 50 10.51 21.16 -0.12
C LEU E 50 9.95 19.99 -0.93
N TYR E 51 10.00 18.80 -0.35
CA TYR E 51 9.29 17.67 -0.94
C TYR E 51 8.88 16.69 0.17
N TYR E 52 7.68 16.13 0.02
CA TYR E 52 7.10 15.22 0.99
C TYR E 52 7.29 13.78 0.53
N ASP E 53 7.74 12.93 1.45
CA ASP E 53 7.90 11.50 1.24
C ASP E 53 6.82 10.78 2.02
N SER E 54 6.00 9.99 1.31
CA SER E 54 4.92 9.26 1.95
C SER E 54 5.42 8.02 2.69
N TYR E 55 6.43 7.33 2.15
CA TYR E 55 6.95 6.13 2.80
C TYR E 55 7.53 6.46 4.17
N ASN E 56 8.38 7.48 4.23
CA ASN E 56 8.86 7.98 5.52
C ASN E 56 7.89 8.95 6.16
N SER E 57 6.87 9.40 5.42
CA SER E 57 5.86 10.33 5.91
C SER E 57 6.51 11.57 6.52
N ARG E 58 7.52 12.10 5.82
CA ARG E 58 8.28 13.22 6.34
C ARG E 58 8.53 14.24 5.25
N VAL E 59 8.71 15.49 5.66
CA VAL E 59 9.04 16.58 4.76
C VAL E 59 10.56 16.72 4.70
N VAL E 60 11.08 16.98 3.51
CA VAL E 60 12.51 17.23 3.29
C VAL E 60 12.65 18.66 2.82
N LEU E 61 13.42 19.45 3.59
CA LEU E 61 13.63 20.87 3.37
C LEU E 61 14.95 21.11 2.64
N GLU E 62 15.14 22.37 2.24
CA GLU E 62 16.40 22.83 1.68
C GLU E 62 17.18 23.62 2.72
N SER E 63 18.39 24.02 2.36
CA SER E 63 19.23 24.78 3.28
C SER E 63 18.72 26.21 3.41
N GLY E 64 18.78 26.74 4.63
CA GLY E 64 18.45 28.13 4.88
C GLY E 64 17.02 28.41 5.30
N ILE E 65 16.24 27.40 5.66
CA ILE E 65 14.84 27.57 6.04
C ILE E 65 14.61 26.93 7.40
N SER E 66 13.85 27.60 8.25
CA SER E 66 13.55 27.09 9.58
C SER E 66 12.69 25.83 9.48
N ARG E 67 12.87 24.93 10.45
CA ARG E 67 12.16 23.66 10.45
C ARG E 67 10.68 23.81 10.81
N GLU E 68 10.29 24.89 11.47
CA GLU E 68 8.92 25.11 11.91
C GLU E 68 8.21 26.18 11.10
N LYS E 69 8.49 26.24 9.80
CA LYS E 69 7.88 27.24 8.93
C LYS E 69 6.76 26.67 8.06
N TYR E 70 6.94 25.48 7.47
CA TYR E 70 5.92 24.85 6.65
C TYR E 70 5.68 23.42 7.13
N HIS E 71 4.51 22.89 6.80
CA HIS E 71 4.26 21.46 7.01
C HIS E 71 3.16 21.01 6.04
N THR E 72 2.79 19.73 6.16
CA THR E 72 1.89 19.11 5.20
C THR E 72 0.82 18.29 5.92
N TYR E 73 -0.37 18.26 5.31
CA TYR E 73 -1.48 17.40 5.72
C TYR E 73 -1.80 16.49 4.54
N ALA E 74 -1.57 15.18 4.71
CA ALA E 74 -1.72 14.19 3.65
C ALA E 74 -2.96 13.35 3.91
N SER E 75 -4.05 13.68 3.22
CA SER E 75 -5.26 12.86 3.29
C SER E 75 -5.08 11.57 2.52
N THR E 76 -5.80 10.52 2.93
CA THR E 76 -5.64 9.21 2.33
C THR E 76 -6.07 9.19 0.86
N GLY E 77 -7.18 9.85 0.53
CA GLY E 77 -7.68 9.81 -0.82
C GLY E 77 -7.75 11.16 -1.51
N LYS E 78 -7.68 12.23 -0.73
CA LYS E 78 -7.74 13.57 -1.28
C LYS E 78 -6.34 14.06 -1.62
N SER E 79 -6.27 15.16 -2.36
CA SER E 79 -4.98 15.79 -2.63
C SER E 79 -4.40 16.35 -1.33
N LEU E 80 -3.10 16.13 -1.15
CA LEU E 80 -2.45 16.62 0.06
C LEU E 80 -2.33 18.15 0.02
N LYS E 81 -2.18 18.73 1.21
CA LYS E 81 -2.18 20.17 1.39
C LYS E 81 -0.91 20.61 2.11
N PHE E 82 -0.47 21.83 1.82
CA PHE E 82 0.69 22.44 2.44
C PHE E 82 0.25 23.64 3.24
N ILE E 83 0.76 23.75 4.47
CA ILE E 83 0.36 24.79 5.41
C ILE E 83 1.58 25.63 5.74
N LEU E 84 1.43 26.95 5.64
CA LEU E 84 2.47 27.93 5.91
C LEU E 84 2.13 28.67 7.20
N GLU E 85 3.16 29.03 7.96
CA GLU E 85 2.98 29.69 9.24
C GLU E 85 3.79 30.98 9.29
N ASN E 86 3.30 31.92 10.09
CA ASN E 86 3.95 33.22 10.31
C ASN E 86 4.28 33.89 8.98
N LEU E 87 3.23 34.16 8.22
CA LEU E 87 3.40 34.70 6.87
C LEU E 87 3.98 36.11 6.92
N ILE E 88 5.04 36.33 6.15
CA ILE E 88 5.67 37.64 6.02
C ILE E 88 5.44 38.12 4.60
N GLU E 89 5.47 39.45 4.42
CA GLU E 89 5.21 40.03 3.10
C GLU E 89 6.13 39.46 2.03
N ARG E 90 7.36 39.12 2.39
CA ARG E 90 8.31 38.58 1.42
C ARG E 90 8.00 37.14 1.03
N ASP E 91 7.02 36.50 1.67
CA ASP E 91 6.59 35.15 1.33
C ASP E 91 5.52 35.11 0.24
N SER E 92 5.05 36.28 -0.20
CA SER E 92 4.03 36.34 -1.24
C SER E 92 4.57 35.82 -2.57
N GLY E 93 3.70 35.16 -3.33
CA GLY E 93 4.12 34.59 -4.59
C GLY E 93 3.09 33.61 -5.12
N VAL E 94 3.57 32.62 -5.87
CA VAL E 94 2.71 31.54 -6.35
C VAL E 94 3.43 30.21 -6.12
N TYR E 95 2.73 29.26 -5.53
CA TYR E 95 3.31 27.99 -5.13
C TYR E 95 2.75 26.86 -6.01
N TYR E 96 3.64 25.99 -6.47
CA TYR E 96 3.28 24.88 -7.36
C TYR E 96 3.66 23.55 -6.74
N CYS E 97 2.74 22.59 -6.81
CA CYS E 97 3.05 21.21 -6.54
C CYS E 97 3.62 20.54 -7.80
N ALA E 98 4.38 19.46 -7.59
CA ALA E 98 5.05 18.82 -8.72
C ALA E 98 5.23 17.34 -8.46
N THR E 99 5.28 16.58 -9.55
CA THR E 99 5.47 15.14 -9.52
C THR E 99 6.26 14.71 -10.76
N TRP E 100 6.55 13.40 -10.86
CA TRP E 100 7.40 12.84 -11.91
C TRP E 100 6.69 11.67 -12.58
N ASP E 101 5.71 11.95 -13.44
CA ASP E 101 5.09 10.88 -14.22
C ASP E 101 5.95 10.48 -15.41
N TYR E 102 6.13 11.41 -16.35
CA TYR E 102 7.01 11.27 -17.50
C TYR E 102 8.08 12.34 -17.53
N LYS E 103 7.71 13.59 -17.25
CA LYS E 103 8.63 14.67 -16.97
C LYS E 103 8.19 15.35 -15.69
N LYS E 104 8.76 16.51 -15.36
CA LYS E 104 8.34 17.24 -14.17
C LYS E 104 6.97 17.84 -14.42
N LEU E 105 5.93 17.20 -13.90
CA LEU E 105 4.56 17.67 -14.03
C LEU E 105 4.27 18.64 -12.90
N PHE E 106 4.15 19.92 -13.23
CA PHE E 106 3.77 20.94 -12.26
C PHE E 106 2.26 20.98 -12.09
N GLY E 107 1.82 21.28 -10.87
CA GLY E 107 0.40 21.39 -10.60
C GLY E 107 -0.18 22.68 -11.14
N SER E 108 -1.48 22.85 -10.90
CA SER E 108 -2.15 24.07 -11.34
C SER E 108 -1.61 25.30 -10.62
N GLY E 109 -1.10 25.12 -9.41
CA GLY E 109 -0.53 26.21 -8.65
C GLY E 109 -1.59 27.00 -7.88
N THR E 110 -1.12 27.77 -6.91
CA THR E 110 -1.98 28.62 -6.09
C THR E 110 -1.26 29.92 -5.80
N THR E 111 -1.95 31.04 -5.98
CA THR E 111 -1.38 32.35 -5.70
C THR E 111 -1.66 32.75 -4.26
N LEU E 112 -0.70 33.43 -3.64
CA LEU E 112 -0.83 33.86 -2.25
C LEU E 112 -0.25 35.25 -2.09
N VAL E 113 -1.04 36.16 -1.51
CA VAL E 113 -0.56 37.49 -1.15
C VAL E 113 -0.88 37.73 0.32
N VAL E 114 0.04 38.38 1.02
CA VAL E 114 -0.12 38.68 2.43
C VAL E 114 0.14 40.17 2.66
N THR E 115 -0.60 40.76 3.60
CA THR E 115 -0.56 42.18 3.87
C THR E 115 -0.37 42.43 5.36
N GLU E 116 0.48 43.41 5.68
CA GLU E 116 0.75 43.73 7.08
C GLU E 116 -0.47 44.33 7.77
N ASP E 117 -1.10 45.32 7.15
CA ASP E 117 -2.20 46.07 7.75
C ASP E 117 -3.51 45.67 7.09
N LEU E 118 -4.49 45.28 7.91
CA LEU E 118 -5.78 44.83 7.41
C LEU E 118 -6.81 45.95 7.28
N LYS E 119 -6.47 47.17 7.70
CA LYS E 119 -7.36 48.30 7.50
C LYS E 119 -7.13 49.02 6.18
N ASN E 120 -6.10 48.63 5.43
CA ASN E 120 -5.82 49.21 4.13
C ASN E 120 -6.50 48.46 2.99
N VAL E 121 -7.12 47.32 3.28
CA VAL E 121 -7.71 46.47 2.25
C VAL E 121 -9.09 47.00 1.89
N PHE E 122 -9.35 47.19 0.60
CA PHE E 122 -10.63 47.60 0.09
C PHE E 122 -11.05 46.70 -1.06
N PRO E 123 -12.35 46.47 -1.23
CA PRO E 123 -12.82 45.71 -2.38
C PRO E 123 -12.95 46.60 -3.60
N PRO E 124 -12.93 46.02 -4.81
CA PRO E 124 -12.98 46.84 -6.01
C PRO E 124 -14.41 47.22 -6.39
N GLU E 125 -14.51 48.35 -7.07
CA GLU E 125 -15.76 48.81 -7.68
C GLU E 125 -15.66 48.58 -9.19
N VAL E 126 -16.67 47.91 -9.75
CA VAL E 126 -16.65 47.48 -11.14
C VAL E 126 -17.67 48.28 -11.93
N ALA E 127 -17.23 48.86 -13.04
CA ALA E 127 -18.10 49.61 -13.94
C ALA E 127 -17.88 49.14 -15.37
N VAL E 128 -18.94 49.21 -16.18
CA VAL E 128 -18.90 48.80 -17.58
C VAL E 128 -19.29 50.00 -18.44
N PHE E 129 -18.45 50.28 -19.43
CA PHE E 129 -18.65 51.39 -20.36
C PHE E 129 -18.96 50.83 -21.74
N GLU E 130 -20.05 51.34 -22.33
CA GLU E 130 -20.65 50.95 -23.59
C GLU E 130 -19.84 51.47 -24.77
N PRO E 131 -19.91 50.80 -25.92
CA PRO E 131 -19.10 51.21 -27.08
C PRO E 131 -19.52 52.57 -27.61
N SER E 132 -18.60 53.17 -28.37
CA SER E 132 -18.85 54.49 -28.96
C SER E 132 -19.66 54.35 -30.24
N GLU E 133 -20.50 55.35 -30.51
CA GLU E 133 -21.28 55.36 -31.75
C GLU E 133 -20.39 55.50 -32.97
N ALA E 134 -19.24 56.17 -32.83
CA ALA E 134 -18.32 56.33 -33.96
C ALA E 134 -17.72 54.98 -34.37
N GLU E 135 -17.33 54.17 -33.40
CA GLU E 135 -16.68 52.89 -33.69
C GLU E 135 -17.64 51.92 -34.37
N ILE E 136 -18.91 51.92 -33.94
CA ILE E 136 -19.87 50.95 -34.46
C ILE E 136 -20.09 51.12 -35.96
N SER E 137 -19.84 52.32 -36.49
CA SER E 137 -19.98 52.57 -37.91
C SER E 137 -18.65 52.63 -38.66
N HIS E 138 -17.59 53.10 -38.00
CA HIS E 138 -16.30 53.21 -38.68
C HIS E 138 -15.67 51.86 -38.95
N THR E 139 -15.80 50.91 -38.03
CA THR E 139 -15.17 49.60 -38.20
C THR E 139 -16.11 48.41 -38.06
N GLN E 140 -17.41 48.65 -37.85
CA GLN E 140 -18.43 47.60 -37.77
C GLN E 140 -18.22 46.68 -36.56
N LYS E 141 -17.30 47.02 -35.66
CA LYS E 141 -17.01 46.24 -34.47
C LYS E 141 -17.42 47.03 -33.22
N ALA E 142 -17.60 46.33 -32.11
CA ALA E 142 -18.04 46.97 -30.87
C ALA E 142 -17.15 46.54 -29.72
N THR E 143 -16.76 47.51 -28.88
CA THR E 143 -15.84 47.28 -27.78
C THR E 143 -16.47 47.75 -26.48
N LEU E 144 -16.59 46.84 -25.51
CA LEU E 144 -17.04 47.14 -24.16
C LEU E 144 -15.83 47.19 -23.23
N VAL E 145 -15.84 48.15 -22.30
CA VAL E 145 -14.70 48.38 -21.41
C VAL E 145 -15.15 48.15 -19.97
N CYS E 146 -14.36 47.37 -19.23
CA CYS E 146 -14.58 47.17 -17.81
C CYS E 146 -13.48 47.85 -17.01
N LEU E 147 -13.88 48.60 -15.99
CA LEU E 147 -12.95 49.28 -15.10
C LEU E 147 -13.21 48.84 -13.67
N ALA E 148 -12.19 48.30 -13.01
CA ALA E 148 -12.26 47.96 -11.59
C ALA E 148 -11.31 48.89 -10.85
N THR E 149 -11.85 49.63 -9.88
CA THR E 149 -11.09 50.68 -9.21
C THR E 149 -11.13 50.48 -7.70
N GLY E 150 -10.13 51.04 -7.03
CA GLY E 150 -10.17 51.15 -5.59
C GLY E 150 -10.05 49.86 -4.83
N PHE E 151 -9.18 48.95 -5.27
CA PHE E 151 -8.87 47.73 -4.54
C PHE E 151 -7.39 47.73 -4.21
N TYR E 152 -7.07 47.51 -2.94
CA TYR E 152 -5.68 47.54 -2.51
C TYR E 152 -4.93 46.25 -2.84
N PRO E 153 -5.45 45.06 -2.52
CA PRO E 153 -4.69 43.84 -2.84
C PRO E 153 -4.81 43.51 -4.32
N ASP E 154 -3.67 43.37 -4.99
CA ASP E 154 -3.63 43.00 -6.41
C ASP E 154 -3.82 41.49 -6.56
N HIS E 155 -4.98 41.03 -6.07
CA HIS E 155 -5.33 39.61 -6.06
C HIS E 155 -6.76 39.43 -6.57
N VAL E 156 -6.99 39.86 -7.81
CA VAL E 156 -8.31 39.79 -8.43
C VAL E 156 -8.19 39.02 -9.73
N GLU E 157 -9.31 38.44 -10.16
CA GLU E 157 -9.39 37.75 -11.44
C GLU E 157 -10.59 38.26 -12.22
N LEU E 158 -10.36 38.76 -13.43
CA LEU E 158 -11.40 39.38 -14.24
C LEU E 158 -11.83 38.44 -15.36
N SER E 159 -13.13 38.36 -15.58
CA SER E 159 -13.68 37.53 -16.64
C SER E 159 -14.90 38.23 -17.25
N TRP E 160 -15.23 37.83 -18.48
CA TRP E 160 -16.39 38.33 -19.19
C TRP E 160 -17.37 37.19 -19.42
N TRP E 161 -18.64 37.44 -19.15
CA TRP E 161 -19.70 36.44 -19.30
C TRP E 161 -20.79 37.02 -20.18
N VAL E 162 -21.00 36.40 -21.35
CA VAL E 162 -22.07 36.78 -22.26
C VAL E 162 -23.12 35.67 -22.23
N ASN E 163 -24.38 36.07 -22.04
CA ASN E 163 -25.51 35.13 -22.01
C ASN E 163 -25.26 33.99 -21.03
N GLY E 164 -24.63 34.30 -19.90
CA GLY E 164 -24.39 33.32 -18.87
C GLY E 164 -23.19 32.41 -19.07
N LYS E 165 -22.36 32.66 -20.09
CA LYS E 165 -21.21 31.81 -20.37
C LYS E 165 -19.94 32.64 -20.42
N GLU E 166 -18.88 32.10 -19.82
CA GLU E 166 -17.59 32.77 -19.84
C GLU E 166 -17.00 32.76 -21.25
N VAL E 167 -16.47 33.90 -21.66
CA VAL E 167 -15.94 34.09 -23.01
C VAL E 167 -14.43 34.24 -22.94
N HIS E 168 -13.72 33.48 -23.77
CA HIS E 168 -12.27 33.55 -23.86
C HIS E 168 -11.77 34.19 -25.15
N SER E 169 -12.63 34.33 -26.15
CA SER E 169 -12.23 34.92 -27.43
C SER E 169 -12.54 36.41 -27.45
N GLY E 170 -11.64 37.18 -28.06
CA GLY E 170 -11.86 38.61 -28.20
C GLY E 170 -11.91 39.35 -26.88
N VAL E 171 -11.14 38.91 -25.89
CA VAL E 171 -11.11 39.54 -24.58
C VAL E 171 -9.66 39.82 -24.22
N CYS E 172 -9.39 41.03 -23.72
CA CYS E 172 -8.04 41.44 -23.35
C CYS E 172 -8.04 42.05 -21.96
N THR E 173 -7.13 41.59 -21.11
CA THR E 173 -6.93 42.15 -19.79
C THR E 173 -5.46 42.46 -19.62
N ASP E 174 -5.15 43.69 -19.22
CA ASP E 174 -3.76 44.09 -19.06
C ASP E 174 -3.09 43.27 -17.97
N PRO E 175 -1.83 42.86 -18.16
CA PRO E 175 -1.21 41.93 -17.20
C PRO E 175 -0.90 42.56 -15.85
N GLN E 176 -0.75 43.88 -15.77
CA GLN E 176 -0.39 44.54 -14.52
C GLN E 176 -1.26 45.75 -14.29
N PRO E 177 -1.74 45.95 -13.07
CA PRO E 177 -2.57 47.11 -12.75
C PRO E 177 -1.72 48.36 -12.56
N LEU E 178 -2.41 49.48 -12.35
CA LEU E 178 -1.76 50.77 -12.12
C LEU E 178 -2.15 51.29 -10.75
N LYS E 179 -1.26 52.10 -10.17
CA LYS E 179 -1.49 52.65 -8.84
C LYS E 179 -2.42 53.85 -8.91
N GLU E 180 -3.50 53.82 -8.11
CA GLU E 180 -4.37 54.98 -8.00
C GLU E 180 -3.64 56.15 -7.38
N GLN E 181 -2.83 55.88 -6.34
CA GLN E 181 -1.96 56.88 -5.75
C GLN E 181 -0.51 56.54 -6.09
N PRO E 182 0.15 57.30 -6.96
CA PRO E 182 1.47 56.89 -7.47
C PRO E 182 2.61 57.01 -6.46
N ALA E 183 2.41 57.71 -5.34
CA ALA E 183 3.50 58.01 -4.42
C ALA E 183 3.45 57.22 -3.12
N LEU E 184 2.43 56.39 -2.90
CA LEU E 184 2.28 55.65 -1.66
C LEU E 184 2.83 54.24 -1.84
N ASN E 185 3.54 53.76 -0.82
CA ASN E 185 4.06 52.39 -0.85
C ASN E 185 2.94 51.36 -0.72
N ASP E 186 1.79 51.74 -0.16
CA ASP E 186 0.64 50.84 -0.02
C ASP E 186 -0.58 51.58 -0.59
N SER E 187 -0.66 51.62 -1.91
CA SER E 187 -1.70 52.35 -2.63
C SER E 187 -2.71 51.38 -3.24
N ARG E 188 -3.94 51.87 -3.40
CA ARG E 188 -4.98 51.09 -4.06
C ARG E 188 -4.74 51.08 -5.57
N TYR E 189 -5.39 50.15 -6.25
CA TYR E 189 -5.10 49.89 -7.67
C TYR E 189 -6.34 50.12 -8.53
N ALA E 190 -6.15 49.86 -9.82
CA ALA E 190 -7.19 49.94 -10.84
C ALA E 190 -6.77 49.09 -12.03
N LEU E 191 -7.74 48.41 -12.63
CA LEU E 191 -7.51 47.49 -13.72
C LEU E 191 -8.57 47.70 -14.79
N SER E 192 -8.23 47.34 -16.03
CA SER E 192 -9.11 47.51 -17.18
C SER E 192 -9.17 46.24 -17.99
N SER E 193 -10.31 46.01 -18.63
CA SER E 193 -10.51 44.87 -19.51
C SER E 193 -11.35 45.30 -20.70
N ARG E 194 -11.22 44.57 -21.80
CA ARG E 194 -11.88 44.92 -23.05
C ARG E 194 -12.47 43.67 -23.69
N LEU E 195 -13.72 43.81 -24.17
CA LEU E 195 -14.38 42.75 -24.92
C LEU E 195 -14.83 43.32 -26.26
N ARG E 196 -14.44 42.65 -27.35
CA ARG E 196 -14.81 43.09 -28.69
C ARG E 196 -15.65 42.03 -29.37
N VAL E 197 -16.76 42.47 -29.97
CA VAL E 197 -17.69 41.58 -30.66
C VAL E 197 -18.18 42.27 -31.93
N SER E 198 -18.89 41.49 -32.75
CA SER E 198 -19.52 42.04 -33.94
C SER E 198 -20.62 43.02 -33.55
N ALA E 199 -20.80 44.05 -34.40
CA ALA E 199 -21.84 45.04 -34.14
C ALA E 199 -23.22 44.39 -34.07
N THR E 200 -23.42 43.29 -34.78
CA THR E 200 -24.69 42.57 -34.69
C THR E 200 -24.94 42.08 -33.27
N PHE E 201 -23.90 41.62 -32.59
CA PHE E 201 -24.07 41.13 -31.22
C PHE E 201 -24.43 42.26 -30.26
N TRP E 202 -23.75 43.40 -30.37
CA TRP E 202 -24.02 44.49 -29.44
C TRP E 202 -25.37 45.13 -29.72
N GLN E 203 -25.73 45.27 -31.01
CA GLN E 203 -27.01 45.87 -31.35
C GLN E 203 -28.19 44.95 -31.08
N ASN E 204 -27.94 43.66 -30.89
CA ASN E 204 -29.03 42.72 -30.58
C ASN E 204 -29.41 42.86 -29.12
N PRO E 205 -30.66 43.24 -28.81
CA PRO E 205 -31.05 43.36 -27.40
C PRO E 205 -31.13 42.03 -26.67
N ARG E 206 -31.18 40.90 -27.39
CA ARG E 206 -31.23 39.61 -26.74
C ARG E 206 -29.93 39.30 -25.99
N ASN E 207 -28.82 39.87 -26.44
CA ASN E 207 -27.52 39.56 -25.88
C ASN E 207 -27.28 40.34 -24.60
N HIS E 208 -26.82 39.65 -23.57
CA HIS E 208 -26.50 40.24 -22.27
C HIS E 208 -25.01 40.11 -22.01
N PHE E 209 -24.36 41.21 -21.67
CA PHE E 209 -22.93 41.21 -21.38
C PHE E 209 -22.71 41.54 -19.91
N ARG E 210 -21.76 40.84 -19.28
CA ARG E 210 -21.45 41.07 -17.88
C ARG E 210 -19.95 40.95 -17.68
N CYS E 211 -19.40 41.85 -16.87
CA CYS E 211 -18.00 41.80 -16.47
C CYS E 211 -17.95 41.46 -14.99
N GLN E 212 -17.26 40.36 -14.67
CA GLN E 212 -17.22 39.81 -13.31
C GLN E 212 -15.79 39.81 -12.81
N VAL E 213 -15.57 40.42 -11.65
CA VAL E 213 -14.27 40.46 -11.00
C VAL E 213 -14.39 39.66 -9.71
N GLN E 214 -13.69 38.53 -9.66
CA GLN E 214 -13.56 37.75 -8.44
C GLN E 214 -12.46 38.37 -7.59
N PHE E 215 -12.86 38.98 -6.47
CA PHE E 215 -11.93 39.58 -5.52
C PHE E 215 -11.68 38.59 -4.38
N TYR E 216 -10.41 38.34 -4.10
CA TYR E 216 -10.02 37.44 -3.02
C TYR E 216 -9.69 38.29 -1.80
N GLY E 217 -10.49 38.15 -0.75
CA GLY E 217 -10.37 38.96 0.44
C GLY E 217 -10.34 38.11 1.70
N LEU E 218 -10.80 38.72 2.80
CA LEU E 218 -10.78 38.07 4.09
C LEU E 218 -11.80 36.94 4.16
N SER E 219 -11.54 35.99 5.05
CA SER E 219 -12.46 34.90 5.34
C SER E 219 -13.28 35.25 6.58
N GLU E 220 -14.24 34.37 6.90
CA GLU E 220 -15.07 34.59 8.08
C GLU E 220 -14.29 34.44 9.38
N ASN E 221 -13.18 33.70 9.36
CA ASN E 221 -12.37 33.56 10.57
C ASN E 221 -11.73 34.88 10.97
N ASP E 222 -11.35 35.70 10.00
CA ASP E 222 -10.81 37.02 10.29
C ASP E 222 -11.88 37.89 10.94
N GLU E 223 -11.44 38.76 11.85
CA GLU E 223 -12.35 39.59 12.62
C GLU E 223 -12.29 41.04 12.13
N TRP E 224 -13.45 41.63 11.93
CA TRP E 224 -13.58 43.01 11.47
C TRP E 224 -14.07 43.89 12.62
N THR E 225 -13.39 45.01 12.84
CA THR E 225 -13.71 45.92 13.94
C THR E 225 -13.92 47.35 13.45
N GLN E 226 -14.28 47.53 12.18
CA GLN E 226 -14.42 48.84 11.59
C GLN E 226 -15.85 49.08 11.12
N ASP E 227 -16.18 50.37 10.96
CA ASP E 227 -17.53 50.74 10.53
C ASP E 227 -17.81 50.26 9.11
N ARG E 228 -16.80 50.17 8.26
CA ARG E 228 -16.99 49.73 6.90
C ARG E 228 -17.38 48.26 6.84
N ALA E 229 -17.86 47.84 5.67
CA ALA E 229 -18.19 46.44 5.47
C ALA E 229 -16.92 45.59 5.45
N LYS E 230 -17.10 44.30 5.69
CA LYS E 230 -15.97 43.39 5.77
C LYS E 230 -15.38 43.16 4.37
N PRO E 231 -14.10 43.44 4.15
CA PRO E 231 -13.50 43.13 2.84
C PRO E 231 -13.35 41.63 2.63
N VAL E 232 -14.48 40.96 2.46
CA VAL E 232 -14.51 39.51 2.35
C VAL E 232 -14.28 39.11 0.89
N THR E 233 -13.80 37.88 0.69
CA THR E 233 -13.70 37.32 -0.65
C THR E 233 -15.07 37.32 -1.31
N GLN E 234 -15.19 38.00 -2.44
CA GLN E 234 -16.50 38.24 -3.04
C GLN E 234 -16.37 38.24 -4.56
N ILE E 235 -17.50 38.40 -5.22
CA ILE E 235 -17.59 38.54 -6.66
C ILE E 235 -18.33 39.83 -6.94
N VAL E 236 -17.63 40.82 -7.49
CA VAL E 236 -18.28 42.07 -7.91
C VAL E 236 -18.56 41.96 -9.39
N SER E 237 -19.61 42.63 -9.86
CA SER E 237 -20.01 42.47 -11.24
C SER E 237 -20.69 43.74 -11.74
N ALA E 238 -20.67 43.90 -13.06
CA ALA E 238 -21.44 44.94 -13.74
C ALA E 238 -21.97 44.33 -15.03
N GLU E 239 -23.08 44.90 -15.53
CA GLU E 239 -23.74 44.29 -16.67
C GLU E 239 -24.34 45.36 -17.58
N ALA E 240 -24.62 44.94 -18.82
CA ALA E 240 -25.22 45.78 -19.84
C ALA E 240 -25.97 44.90 -20.82
N TRP E 241 -26.86 45.53 -21.58
CA TRP E 241 -27.71 44.83 -22.53
C TRP E 241 -27.52 45.40 -23.93
N GLY E 242 -27.86 44.58 -24.92
CA GLY E 242 -27.77 45.02 -26.30
C GLY E 242 -28.77 46.12 -26.63
N ARG E 243 -28.39 46.99 -27.56
CA ARG E 243 -29.23 48.11 -27.95
C ARG E 243 -28.97 48.43 -29.42
N ALA E 244 -29.97 48.21 -30.26
CA ALA E 244 -29.86 48.54 -31.67
C ALA E 244 -29.99 50.04 -31.89
N ASP E 245 -29.38 50.53 -32.97
CA ASP E 245 -29.45 51.94 -33.32
C ASP E 245 -29.09 52.16 -34.78
N SER F 1 25.21 21.29 -11.89
CA SER F 1 24.33 21.02 -10.75
C SER F 1 24.10 22.27 -9.93
N ASP F 2 25.09 23.16 -9.90
CA ASP F 2 25.03 24.34 -9.06
C ASP F 2 24.29 25.51 -9.72
N LYS F 3 24.68 25.88 -10.94
CA LYS F 3 24.18 27.13 -11.50
C LYS F 3 23.81 26.98 -12.98
N VAL F 4 22.77 27.72 -13.35
CA VAL F 4 22.37 27.91 -14.75
C VAL F 4 22.03 29.39 -14.93
N THR F 5 22.50 29.97 -16.03
CA THR F 5 22.41 31.40 -16.25
C THR F 5 21.72 31.68 -17.57
N GLN F 6 20.82 32.68 -17.57
CA GLN F 6 20.13 33.14 -18.77
C GLN F 6 20.62 34.55 -19.06
N SER F 7 21.42 34.70 -20.11
CA SER F 7 22.04 35.99 -20.42
C SER F 7 21.08 36.93 -21.15
N SER F 8 20.24 36.38 -22.03
CA SER F 8 19.39 37.23 -22.87
C SER F 8 18.35 37.96 -22.03
N PRO F 9 18.23 39.27 -22.16
CA PRO F 9 17.18 40.01 -21.44
C PRO F 9 15.82 39.84 -22.12
N ASP F 10 14.78 40.27 -21.39
CA ASP F 10 13.42 40.20 -21.91
C ASP F 10 13.30 41.01 -23.21
N GLN F 11 12.62 40.43 -24.19
CA GLN F 11 12.56 41.01 -25.52
C GLN F 11 11.14 41.03 -26.07
N THR F 12 10.90 42.00 -26.94
CA THR F 12 9.65 42.12 -27.69
C THR F 12 9.95 41.87 -29.15
N VAL F 13 9.30 40.87 -29.73
CA VAL F 13 9.50 40.49 -31.12
C VAL F 13 8.15 40.57 -31.83
N ALA F 14 8.17 40.37 -33.15
CA ALA F 14 6.98 40.40 -33.98
C ALA F 14 6.63 38.98 -34.41
N SER F 15 5.33 38.76 -34.63
CA SER F 15 4.84 37.43 -35.00
C SER F 15 5.41 37.00 -36.35
N GLY F 16 5.68 35.70 -36.48
CA GLY F 16 6.27 35.16 -37.69
C GLY F 16 7.78 35.18 -37.73
N SER F 17 8.43 35.80 -36.76
CA SER F 17 9.87 35.88 -36.71
C SER F 17 10.45 34.67 -35.97
N GLU F 18 11.77 34.58 -35.98
CA GLU F 18 12.51 33.55 -35.26
C GLU F 18 13.16 34.16 -34.04
N VAL F 19 13.01 33.49 -32.89
CA VAL F 19 13.54 34.00 -31.63
C VAL F 19 14.46 32.96 -31.02
N VAL F 20 15.52 33.45 -30.36
CA VAL F 20 16.53 32.62 -29.72
C VAL F 20 16.59 33.00 -28.25
N LEU F 21 16.58 31.99 -27.38
CA LEU F 21 16.68 32.15 -25.94
C LEU F 21 17.98 31.51 -25.47
N LEU F 22 18.80 32.29 -24.77
CA LEU F 22 20.15 31.90 -24.39
C LEU F 22 20.17 31.31 -22.98
N CYS F 23 20.92 30.23 -22.80
CA CYS F 23 21.03 29.57 -21.51
C CYS F 23 22.35 28.82 -21.45
N THR F 24 23.10 29.02 -20.37
CA THR F 24 24.38 28.36 -20.15
C THR F 24 24.38 27.68 -18.79
N TYR F 25 24.83 26.42 -18.75
CA TYR F 25 24.80 25.62 -17.54
C TYR F 25 26.22 25.36 -17.06
N ASP F 26 26.44 25.49 -15.75
CA ASP F 26 27.73 25.17 -15.12
C ASP F 26 27.50 23.93 -14.27
N THR F 27 27.77 22.77 -14.87
CA THR F 27 27.46 21.48 -14.27
C THR F 27 28.72 20.66 -14.06
N VAL F 28 28.61 19.68 -13.17
CA VAL F 28 29.70 18.76 -12.88
C VAL F 28 29.50 17.46 -13.63
N TYR F 29 28.24 17.13 -13.95
CA TYR F 29 27.96 15.87 -14.62
C TYR F 29 28.45 15.90 -16.07
N SER F 30 28.71 14.71 -16.60
CA SER F 30 29.18 14.56 -17.98
C SER F 30 28.03 14.56 -18.98
N ASN F 31 26.90 13.95 -18.61
CA ASN F 31 25.73 13.88 -19.48
C ASN F 31 24.51 14.34 -18.70
N PRO F 32 24.38 15.65 -18.48
CA PRO F 32 23.26 16.16 -17.68
C PRO F 32 21.96 16.12 -18.46
N ASP F 33 20.86 16.21 -17.70
CA ASP F 33 19.52 16.32 -18.27
C ASP F 33 19.06 17.76 -18.09
N LEU F 34 18.78 18.43 -19.20
CA LEU F 34 18.43 19.85 -19.19
C LEU F 34 17.02 20.04 -19.71
N PHE F 35 16.36 21.08 -19.22
CA PHE F 35 14.95 21.30 -19.50
C PHE F 35 14.70 22.77 -19.81
N TRP F 36 13.69 23.00 -20.65
CA TRP F 36 13.15 24.34 -20.91
C TRP F 36 11.68 24.32 -20.55
N TYR F 37 11.26 25.27 -19.73
CA TYR F 37 9.90 25.37 -19.22
C TYR F 37 9.40 26.79 -19.43
N ARG F 38 8.07 26.95 -19.38
CA ARG F 38 7.45 28.25 -19.66
C ARG F 38 6.37 28.54 -18.63
N ILE F 39 6.22 29.82 -18.30
CA ILE F 39 5.13 30.32 -17.48
C ILE F 39 4.37 31.35 -18.32
N ARG F 40 3.08 31.09 -18.53
CA ARG F 40 2.21 31.98 -19.28
C ARG F 40 1.70 33.10 -18.38
N PRO F 41 1.13 34.15 -18.96
CA PRO F 41 0.48 35.18 -18.12
C PRO F 41 -0.62 34.62 -17.22
N ASP F 42 -1.30 33.57 -17.66
CA ASP F 42 -2.27 32.87 -16.81
C ASP F 42 -1.59 31.97 -15.77
N TYR F 43 -0.28 32.09 -15.60
CA TYR F 43 0.51 31.39 -14.59
C TYR F 43 0.56 29.88 -14.79
N SER F 44 0.27 29.41 -16.01
CA SER F 44 0.41 27.99 -16.30
C SER F 44 1.89 27.62 -16.41
N PHE F 45 2.27 26.54 -15.73
CA PHE F 45 3.65 26.04 -15.71
C PHE F 45 3.69 24.80 -16.59
N GLN F 46 4.34 24.91 -17.74
CA GLN F 46 4.28 23.86 -18.75
C GLN F 46 5.68 23.43 -19.16
N PHE F 47 5.81 22.13 -19.45
CA PHE F 47 7.04 21.56 -19.97
C PHE F 47 7.17 21.90 -21.45
N VAL F 48 8.29 22.50 -21.84
CA VAL F 48 8.48 22.92 -23.22
C VAL F 48 9.39 21.93 -23.94
N PHE F 49 10.61 21.75 -23.44
CA PHE F 49 11.58 20.93 -24.14
C PHE F 49 12.49 20.23 -23.15
N TYR F 50 13.07 19.11 -23.57
CA TYR F 50 14.04 18.38 -22.77
C TYR F 50 15.17 17.91 -23.68
N GLY F 51 16.40 18.03 -23.18
CA GLY F 51 17.54 17.56 -23.94
C GLY F 51 18.69 17.08 -23.08
N ASP F 52 19.37 16.04 -23.54
CA ASP F 52 20.65 15.63 -22.98
C ASP F 52 21.64 15.50 -24.13
N ASN F 53 22.82 14.93 -23.86
CA ASN F 53 23.79 14.73 -24.93
C ASN F 53 23.28 13.77 -25.98
N SER F 54 22.47 12.78 -25.60
CA SER F 54 22.06 11.74 -26.53
C SER F 54 20.78 12.07 -27.28
N ARG F 55 19.75 12.55 -26.60
CA ARG F 55 18.42 12.70 -27.19
C ARG F 55 17.94 14.15 -27.09
N SER F 56 16.75 14.40 -27.65
CA SER F 56 16.14 15.71 -27.64
C SER F 56 14.66 15.54 -27.95
N GLU F 57 13.79 15.86 -26.99
CA GLU F 57 12.36 15.68 -27.19
C GLU F 57 11.57 16.88 -26.67
N GLY F 58 10.53 17.26 -27.41
CA GLY F 58 9.71 18.39 -27.08
C GLY F 58 8.28 17.99 -26.75
N ALA F 59 7.50 19.00 -26.35
CA ALA F 59 6.11 18.79 -25.99
C ALA F 59 5.25 18.57 -27.25
N ASP F 60 4.02 18.12 -27.01
CA ASP F 60 3.11 17.86 -28.12
C ASP F 60 2.60 19.14 -28.77
N PHE F 61 2.46 20.21 -27.98
CA PHE F 61 1.90 21.46 -28.48
C PHE F 61 2.88 22.25 -29.34
N THR F 62 4.18 21.90 -29.31
CA THR F 62 5.17 22.64 -30.08
C THR F 62 4.91 22.53 -31.58
N GLN F 63 4.59 21.33 -32.06
CA GLN F 63 4.24 21.10 -33.46
C GLN F 63 5.34 21.57 -34.40
N GLY F 64 6.56 21.06 -34.17
CA GLY F 64 7.69 21.36 -35.02
C GLY F 64 8.18 22.79 -35.00
N ARG F 65 7.49 23.69 -34.29
CA ARG F 65 7.88 25.10 -34.24
C ARG F 65 9.00 25.36 -33.24
N PHE F 66 9.31 24.41 -32.38
CA PHE F 66 10.31 24.58 -31.33
C PHE F 66 11.48 23.64 -31.56
N SER F 67 12.70 24.14 -31.38
CA SER F 67 13.90 23.34 -31.49
C SER F 67 14.90 23.80 -30.44
N VAL F 68 15.93 22.98 -30.22
CA VAL F 68 16.97 23.30 -29.25
C VAL F 68 18.34 23.12 -29.91
N LYS F 69 19.22 24.09 -29.64
CA LYS F 69 20.62 24.02 -30.03
C LYS F 69 21.41 23.61 -28.79
N HIS F 70 21.90 22.37 -28.78
CA HIS F 70 22.69 21.84 -27.68
C HIS F 70 24.14 21.71 -28.14
N ILE F 71 24.98 22.63 -27.69
CA ILE F 71 26.41 22.62 -28.01
C ILE F 71 27.16 22.23 -26.75
N LEU F 72 27.87 21.10 -26.82
CA LEU F 72 28.54 20.57 -25.64
C LEU F 72 29.78 21.38 -25.30
N THR F 73 30.56 21.78 -26.30
CA THR F 73 31.83 22.47 -26.05
C THR F 73 31.60 23.81 -25.36
N GLN F 74 30.59 24.55 -25.80
CA GLN F 74 30.29 25.87 -25.25
C GLN F 74 29.35 25.82 -24.05
N LYS F 75 28.94 24.63 -23.61
CA LYS F 75 27.99 24.47 -22.51
C LYS F 75 26.70 25.24 -22.81
N ALA F 76 26.22 25.15 -24.04
CA ALA F 76 25.12 25.99 -24.51
C ALA F 76 23.88 25.17 -24.77
N PHE F 77 22.75 25.65 -24.28
CA PHE F 77 21.43 25.04 -24.45
C PHE F 77 20.47 26.15 -24.84
N HIS F 78 20.35 26.42 -26.14
CA HIS F 78 19.58 27.55 -26.64
C HIS F 78 18.25 27.07 -27.19
N LEU F 79 17.20 27.85 -26.94
CA LEU F 79 15.87 27.55 -27.48
C LEU F 79 15.63 28.38 -28.73
N VAL F 80 15.17 27.74 -29.80
CA VAL F 80 14.87 28.45 -31.05
C VAL F 80 13.40 28.21 -31.40
N ILE F 81 12.66 29.30 -31.61
CA ILE F 81 11.29 29.26 -32.09
C ILE F 81 11.28 29.88 -33.48
N SER F 82 11.07 29.05 -34.51
CA SER F 82 11.12 29.52 -35.88
C SER F 82 9.84 30.30 -36.23
N PRO F 83 8.63 29.72 -36.14
CA PRO F 83 7.43 30.57 -36.18
C PRO F 83 6.99 31.00 -34.79
N VAL F 84 6.89 32.31 -34.55
CA VAL F 84 6.42 32.82 -33.27
C VAL F 84 4.99 33.31 -33.44
N ARG F 85 4.16 33.03 -32.45
CA ARG F 85 2.75 33.39 -32.48
C ARG F 85 2.39 34.12 -31.19
N THR F 86 1.29 34.86 -31.24
CA THR F 86 0.84 35.62 -30.07
C THR F 86 0.47 34.70 -28.91
N GLU F 87 0.24 33.42 -29.19
CA GLU F 87 -0.04 32.43 -28.14
C GLU F 87 1.23 31.94 -27.44
N ASP F 88 2.38 32.59 -27.68
CA ASP F 88 3.63 32.17 -27.10
C ASP F 88 4.27 33.21 -26.18
N SER F 89 3.71 34.42 -26.10
CA SER F 89 4.27 35.45 -25.23
C SER F 89 4.19 35.01 -23.78
N ALA F 90 5.35 34.85 -23.14
CA ALA F 90 5.42 34.26 -21.82
C ALA F 90 6.85 34.42 -21.28
N THR F 91 7.08 33.93 -20.07
CA THR F 91 8.39 33.95 -19.44
C THR F 91 8.97 32.55 -19.45
N TYR F 92 10.14 32.38 -20.07
CA TYR F 92 10.75 31.09 -20.26
C TYR F 92 11.94 30.93 -19.32
N TYR F 93 12.04 29.74 -18.74
CA TYR F 93 13.11 29.40 -17.80
C TYR F 93 13.81 28.13 -18.28
N CYS F 94 15.10 28.03 -18.01
CA CYS F 94 15.86 26.83 -18.31
C CYS F 94 16.39 26.24 -17.00
N ALA F 95 16.34 24.92 -16.91
CA ALA F 95 16.57 24.24 -15.65
C ALA F 95 17.48 23.02 -15.85
N THR F 96 18.12 22.64 -14.75
CA THR F 96 18.94 21.44 -14.69
C THR F 96 18.44 20.54 -13.57
N ARG F 97 18.58 19.23 -13.78
CA ARG F 97 18.12 18.21 -12.86
C ARG F 97 19.29 17.66 -12.05
N LEU F 98 19.13 17.63 -10.73
CA LEU F 98 20.14 17.11 -9.82
C LEU F 98 19.70 15.75 -9.30
N TRP F 99 20.58 14.76 -9.38
CA TRP F 99 20.24 13.41 -8.96
C TRP F 99 20.50 13.29 -7.45
N LEU F 100 19.46 12.93 -6.71
CA LEU F 100 19.58 12.62 -5.28
C LEU F 100 18.72 11.40 -4.99
N GLY F 101 19.35 10.30 -4.60
CA GLY F 101 18.60 9.09 -4.26
C GLY F 101 17.74 8.61 -5.41
N ASP F 102 16.47 8.38 -5.12
CA ASP F 102 15.52 7.97 -6.14
C ASP F 102 15.33 9.09 -7.17
N PRO F 103 15.15 8.75 -8.45
CA PRO F 103 14.90 9.80 -9.45
C PRO F 103 13.67 10.63 -9.15
N HIS F 104 12.67 10.07 -8.49
CA HIS F 104 11.47 10.82 -8.14
C HIS F 104 11.73 11.86 -7.06
N THR F 105 12.90 11.86 -6.43
CA THR F 105 13.23 12.80 -5.37
C THR F 105 14.13 13.92 -5.84
N ASP F 106 14.35 14.05 -7.15
CA ASP F 106 15.32 14.99 -7.68
C ASP F 106 14.81 16.43 -7.55
N LYS F 107 15.66 17.37 -7.99
CA LYS F 107 15.36 18.79 -7.92
C LYS F 107 15.75 19.44 -9.25
N LEU F 108 14.97 20.46 -9.63
CA LEU F 108 15.26 21.27 -10.81
C LEU F 108 15.70 22.66 -10.35
N ILE F 109 16.77 23.15 -10.96
CA ILE F 109 17.27 24.50 -10.69
C ILE F 109 17.10 25.33 -11.95
N PHE F 110 16.47 26.50 -11.80
CA PHE F 110 16.06 27.37 -12.89
C PHE F 110 16.92 28.62 -12.96
N GLY F 111 16.98 29.20 -14.16
CA GLY F 111 17.54 30.52 -14.32
C GLY F 111 16.51 31.61 -14.04
N LYS F 112 17.00 32.86 -13.98
CA LYS F 112 16.11 33.96 -13.64
C LYS F 112 15.02 34.18 -14.68
N GLY F 113 15.22 33.72 -15.90
CA GLY F 113 14.13 33.71 -16.87
C GLY F 113 14.21 34.86 -17.85
N THR F 114 13.72 34.62 -19.06
CA THR F 114 13.63 35.63 -20.10
C THR F 114 12.18 35.76 -20.55
N ARG F 115 11.67 36.98 -20.56
CA ARG F 115 10.27 37.24 -20.91
C ARG F 115 10.21 37.70 -22.36
N VAL F 116 9.46 36.96 -23.18
CA VAL F 116 9.34 37.25 -24.60
C VAL F 116 7.89 37.62 -24.89
N THR F 117 7.71 38.75 -25.59
CA THR F 117 6.38 39.22 -25.96
C THR F 117 6.28 39.23 -27.48
N VAL F 118 5.33 38.49 -28.02
CA VAL F 118 5.15 38.32 -29.46
C VAL F 118 4.03 39.25 -29.90
N GLU F 119 4.41 40.44 -30.37
CA GLU F 119 3.44 41.37 -30.93
C GLU F 119 2.92 40.84 -32.27
N PRO F 120 1.67 41.14 -32.62
CA PRO F 120 1.12 40.67 -33.89
C PRO F 120 1.44 41.62 -35.04
N ASN F 121 1.21 41.11 -36.25
CA ASN F 121 1.44 41.88 -37.47
C ASN F 121 0.10 42.44 -37.96
N ILE F 122 -0.08 43.74 -37.78
CA ILE F 122 -1.29 44.42 -38.21
C ILE F 122 -1.08 44.93 -39.64
N GLN F 123 -1.71 44.25 -40.61
CA GLN F 123 -1.49 44.61 -42.00
C GLN F 123 -2.14 45.94 -42.35
N ASN F 124 -3.33 46.22 -41.80
CA ASN F 124 -4.12 47.40 -42.16
C ASN F 124 -4.44 48.18 -40.89
N PRO F 125 -3.48 48.93 -40.35
CA PRO F 125 -3.75 49.73 -39.15
C PRO F 125 -4.82 50.77 -39.41
N ASP F 126 -5.68 50.96 -38.42
CA ASP F 126 -6.73 51.99 -38.45
C ASP F 126 -6.73 52.72 -37.12
N PRO F 127 -5.67 53.47 -36.82
CA PRO F 127 -5.54 54.08 -35.48
C PRO F 127 -6.70 55.02 -35.20
N ALA F 128 -7.48 54.69 -34.17
CA ALA F 128 -8.70 55.44 -33.90
C ALA F 128 -8.86 55.67 -32.39
N VAL F 129 -9.38 56.84 -32.05
CA VAL F 129 -9.66 57.22 -30.66
C VAL F 129 -11.16 57.46 -30.55
N TYR F 130 -11.81 56.72 -29.66
CA TYR F 130 -13.25 56.78 -29.45
C TYR F 130 -13.55 57.16 -28.01
N GLN F 131 -14.72 57.75 -27.79
CA GLN F 131 -15.20 58.10 -26.46
C GLN F 131 -16.33 57.15 -26.09
N LEU F 132 -16.08 56.28 -25.11
CA LEU F 132 -17.07 55.30 -24.71
C LEU F 132 -18.14 55.94 -23.83
N ARG F 133 -19.35 55.41 -23.93
CA ARG F 133 -20.47 55.96 -23.17
C ARG F 133 -20.26 55.75 -21.67
N ASP F 134 -20.56 56.78 -20.90
CA ASP F 134 -20.37 56.77 -19.45
C ASP F 134 -21.48 55.98 -18.77
N SER F 135 -21.09 55.02 -17.93
CA SER F 135 -22.06 54.29 -17.12
C SER F 135 -22.62 55.20 -16.04
N LYS F 136 -23.92 55.03 -15.75
CA LYS F 136 -24.60 55.86 -14.76
C LYS F 136 -24.13 55.64 -13.33
N SER F 137 -23.10 54.84 -13.10
CA SER F 137 -22.54 54.63 -11.78
C SER F 137 -21.16 55.24 -11.61
N SER F 138 -20.47 55.54 -12.69
CA SER F 138 -19.14 56.14 -12.66
C SER F 138 -19.22 57.64 -12.88
N ASP F 139 -18.20 58.34 -12.40
CA ASP F 139 -18.08 59.79 -12.53
C ASP F 139 -17.06 60.19 -13.57
N LYS F 140 -16.60 59.25 -14.40
CA LYS F 140 -15.49 59.48 -15.31
C LYS F 140 -15.92 59.26 -16.75
N SER F 141 -15.08 59.70 -17.68
CA SER F 141 -15.25 59.49 -19.11
C SER F 141 -14.07 58.71 -19.65
N VAL F 142 -14.34 57.77 -20.55
CA VAL F 142 -13.36 56.79 -21.00
C VAL F 142 -13.04 57.04 -22.47
N CYS F 143 -11.75 57.12 -22.79
CA CYS F 143 -11.27 57.22 -24.16
C CYS F 143 -10.47 55.97 -24.51
N LEU F 144 -10.72 55.42 -25.70
CA LEU F 144 -10.07 54.19 -26.15
C LEU F 144 -9.31 54.45 -27.44
N PHE F 145 -8.05 54.04 -27.47
CA PHE F 145 -7.22 54.11 -28.66
C PHE F 145 -6.99 52.69 -29.16
N THR F 146 -7.32 52.43 -30.42
CA THR F 146 -7.33 51.06 -30.91
C THR F 146 -6.97 50.98 -32.37
N ASP F 147 -6.65 49.76 -32.80
CA ASP F 147 -6.35 49.39 -34.19
C ASP F 147 -5.10 50.13 -34.70
N PHE F 148 -3.98 49.91 -34.01
CA PHE F 148 -2.71 50.46 -34.42
C PHE F 148 -1.69 49.33 -34.55
N ASP F 149 -0.65 49.59 -35.34
CA ASP F 149 0.39 48.59 -35.56
C ASP F 149 1.22 48.42 -34.28
N SER F 150 1.93 47.30 -34.22
CA SER F 150 2.73 46.99 -33.04
C SER F 150 3.91 47.93 -32.86
N GLN F 151 4.36 48.60 -33.92
CA GLN F 151 5.57 49.42 -33.81
C GLN F 151 5.36 50.66 -32.97
N THR F 152 4.18 51.29 -33.05
CA THR F 152 3.92 52.47 -32.23
C THR F 152 3.79 52.07 -30.76
N ASN F 153 4.47 52.81 -29.89
CA ASN F 153 4.51 52.51 -28.47
C ASN F 153 3.77 53.59 -27.68
N VAL F 154 3.02 53.16 -26.67
CA VAL F 154 2.20 54.04 -25.85
C VAL F 154 2.98 54.40 -24.59
N SER F 155 2.83 55.64 -24.15
CA SER F 155 3.49 56.14 -22.95
C SER F 155 2.45 56.70 -21.98
N GLN F 156 2.86 56.81 -20.72
CA GLN F 156 1.95 57.26 -19.68
C GLN F 156 1.67 58.76 -19.82
N SER F 157 0.71 59.23 -19.02
CA SER F 157 0.26 60.62 -19.11
C SER F 157 1.15 61.53 -18.28
N LYS F 158 1.02 62.84 -18.55
CA LYS F 158 1.77 63.83 -17.80
C LYS F 158 1.14 64.10 -16.44
N ASP F 159 -0.15 64.41 -16.42
CA ASP F 159 -0.84 64.71 -15.16
C ASP F 159 -1.21 63.42 -14.44
N SER F 160 -1.01 63.41 -13.13
CA SER F 160 -1.32 62.24 -12.31
C SER F 160 -2.81 62.04 -12.11
N ASP F 161 -3.64 63.02 -12.47
CA ASP F 161 -5.08 62.87 -12.37
C ASP F 161 -5.69 62.10 -13.53
N VAL F 162 -4.89 61.75 -14.54
CA VAL F 162 -5.34 61.00 -15.70
C VAL F 162 -4.63 59.65 -15.70
N TYR F 163 -5.40 58.58 -15.82
CA TYR F 163 -4.88 57.22 -15.79
C TYR F 163 -4.93 56.61 -17.18
N ILE F 164 -3.80 56.07 -17.63
CA ILE F 164 -3.65 55.46 -18.95
C ILE F 164 -3.00 54.10 -18.79
N THR F 165 -3.60 53.08 -19.41
CA THR F 165 -3.06 51.73 -19.35
C THR F 165 -2.08 51.51 -20.51
N ASP F 166 -1.54 50.30 -20.59
CA ASP F 166 -0.57 49.94 -21.62
C ASP F 166 -1.25 49.13 -22.73
N LYS F 167 -0.44 48.61 -23.65
CA LYS F 167 -0.95 47.91 -24.82
C LYS F 167 -1.58 46.57 -24.42
N CYS F 168 -2.48 46.10 -25.29
CA CYS F 168 -3.19 44.85 -25.07
C CYS F 168 -3.57 44.26 -26.43
N VAL F 169 -3.38 42.95 -26.59
CA VAL F 169 -3.61 42.27 -27.85
C VAL F 169 -4.77 41.29 -27.66
N LEU F 170 -5.84 41.48 -28.43
CA LEU F 170 -7.02 40.64 -28.35
C LEU F 170 -7.29 40.01 -29.72
N ASP F 171 -7.57 38.71 -29.72
CA ASP F 171 -7.77 37.94 -30.95
C ASP F 171 -9.22 37.47 -31.02
N MET F 172 -10.00 38.08 -31.92
CA MET F 172 -11.31 37.55 -32.30
C MET F 172 -11.08 36.31 -33.15
N ARG F 173 -11.32 35.14 -32.55
CA ARG F 173 -11.01 33.88 -33.22
C ARG F 173 -12.00 33.60 -34.35
N SER F 174 -13.27 33.93 -34.14
CA SER F 174 -14.29 33.70 -35.18
C SER F 174 -13.99 34.51 -36.43
N MET F 175 -13.59 35.78 -36.26
CA MET F 175 -13.24 36.64 -37.37
C MET F 175 -11.76 36.57 -37.73
N ASP F 176 -10.97 35.81 -36.97
CA ASP F 176 -9.53 35.66 -37.21
C ASP F 176 -8.82 37.01 -37.27
N PHE F 177 -9.21 37.91 -36.37
CA PHE F 177 -8.71 39.29 -36.41
C PHE F 177 -8.12 39.67 -35.06
N LYS F 178 -6.86 40.10 -35.04
CA LYS F 178 -6.19 40.51 -33.82
C LYS F 178 -6.03 42.02 -33.81
N SER F 179 -6.26 42.64 -32.66
CA SER F 179 -6.23 44.09 -32.54
C SER F 179 -5.55 44.50 -31.25
N ASN F 180 -5.02 45.72 -31.26
CA ASN F 180 -4.40 46.36 -30.11
C ASN F 180 -5.35 47.40 -29.52
N SER F 181 -5.13 47.71 -28.24
CA SER F 181 -6.03 48.64 -27.56
C SER F 181 -5.32 49.27 -26.36
N ALA F 182 -5.79 50.46 -25.99
CA ALA F 182 -5.32 51.17 -24.81
C ALA F 182 -6.46 52.04 -24.29
N VAL F 183 -6.59 52.10 -22.96
CA VAL F 183 -7.68 52.80 -22.32
C VAL F 183 -7.13 53.97 -21.53
N ALA F 184 -7.95 55.03 -21.39
CA ALA F 184 -7.58 56.20 -20.62
C ALA F 184 -8.83 56.79 -19.98
N TRP F 185 -8.68 57.34 -18.77
CA TRP F 185 -9.79 58.01 -18.10
C TRP F 185 -9.24 59.06 -17.15
N SER F 186 -10.13 59.93 -16.69
CA SER F 186 -9.79 61.01 -15.76
C SER F 186 -11.08 61.58 -15.20
N ASN F 187 -10.92 62.52 -14.25
CA ASN F 187 -12.04 63.18 -13.59
C ASN F 187 -12.12 64.67 -13.86
N LYS F 188 -11.03 65.32 -14.23
CA LYS F 188 -11.02 66.76 -14.38
C LYS F 188 -11.91 67.20 -15.54
N SER F 189 -12.47 68.40 -15.41
CA SER F 189 -13.40 68.94 -16.40
C SER F 189 -12.71 69.36 -17.69
N ASP F 190 -11.39 69.49 -17.69
CA ASP F 190 -10.63 69.85 -18.89
C ASP F 190 -10.08 68.61 -19.59
N PHE F 191 -10.77 67.49 -19.50
CA PHE F 191 -10.31 66.22 -20.05
C PHE F 191 -11.16 65.87 -21.27
N ALA F 192 -10.50 65.64 -22.40
CA ALA F 192 -11.16 65.24 -23.63
C ALA F 192 -10.30 64.21 -24.34
N CYS F 193 -10.93 63.42 -25.21
CA CYS F 193 -10.20 62.39 -25.93
C CYS F 193 -9.15 62.98 -26.86
N ALA F 194 -9.32 64.24 -27.27
CA ALA F 194 -8.32 64.88 -28.14
C ALA F 194 -6.98 65.01 -27.44
N ASN F 195 -7.00 65.40 -26.16
CA ASN F 195 -5.78 65.58 -25.38
C ASN F 195 -5.48 64.36 -24.50
N ALA F 196 -6.22 63.27 -24.68
CA ALA F 196 -6.03 62.11 -23.82
C ALA F 196 -4.66 61.48 -24.00
N PHE F 197 -4.23 61.32 -25.26
CA PHE F 197 -2.96 60.67 -25.59
C PHE F 197 -1.94 61.67 -26.10
N ASN F 198 -1.97 62.91 -25.58
CA ASN F 198 -1.04 63.94 -26.03
C ASN F 198 0.40 63.64 -25.65
N ASN F 199 0.62 62.78 -24.66
CA ASN F 199 1.96 62.49 -24.17
C ASN F 199 2.63 61.34 -24.90
N SER F 200 1.99 60.76 -25.91
CA SER F 200 2.55 59.65 -26.66
C SER F 200 2.77 60.07 -28.11
N ILE F 201 3.53 59.25 -28.83
CA ILE F 201 3.80 59.48 -30.26
C ILE F 201 2.62 58.95 -31.05
N ILE F 202 1.70 59.84 -31.40
CA ILE F 202 0.49 59.45 -32.12
C ILE F 202 0.79 59.39 -33.61
N PRO F 203 0.33 58.35 -34.31
CA PRO F 203 0.49 58.31 -35.77
C PRO F 203 -0.21 59.48 -36.44
N GLU F 204 0.32 59.88 -37.59
CA GLU F 204 -0.27 60.99 -38.32
C GLU F 204 -1.69 60.66 -38.78
N ASP F 205 -1.94 59.41 -39.14
CA ASP F 205 -3.26 58.98 -39.62
C ASP F 205 -4.09 58.42 -38.46
N THR F 206 -4.39 59.29 -37.50
CA THR F 206 -5.23 58.94 -36.36
C THR F 206 -6.61 59.55 -36.54
N PHE F 207 -7.64 58.70 -36.44
CA PHE F 207 -9.02 59.16 -36.54
C PHE F 207 -9.45 59.82 -35.25
N PHE F 208 -10.01 61.03 -35.35
CA PHE F 208 -10.50 61.78 -34.20
C PHE F 208 -11.94 62.17 -34.46
N PRO F 209 -12.86 61.20 -34.36
CA PRO F 209 -14.28 61.52 -34.64
C PRO F 209 -14.84 62.52 -33.64
N SER F 210 -15.67 63.41 -34.14
CA SER F 210 -16.31 64.31 -33.18
C SER F 210 -17.63 63.71 -32.69
N PRO F 211 -18.05 64.08 -31.49
CA PRO F 211 -19.38 63.63 -31.00
C PRO F 211 -20.48 64.05 -31.96
N GLU F 212 -21.16 63.05 -32.53
CA GLU F 212 -22.21 63.32 -33.50
C GLU F 212 -23.43 63.96 -32.84
N MET G 1 31.32 10.41 -24.87
CA MET G 1 30.31 9.39 -25.13
C MET G 1 30.90 7.98 -25.06
N ARG G 2 30.38 7.18 -24.14
CA ARG G 2 30.78 5.78 -23.99
C ARG G 2 29.53 4.93 -23.89
N THR G 3 29.64 3.68 -24.37
CA THR G 3 28.50 2.77 -24.34
C THR G 3 28.31 2.29 -22.90
N HIS G 4 27.24 2.75 -22.26
CA HIS G 4 26.90 2.34 -20.91
C HIS G 4 25.60 1.55 -20.92
N SER G 5 25.44 0.67 -19.93
CA SER G 5 24.33 -0.28 -19.93
C SER G 5 23.98 -0.66 -18.51
N LEU G 6 22.74 -0.40 -18.11
CA LEU G 6 22.20 -0.85 -16.83
C LEU G 6 21.33 -2.08 -17.08
N ARG G 7 21.49 -3.10 -16.24
CA ARG G 7 20.78 -4.36 -16.43
C ARG G 7 20.41 -4.94 -15.07
N TYR G 8 19.31 -5.69 -15.05
CA TYR G 8 18.87 -6.46 -13.89
C TYR G 8 18.48 -7.86 -14.36
N PHE G 9 19.00 -8.88 -13.69
CA PHE G 9 18.77 -10.27 -14.03
C PHE G 9 18.13 -10.99 -12.86
N ARG G 10 17.14 -11.83 -13.17
CA ARG G 10 16.46 -12.67 -12.19
C ARG G 10 16.51 -14.11 -12.68
N LEU G 11 16.78 -15.04 -11.77
CA LEU G 11 16.94 -16.44 -12.14
C LEU G 11 16.31 -17.33 -11.08
N GLY G 12 15.62 -18.38 -11.53
CA GLY G 12 15.05 -19.36 -10.63
C GLY G 12 15.21 -20.75 -11.20
N VAL G 13 15.28 -21.73 -10.30
CA VAL G 13 15.46 -23.13 -10.66
C VAL G 13 14.64 -23.99 -9.72
N SER G 14 14.01 -25.03 -10.27
CA SER G 14 13.16 -25.94 -9.49
C SER G 14 13.97 -27.13 -8.99
N ASP G 15 13.75 -27.48 -7.73
CA ASP G 15 14.42 -28.60 -7.08
C ASP G 15 15.94 -28.58 -7.29
N PRO G 16 16.63 -27.54 -6.84
CA PRO G 16 18.06 -27.42 -7.12
C PRO G 16 18.89 -28.21 -6.12
N ILE G 17 20.20 -28.27 -6.42
CA ILE G 17 21.16 -28.79 -5.46
C ILE G 17 21.16 -27.89 -4.24
N HIS G 18 21.22 -28.51 -3.05
CA HIS G 18 21.04 -27.76 -1.81
C HIS G 18 22.06 -26.64 -1.66
N GLY G 19 23.22 -26.76 -2.30
CA GLY G 19 24.15 -25.64 -2.35
C GLY G 19 23.62 -24.48 -3.15
N VAL G 20 22.97 -24.76 -4.27
CA VAL G 20 22.44 -23.71 -5.14
C VAL G 20 21.14 -23.18 -4.54
N PRO G 21 20.96 -21.86 -4.44
CA PRO G 21 19.68 -21.32 -3.98
C PRO G 21 18.57 -21.53 -4.98
N GLU G 22 17.37 -21.03 -4.68
CA GLU G 22 16.23 -21.19 -5.58
C GLU G 22 15.96 -19.96 -6.44
N PHE G 23 16.21 -18.76 -5.93
CA PHE G 23 15.97 -17.54 -6.66
C PHE G 23 17.10 -16.56 -6.38
N ILE G 24 17.58 -15.88 -7.42
CA ILE G 24 18.64 -14.90 -7.26
C ILE G 24 18.41 -13.76 -8.25
N SER G 25 18.67 -12.53 -7.79
CA SER G 25 18.56 -11.35 -8.63
C SER G 25 19.82 -10.51 -8.47
N VAL G 26 20.43 -10.13 -9.60
CA VAL G 26 21.67 -9.37 -9.61
C VAL G 26 21.58 -8.28 -10.65
N GLY G 27 22.04 -7.08 -10.30
CA GLY G 27 22.11 -5.98 -11.23
C GLY G 27 23.52 -5.72 -11.68
N TYR G 28 23.66 -5.12 -12.87
CA TYR G 28 24.96 -4.84 -13.44
C TYR G 28 24.98 -3.50 -14.15
N VAL G 29 25.96 -2.67 -13.80
CA VAL G 29 26.25 -1.43 -14.52
C VAL G 29 27.50 -1.69 -15.34
N ASP G 30 27.33 -1.76 -16.67
CA ASP G 30 28.45 -1.97 -17.58
C ASP G 30 29.24 -3.22 -17.21
N SER G 31 28.51 -4.31 -16.91
CA SER G 31 29.03 -5.62 -16.53
C SER G 31 29.65 -5.63 -15.13
N HIS G 32 29.56 -4.53 -14.37
CA HIS G 32 30.05 -4.58 -12.99
C HIS G 32 28.88 -4.76 -12.02
N PRO G 33 28.97 -5.69 -11.07
CA PRO G 33 27.82 -5.96 -10.18
C PRO G 33 27.45 -4.73 -9.38
N ILE G 34 26.14 -4.54 -9.19
CA ILE G 34 25.63 -3.35 -8.50
C ILE G 34 24.80 -3.74 -7.27
N THR G 35 24.12 -4.89 -7.34
CA THR G 35 23.22 -5.32 -6.29
C THR G 35 23.17 -6.84 -6.26
N THR G 36 22.67 -7.39 -5.15
CA THR G 36 22.53 -8.83 -5.02
C THR G 36 21.41 -9.15 -4.05
N TYR G 37 20.50 -10.04 -4.48
CA TYR G 37 19.44 -10.58 -3.63
C TYR G 37 19.29 -12.05 -3.96
N ASP G 38 19.11 -12.87 -2.92
CA ASP G 38 18.94 -14.31 -3.11
C ASP G 38 17.88 -14.83 -2.15
N SER G 39 17.36 -16.02 -2.47
CA SER G 39 16.29 -16.60 -1.66
C SER G 39 16.77 -16.96 -0.27
N VAL G 40 18.05 -17.27 -0.10
CA VAL G 40 18.56 -17.66 1.22
C VAL G 40 18.53 -16.49 2.18
N THR G 41 19.03 -15.33 1.75
CA THR G 41 19.09 -14.16 2.63
C THR G 41 17.80 -13.35 2.65
N ARG G 42 17.04 -13.36 1.56
CA ARG G 42 15.81 -12.56 1.44
C ARG G 42 16.10 -11.09 1.76
N GLN G 43 17.23 -10.59 1.27
CA GLN G 43 17.67 -9.24 1.55
C GLN G 43 18.50 -8.72 0.37
N LYS G 44 18.18 -7.52 -0.10
CA LYS G 44 18.92 -6.88 -1.18
C LYS G 44 20.07 -6.09 -0.58
N GLU G 45 21.29 -6.35 -1.05
CA GLU G 45 22.49 -5.74 -0.51
C GLU G 45 23.42 -5.32 -1.64
N PRO G 46 24.20 -4.26 -1.44
CA PRO G 46 25.11 -3.80 -2.50
C PRO G 46 26.31 -4.73 -2.65
N ARG G 47 26.91 -4.67 -3.84
CA ARG G 47 28.16 -5.34 -4.15
C ARG G 47 29.21 -4.34 -4.62
N ALA G 48 29.06 -3.07 -4.21
CA ALA G 48 29.99 -2.00 -4.51
C ALA G 48 29.96 -1.03 -3.34
N PRO G 49 31.10 -0.53 -2.89
CA PRO G 49 31.10 0.32 -1.69
C PRO G 49 30.47 1.68 -1.94
N TRP G 50 30.69 2.27 -3.13
CA TRP G 50 30.12 3.57 -3.42
C TRP G 50 28.59 3.50 -3.49
N MET G 51 28.04 2.37 -3.93
CA MET G 51 26.59 2.22 -3.95
C MET G 51 26.01 2.25 -2.55
N ALA G 52 26.68 1.60 -1.59
CA ALA G 52 26.22 1.68 -0.20
C ALA G 52 26.46 3.06 0.38
N GLU G 53 27.50 3.75 -0.09
CA GLU G 53 27.81 5.09 0.42
C GLU G 53 26.81 6.13 -0.05
N ASN G 54 26.25 5.96 -1.25
CA ASN G 54 25.44 7.00 -1.89
C ASN G 54 23.95 6.69 -1.88
N LEU G 55 23.51 5.65 -1.18
CA LEU G 55 22.10 5.26 -1.14
C LEU G 55 21.55 5.30 0.27
N ALA G 56 20.31 5.76 0.40
CA ALA G 56 19.59 5.76 1.66
C ALA G 56 19.10 4.35 2.01
N PRO G 57 19.03 4.03 3.31
CA PRO G 57 18.63 2.66 3.71
C PRO G 57 17.20 2.28 3.31
N ASP G 58 16.29 3.26 3.25
CA ASP G 58 14.91 2.96 2.92
C ASP G 58 14.81 2.37 1.52
N HIS G 59 15.72 2.75 0.62
CA HIS G 59 15.78 2.13 -0.70
C HIS G 59 15.97 0.62 -0.57
N TRP G 60 16.93 0.20 0.25
CA TRP G 60 17.16 -1.23 0.44
C TRP G 60 15.95 -1.90 1.05
N GLU G 61 15.30 -1.26 2.03
CA GLU G 61 14.11 -1.88 2.63
C GLU G 61 13.00 -2.08 1.60
N ARG G 62 12.65 -1.01 0.88
CA ARG G 62 11.58 -1.06 -0.10
C ARG G 62 11.86 -2.09 -1.18
N TYR G 63 13.05 -2.06 -1.77
CA TYR G 63 13.35 -2.99 -2.84
C TYR G 63 13.50 -4.42 -2.33
N THR G 64 13.87 -4.61 -1.06
CA THR G 64 13.83 -5.95 -0.49
C THR G 64 12.41 -6.48 -0.45
N GLN G 65 11.45 -5.64 -0.03
CA GLN G 65 10.05 -6.06 -0.05
C GLN G 65 9.59 -6.40 -1.47
N LEU G 66 9.92 -5.52 -2.43
CA LEU G 66 9.51 -5.74 -3.82
C LEU G 66 10.11 -7.03 -4.37
N LEU G 67 11.38 -7.31 -4.07
CA LEU G 67 12.00 -8.51 -4.58
C LEU G 67 11.51 -9.76 -3.85
N ARG G 68 11.07 -9.64 -2.59
CA ARG G 68 10.36 -10.75 -1.96
C ARG G 68 9.11 -11.11 -2.74
N GLY G 69 8.29 -10.10 -3.04
CA GLY G 69 7.09 -10.37 -3.84
C GLY G 69 7.42 -10.94 -5.21
N TRP G 70 8.47 -10.42 -5.84
CA TRP G 70 8.85 -10.90 -7.17
C TRP G 70 9.38 -12.32 -7.13
N GLN G 71 10.10 -12.70 -6.06
CA GLN G 71 10.52 -14.09 -5.89
C GLN G 71 9.32 -15.01 -5.75
N GLN G 72 8.34 -14.60 -4.95
CA GLN G 72 7.13 -15.41 -4.80
C GLN G 72 6.43 -15.60 -6.13
N MET G 73 6.33 -14.52 -6.92
CA MET G 73 5.71 -14.63 -8.25
C MET G 73 6.56 -15.51 -9.18
N PHE G 74 7.88 -15.40 -9.09
CA PHE G 74 8.78 -16.15 -9.96
C PHE G 74 8.63 -17.65 -9.77
N LYS G 75 8.53 -18.09 -8.51
CA LYS G 75 8.40 -19.53 -8.25
C LYS G 75 7.15 -20.10 -8.90
N VAL G 76 6.00 -19.44 -8.70
CA VAL G 76 4.75 -19.95 -9.25
C VAL G 76 4.75 -19.84 -10.77
N GLU G 77 5.38 -18.81 -11.34
CA GLU G 77 5.46 -18.72 -12.79
C GLU G 77 6.25 -19.88 -13.38
N LEU G 78 7.40 -20.22 -12.76
CA LEU G 78 8.17 -21.35 -13.24
C LEU G 78 7.39 -22.66 -13.08
N LYS G 79 6.66 -22.80 -11.98
CA LYS G 79 5.84 -23.99 -11.79
C LYS G 79 4.76 -24.10 -12.86
N ARG G 80 4.12 -22.98 -13.21
CA ARG G 80 3.12 -23.00 -14.27
C ARG G 80 3.73 -23.37 -15.62
N LEU G 81 4.92 -22.85 -15.91
CA LEU G 81 5.57 -23.20 -17.18
C LEU G 81 5.89 -24.69 -17.24
N GLN G 82 6.41 -25.26 -16.13
CA GLN G 82 6.68 -26.68 -16.10
C GLN G 82 5.39 -27.49 -16.24
N ARG G 83 4.32 -27.03 -15.60
CA ARG G 83 3.02 -27.70 -15.73
C ARG G 83 2.55 -27.72 -17.18
N HIS G 84 2.65 -26.58 -17.86
CA HIS G 84 2.21 -26.49 -19.26
C HIS G 84 3.05 -27.37 -20.17
N TYR G 85 4.37 -27.37 -19.97
CA TYR G 85 5.25 -28.15 -20.84
C TYR G 85 5.32 -29.62 -20.44
N ASN G 86 4.66 -30.03 -19.36
CA ASN G 86 4.69 -31.40 -18.87
C ASN G 86 6.14 -31.84 -18.59
N HIS G 87 6.93 -30.93 -18.04
CA HIS G 87 8.34 -31.17 -17.77
C HIS G 87 8.51 -31.43 -16.27
N SER G 88 9.18 -32.53 -15.94
CA SER G 88 9.46 -32.89 -14.56
C SER G 88 10.97 -32.89 -14.32
N GLY G 89 11.36 -32.63 -13.08
CA GLY G 89 12.76 -32.58 -12.72
C GLY G 89 13.22 -31.19 -12.33
N SER G 90 14.32 -30.72 -12.93
CA SER G 90 14.91 -29.43 -12.61
C SER G 90 15.10 -28.64 -13.88
N HIS G 91 14.44 -27.49 -13.99
CA HIS G 91 14.57 -26.60 -15.13
C HIS G 91 14.77 -25.18 -14.63
N THR G 92 15.16 -24.29 -15.55
CA THR G 92 15.56 -22.94 -15.22
C THR G 92 14.63 -21.92 -15.88
N TYR G 93 14.47 -20.77 -15.22
CA TYR G 93 13.65 -19.67 -15.72
C TYR G 93 14.38 -18.37 -15.44
N GLN G 94 14.63 -17.58 -16.48
CA GLN G 94 15.43 -16.38 -16.37
C GLN G 94 14.71 -15.17 -16.96
N ARG G 95 15.01 -14.00 -16.42
CA ARG G 95 14.49 -12.74 -16.94
C ARG G 95 15.59 -11.69 -16.91
N MET G 96 15.68 -10.90 -17.98
CA MET G 96 16.66 -9.82 -18.09
C MET G 96 15.96 -8.55 -18.52
N ILE G 97 16.17 -7.47 -17.75
CA ILE G 97 15.56 -6.17 -18.05
C ILE G 97 16.68 -5.13 -18.00
N GLY G 98 16.47 -4.02 -18.70
CA GLY G 98 17.38 -2.92 -18.55
C GLY G 98 17.39 -2.03 -19.79
N CYS G 99 18.43 -1.20 -19.85
CA CYS G 99 18.56 -0.22 -20.93
C CYS G 99 20.03 0.07 -21.17
N GLU G 100 20.31 0.66 -22.33
CA GLU G 100 21.65 1.04 -22.74
C GLU G 100 21.63 2.41 -23.40
N LEU G 101 22.64 3.22 -23.08
CA LEU G 101 22.94 4.43 -23.83
C LEU G 101 24.19 4.18 -24.66
N LEU G 102 24.07 4.34 -25.97
CA LEU G 102 25.12 3.99 -26.92
C LEU G 102 25.96 5.22 -27.27
N GLU G 103 27.14 4.96 -27.81
CA GLU G 103 28.05 6.04 -28.21
C GLU G 103 27.62 6.73 -29.49
N ASP G 104 26.79 6.09 -30.32
CA ASP G 104 26.34 6.71 -31.56
C ASP G 104 25.21 7.70 -31.34
N GLY G 105 24.56 7.66 -30.17
CA GLY G 105 23.48 8.58 -29.83
C GLY G 105 22.18 7.88 -29.50
N SER G 106 21.95 6.71 -30.07
CA SER G 106 20.71 5.99 -29.82
C SER G 106 20.69 5.39 -28.43
N THR G 107 19.48 5.22 -27.90
CA THR G 107 19.26 4.57 -26.61
C THR G 107 18.29 3.41 -26.80
N THR G 108 18.52 2.32 -26.06
CA THR G 108 17.71 1.12 -26.21
C THR G 108 17.23 0.65 -24.84
N GLY G 109 16.09 -0.03 -24.84
CA GLY G 109 15.57 -0.66 -23.64
C GLY G 109 15.01 -2.02 -23.99
N PHE G 110 15.14 -2.95 -23.04
CA PHE G 110 14.79 -4.34 -23.31
C PHE G 110 14.28 -5.02 -22.05
N LEU G 111 13.43 -6.02 -22.27
CA LEU G 111 12.90 -6.86 -21.19
C LEU G 111 12.52 -8.21 -21.81
N GLN G 112 13.27 -9.25 -21.47
CA GLN G 112 13.09 -10.57 -22.06
C GLN G 112 13.02 -11.63 -20.97
N TYR G 113 12.29 -12.70 -21.28
CA TYR G 113 12.12 -13.86 -20.42
C TYR G 113 12.51 -15.09 -21.22
N ALA G 114 13.25 -16.00 -20.57
CA ALA G 114 13.76 -17.20 -21.22
C ALA G 114 13.50 -18.42 -20.35
N TYR G 115 13.19 -19.54 -21.01
CA TYR G 115 12.96 -20.82 -20.36
C TYR G 115 14.01 -21.81 -20.86
N ASP G 116 14.75 -22.41 -19.92
CA ASP G 116 15.81 -23.37 -20.24
C ASP G 116 16.85 -22.76 -21.19
N GLY G 117 17.13 -21.47 -21.00
CA GLY G 117 18.13 -20.79 -21.80
C GLY G 117 17.69 -20.36 -23.17
N GLN G 118 16.50 -20.75 -23.61
CA GLN G 118 15.98 -20.39 -24.92
C GLN G 118 15.01 -19.22 -24.79
N ASP G 119 15.02 -18.34 -25.79
CA ASP G 119 14.16 -17.18 -25.78
C ASP G 119 12.70 -17.59 -25.67
N PHE G 120 11.96 -16.94 -24.77
CA PHE G 120 10.56 -17.24 -24.52
C PHE G 120 9.65 -16.06 -24.84
N LEU G 121 9.97 -14.87 -24.34
CA LEU G 121 9.13 -13.70 -24.55
C LEU G 121 10.01 -12.46 -24.57
N ILE G 122 9.86 -11.62 -25.59
CA ILE G 122 10.62 -10.37 -25.65
C ILE G 122 9.65 -9.20 -25.75
N PHE G 123 9.93 -8.13 -25.00
CA PHE G 123 9.07 -6.97 -24.98
C PHE G 123 9.44 -6.01 -26.10
N ASN G 124 8.42 -5.28 -26.59
CA ASN G 124 8.60 -4.23 -27.59
C ASN G 124 7.95 -2.98 -27.01
N LYS G 125 8.78 -2.05 -26.54
CA LYS G 125 8.29 -0.87 -25.83
C LYS G 125 7.61 0.12 -26.76
N ASP G 126 8.07 0.24 -28.00
CA ASP G 126 7.44 1.18 -28.93
C ASP G 126 6.08 0.67 -29.40
N THR G 127 5.98 -0.62 -29.71
CA THR G 127 4.71 -1.23 -30.06
C THR G 127 3.89 -1.65 -28.85
N LEU G 128 4.46 -1.56 -27.64
CA LEU G 128 3.79 -1.98 -26.41
C LEU G 128 3.35 -3.44 -26.47
N SER G 129 4.12 -4.29 -27.14
CA SER G 129 3.67 -5.65 -27.39
C SER G 129 4.69 -6.66 -26.87
N TRP G 130 4.35 -7.94 -27.04
CA TRP G 130 5.22 -9.04 -26.64
C TRP G 130 5.36 -10.00 -27.81
N LEU G 131 6.59 -10.32 -28.18
CA LEU G 131 6.88 -11.34 -29.17
C LEU G 131 7.10 -12.66 -28.44
N ALA G 132 6.26 -13.65 -28.77
CA ALA G 132 6.28 -14.97 -28.16
C ALA G 132 6.81 -15.98 -29.17
N VAL G 133 7.49 -17.02 -28.65
CA VAL G 133 8.10 -18.04 -29.50
C VAL G 133 7.28 -19.31 -29.60
N ASP G 134 6.17 -19.43 -28.84
CA ASP G 134 5.42 -20.66 -28.82
C ASP G 134 3.96 -20.37 -28.49
N ASN G 135 3.09 -21.33 -28.81
CA ASN G 135 1.69 -21.22 -28.43
C ASN G 135 1.53 -21.19 -26.91
N VAL G 136 2.33 -22.00 -26.21
CA VAL G 136 2.39 -21.89 -24.75
C VAL G 136 2.81 -20.48 -24.36
N ALA G 137 3.78 -19.92 -25.08
CA ALA G 137 4.13 -18.52 -24.88
C ALA G 137 3.06 -17.57 -25.40
N HIS G 138 2.27 -18.01 -26.38
CA HIS G 138 1.15 -17.19 -26.86
C HIS G 138 0.12 -16.97 -25.77
N THR G 139 -0.14 -18.01 -24.96
CA THR G 139 -1.05 -17.86 -23.85
C THR G 139 -0.57 -16.80 -22.87
N ILE G 140 0.72 -16.85 -22.52
CA ILE G 140 1.28 -15.87 -21.59
C ILE G 140 1.26 -14.47 -22.21
N LYS G 141 1.51 -14.37 -23.51
CA LYS G 141 1.45 -13.09 -24.20
C LYS G 141 0.04 -12.50 -24.11
N GLN G 142 -0.98 -13.32 -24.38
CA GLN G 142 -2.35 -12.84 -24.30
C GLN G 142 -2.70 -12.42 -22.87
N ALA G 143 -2.25 -13.20 -21.88
CA ALA G 143 -2.51 -12.84 -20.49
C ALA G 143 -1.85 -11.52 -20.12
N TRP G 144 -0.61 -11.31 -20.56
CA TRP G 144 0.13 -10.11 -20.18
C TRP G 144 -0.43 -8.86 -20.87
N GLU G 145 -0.81 -8.99 -22.15
CA GLU G 145 -1.27 -7.84 -22.90
C GLU G 145 -2.56 -7.24 -22.35
N ALA G 146 -3.29 -7.99 -21.51
CA ALA G 146 -4.53 -7.47 -20.95
C ALA G 146 -4.30 -6.28 -20.03
N ASN G 147 -3.22 -6.30 -19.26
CA ASN G 147 -2.94 -5.24 -18.28
C ASN G 147 -2.24 -4.09 -19.00
N GLN G 148 -3.04 -3.16 -19.52
CA GLN G 148 -2.48 -2.01 -20.23
C GLN G 148 -1.67 -1.11 -19.29
N HIS G 149 -2.17 -0.91 -18.07
CA HIS G 149 -1.49 -0.03 -17.12
C HIS G 149 -0.11 -0.58 -16.76
N GLU G 150 -0.02 -1.89 -16.55
CA GLU G 150 1.28 -2.49 -16.23
C GLU G 150 2.25 -2.35 -17.39
N LEU G 151 1.77 -2.52 -18.62
CA LEU G 151 2.64 -2.36 -19.79
C LEU G 151 3.12 -0.92 -19.93
N LEU G 152 2.22 0.05 -19.67
CA LEU G 152 2.64 1.44 -19.66
C LEU G 152 3.68 1.68 -18.58
N TYR G 153 3.52 1.02 -17.42
CA TYR G 153 4.53 1.11 -16.36
C TYR G 153 5.87 0.58 -16.84
N GLN G 154 5.87 -0.55 -17.53
CA GLN G 154 7.13 -1.09 -18.06
C GLN G 154 7.78 -0.13 -19.05
N LYS G 155 6.97 0.45 -19.95
CA LYS G 155 7.52 1.39 -20.92
C LYS G 155 8.10 2.62 -20.24
N ASN G 156 7.38 3.18 -19.26
CA ASN G 156 7.87 4.37 -18.58
C ASN G 156 9.09 4.07 -17.74
N TRP G 157 9.18 2.87 -17.17
CA TRP G 157 10.38 2.47 -16.44
C TRP G 157 11.58 2.33 -17.39
N LEU G 158 11.38 1.68 -18.53
CA LEU G 158 12.48 1.46 -19.45
C LEU G 158 12.93 2.75 -20.13
N GLU G 159 12.04 3.74 -20.25
CA GLU G 159 12.39 4.97 -20.94
C GLU G 159 12.66 6.15 -20.02
N GLU G 160 12.34 6.04 -18.73
CA GLU G 160 12.49 7.16 -17.81
C GLU G 160 13.16 6.81 -16.48
N GLU G 161 13.16 5.55 -16.06
CA GLU G 161 13.71 5.16 -14.77
C GLU G 161 15.03 4.41 -14.90
N CYS G 162 15.13 3.44 -15.80
CA CYS G 162 16.39 2.72 -15.99
C CYS G 162 17.50 3.67 -16.45
N ILE G 163 17.18 4.54 -17.41
CA ILE G 163 18.16 5.50 -17.91
C ILE G 163 18.59 6.45 -16.81
N ALA G 164 17.63 6.96 -16.03
CA ALA G 164 17.96 7.87 -14.93
C ALA G 164 18.78 7.17 -13.86
N TRP G 165 18.43 5.93 -13.53
CA TRP G 165 19.19 5.17 -12.53
C TRP G 165 20.62 4.97 -12.99
N LEU G 166 20.81 4.59 -14.25
CA LEU G 166 22.16 4.44 -14.79
C LEU G 166 22.91 5.77 -14.78
N LYS G 167 22.19 6.86 -15.09
CA LYS G 167 22.84 8.17 -15.14
C LYS G 167 23.35 8.59 -13.77
N ARG G 168 22.59 8.32 -12.71
CA ARG G 168 23.12 8.62 -11.38
C ARG G 168 24.22 7.64 -10.97
N PHE G 169 24.12 6.39 -11.41
CA PHE G 169 25.13 5.40 -11.06
C PHE G 169 26.48 5.76 -11.66
N LEU G 170 26.48 6.27 -12.90
CA LEU G 170 27.74 6.67 -13.54
C LEU G 170 28.40 7.84 -12.84
N GLU G 171 27.66 8.59 -12.02
CA GLU G 171 28.24 9.67 -11.23
C GLU G 171 28.61 9.24 -9.82
N TYR G 172 27.85 8.31 -9.23
CA TYR G 172 28.22 7.79 -7.92
C TYR G 172 29.54 7.01 -7.97
N GLY G 173 29.73 6.21 -9.02
CA GLY G 173 30.95 5.43 -9.17
C GLY G 173 31.77 5.80 -10.38
N LYS G 174 31.89 7.10 -10.66
CA LYS G 174 32.64 7.55 -11.83
C LYS G 174 34.10 7.12 -11.77
N ASP G 175 34.69 7.07 -10.56
CA ASP G 175 36.09 6.68 -10.44
C ASP G 175 36.32 5.24 -10.90
N THR G 176 35.39 4.34 -10.60
CA THR G 176 35.53 2.94 -10.98
C THR G 176 34.91 2.63 -12.34
N LEU G 177 34.09 3.53 -12.88
CA LEU G 177 33.37 3.28 -14.11
C LEU G 177 33.76 4.19 -15.25
N GLN G 178 33.94 5.48 -15.01
CA GLN G 178 34.31 6.43 -16.05
C GLN G 178 35.82 6.58 -16.19
N ARG G 179 36.61 5.85 -15.42
CA ARG G 179 38.05 5.91 -15.54
C ARG G 179 38.52 5.32 -16.87
N THR G 180 39.68 5.78 -17.33
CA THR G 180 40.30 5.24 -18.52
C THR G 180 41.79 5.06 -18.27
N GLU G 181 42.31 3.87 -18.59
CA GLU G 181 43.73 3.56 -18.44
C GLU G 181 44.22 3.01 -19.78
N PRO G 182 45.24 3.61 -20.39
CA PRO G 182 45.64 3.19 -21.73
C PRO G 182 46.24 1.80 -21.70
N PRO G 183 46.13 1.06 -22.80
CA PRO G 183 46.71 -0.30 -22.85
C PRO G 183 48.18 -0.28 -23.22
N LEU G 184 48.86 -1.38 -22.85
CA LEU G 184 50.26 -1.59 -23.18
C LEU G 184 50.34 -2.48 -24.40
N VAL G 185 50.94 -1.95 -25.47
CA VAL G 185 51.03 -2.66 -26.74
C VAL G 185 52.45 -3.17 -26.91
N ARG G 186 52.58 -4.46 -27.19
CA ARG G 186 53.88 -5.09 -27.39
C ARG G 186 53.82 -5.97 -28.64
N VAL G 187 54.97 -6.09 -29.30
CA VAL G 187 55.12 -6.91 -30.49
C VAL G 187 56.12 -8.01 -30.19
N ASN G 188 55.74 -9.25 -30.47
CA ASN G 188 56.59 -10.40 -30.21
C ASN G 188 56.77 -11.20 -31.49
N ARG G 189 57.94 -11.83 -31.63
CA ARG G 189 58.18 -12.68 -32.80
C ARG G 189 57.79 -14.13 -32.53
N LYS G 190 58.15 -14.64 -31.36
CA LYS G 190 57.79 -16.01 -30.97
C LYS G 190 57.97 -16.20 -29.47
N PRO G 194 57.31 -25.54 -37.28
CA PRO G 194 57.70 -24.28 -36.65
C PRO G 194 58.67 -23.47 -37.49
N GLY G 195 58.77 -23.80 -38.77
CA GLY G 195 59.70 -23.09 -39.65
C GLY G 195 59.34 -21.63 -39.83
N VAL G 196 58.06 -21.34 -40.03
CA VAL G 196 57.58 -19.98 -40.25
C VAL G 196 56.74 -19.55 -39.05
N THR G 197 57.06 -18.39 -38.50
CA THR G 197 56.38 -17.86 -37.33
C THR G 197 55.79 -16.50 -37.66
N ALA G 198 54.76 -16.11 -36.91
CA ALA G 198 54.04 -14.87 -37.13
C ALA G 198 54.35 -13.87 -36.02
N LEU G 199 54.02 -12.61 -36.29
CA LEU G 199 54.27 -11.51 -35.36
C LEU G 199 53.02 -11.26 -34.54
N PHE G 200 53.15 -11.33 -33.21
CA PHE G 200 52.05 -11.08 -32.30
C PHE G 200 52.00 -9.60 -31.92
N CYS G 201 50.79 -9.04 -31.93
CA CYS G 201 50.51 -7.70 -31.41
C CYS G 201 49.58 -7.87 -30.22
N LYS G 202 50.00 -7.39 -29.06
CA LYS G 202 49.29 -7.64 -27.81
C LYS G 202 49.01 -6.33 -27.09
N ALA G 203 47.80 -6.20 -26.56
CA ALA G 203 47.40 -5.07 -25.74
C ALA G 203 47.02 -5.59 -24.36
N HIS G 204 47.36 -4.82 -23.33
CA HIS G 204 47.14 -5.22 -21.95
C HIS G 204 46.98 -4.00 -21.07
N GLY G 205 46.11 -4.10 -20.06
CA GLY G 205 46.01 -3.07 -19.06
C GLY G 205 45.02 -1.96 -19.34
N PHE G 206 43.98 -2.23 -20.13
CA PHE G 206 42.97 -1.23 -20.46
C PHE G 206 41.65 -1.61 -19.81
N TYR G 207 41.03 -0.64 -19.14
CA TYR G 207 39.76 -0.87 -18.45
C TYR G 207 38.58 -0.92 -19.43
N PRO G 208 38.38 0.07 -20.30
CA PRO G 208 37.27 -0.03 -21.26
C PRO G 208 37.48 -1.19 -22.22
N PRO G 209 36.60 -2.20 -22.18
CA PRO G 209 36.82 -3.39 -23.03
C PRO G 209 36.69 -3.11 -24.51
N GLU G 210 36.11 -1.98 -24.91
CA GLU G 210 36.00 -1.65 -26.34
C GLU G 210 37.39 -1.33 -26.87
N ILE G 211 37.91 -2.18 -27.75
CA ILE G 211 39.21 -1.98 -28.36
C ILE G 211 39.21 -2.66 -29.73
N TYR G 212 39.87 -2.04 -30.70
CA TYR G 212 39.97 -2.57 -32.05
C TYR G 212 41.44 -2.70 -32.44
N MET G 213 41.80 -3.82 -33.07
CA MET G 213 43.18 -4.07 -33.44
C MET G 213 43.26 -4.51 -34.89
N THR G 214 44.21 -3.94 -35.63
CA THR G 214 44.38 -4.24 -37.05
C THR G 214 45.86 -4.27 -37.39
N TRP G 215 46.18 -5.02 -38.45
CA TRP G 215 47.51 -5.05 -39.05
C TRP G 215 47.45 -4.43 -40.44
N MET G 216 48.49 -3.72 -40.83
CA MET G 216 48.52 -3.16 -42.19
C MET G 216 49.95 -2.99 -42.65
N LYS G 217 50.18 -3.24 -43.94
CA LYS G 217 51.50 -3.11 -44.54
C LYS G 217 51.56 -1.82 -45.34
N ASN G 218 52.34 -0.85 -44.85
CA ASN G 218 52.58 0.42 -45.53
C ASN G 218 51.27 1.13 -45.90
N GLY G 219 50.35 1.18 -44.93
CA GLY G 219 49.10 1.88 -45.10
C GLY G 219 47.97 1.09 -45.72
N GLU G 220 48.20 -0.18 -46.06
CA GLU G 220 47.20 -1.03 -46.70
C GLU G 220 46.86 -2.18 -45.77
N GLU G 221 45.58 -2.28 -45.42
CA GLU G 221 45.14 -3.33 -44.51
C GLU G 221 45.21 -4.69 -45.19
N ILE G 222 45.05 -5.73 -44.39
CA ILE G 222 45.19 -7.11 -44.85
C ILE G 222 43.82 -7.68 -45.20
N VAL G 223 43.78 -8.57 -46.18
CA VAL G 223 42.52 -9.13 -46.68
C VAL G 223 42.24 -10.38 -45.85
N GLN G 224 41.64 -10.17 -44.68
CA GLN G 224 41.11 -11.24 -43.82
C GLN G 224 42.14 -12.33 -43.51
N GLU G 225 43.42 -11.95 -43.42
CA GLU G 225 44.47 -12.87 -42.99
C GLU G 225 44.78 -12.74 -41.50
N ILE G 226 44.12 -11.82 -40.79
CA ILE G 226 44.42 -11.58 -39.38
C ILE G 226 43.66 -12.61 -38.54
N ASP G 227 44.35 -13.64 -38.09
CA ASP G 227 43.75 -14.61 -37.17
C ASP G 227 43.60 -13.95 -35.81
N TYR G 228 42.38 -13.49 -35.50
CA TYR G 228 42.15 -12.72 -34.30
C TYR G 228 42.20 -13.61 -33.05
N GLY G 229 42.37 -12.96 -31.90
CA GLY G 229 42.32 -13.63 -30.62
C GLY G 229 41.30 -12.98 -29.73
N ASP G 230 40.73 -13.78 -28.83
CA ASP G 230 39.67 -13.31 -27.97
C ASP G 230 40.20 -12.32 -26.92
N ILE G 231 39.30 -11.46 -26.45
CA ILE G 231 39.60 -10.48 -25.42
C ILE G 231 39.11 -11.00 -24.08
N LEU G 232 39.97 -10.96 -23.08
CA LEU G 232 39.69 -11.52 -21.77
C LEU G 232 40.08 -10.55 -20.67
N PRO G 233 39.45 -10.64 -19.51
CA PRO G 233 39.81 -9.73 -18.41
C PRO G 233 41.03 -10.22 -17.65
N SER G 234 41.85 -9.26 -17.21
CA SER G 234 43.08 -9.60 -16.50
C SER G 234 42.82 -10.04 -15.07
N GLY G 235 41.84 -9.43 -14.40
CA GLY G 235 41.56 -9.69 -13.01
C GLY G 235 41.84 -8.52 -12.09
N ASP G 236 42.64 -7.56 -12.53
CA ASP G 236 42.89 -6.34 -11.79
C ASP G 236 41.90 -5.23 -12.14
N GLY G 237 40.91 -5.54 -12.97
CA GLY G 237 40.02 -4.54 -13.51
C GLY G 237 40.37 -4.07 -14.90
N THR G 238 41.34 -4.71 -15.54
CA THR G 238 41.78 -4.38 -16.90
C THR G 238 41.54 -5.59 -17.80
N TYR G 239 41.89 -5.42 -19.08
CA TYR G 239 41.66 -6.46 -20.08
C TYR G 239 42.93 -6.64 -20.91
N GLN G 240 42.84 -7.51 -21.91
CA GLN G 240 43.95 -7.83 -22.79
C GLN G 240 43.43 -8.46 -24.07
N ALA G 241 44.25 -8.38 -25.11
CA ALA G 241 43.91 -8.95 -26.41
C ALA G 241 45.18 -9.19 -27.21
N TRP G 242 45.08 -10.05 -28.21
CA TRP G 242 46.22 -10.37 -29.07
C TRP G 242 45.73 -10.64 -30.48
N ALA G 243 46.60 -10.37 -31.45
CA ALA G 243 46.30 -10.65 -32.85
C ALA G 243 47.59 -10.96 -33.60
N SER G 244 47.46 -11.73 -34.68
CA SER G 244 48.61 -12.09 -35.51
C SER G 244 48.26 -11.89 -36.98
N ILE G 245 49.22 -11.37 -37.74
CA ILE G 245 49.03 -11.16 -39.17
C ILE G 245 49.57 -12.32 -39.99
N GLU G 246 50.78 -12.76 -39.68
CA GLU G 246 51.52 -13.73 -40.51
C GLU G 246 51.53 -13.31 -41.97
N PRO G 249 56.21 -12.78 -42.10
CA PRO G 249 56.15 -14.24 -42.21
C PRO G 249 57.22 -14.79 -43.15
N GLN G 250 56.79 -15.53 -44.17
CA GLN G 250 57.70 -16.07 -45.19
C GLN G 250 58.09 -15.03 -46.22
N SER G 251 57.66 -13.78 -46.06
CA SER G 251 57.98 -12.70 -47.00
C SER G 251 58.63 -11.55 -46.23
N SER G 252 59.51 -10.83 -46.91
CA SER G 252 60.26 -9.74 -46.30
C SER G 252 59.50 -8.43 -46.51
N ASN G 253 58.55 -8.15 -45.62
CA ASN G 253 57.78 -6.92 -45.66
C ASN G 253 57.73 -6.31 -44.26
N LEU G 254 57.82 -4.99 -44.19
CA LEU G 254 57.69 -4.27 -42.93
C LEU G 254 56.26 -3.74 -42.82
N TYR G 255 55.57 -4.14 -41.76
CA TYR G 255 54.18 -3.74 -41.53
C TYR G 255 54.03 -3.19 -40.12
N SER G 256 52.91 -2.53 -39.89
CA SER G 256 52.63 -1.84 -38.64
C SER G 256 51.29 -2.27 -38.07
N CYS G 257 51.23 -2.25 -36.73
CA CYS G 257 50.04 -2.65 -35.98
C CYS G 257 49.33 -1.41 -35.45
N HIS G 258 48.06 -1.27 -35.81
CA HIS G 258 47.22 -0.17 -35.37
C HIS G 258 46.26 -0.66 -34.29
N VAL G 259 46.12 0.12 -33.23
CA VAL G 259 45.22 -0.21 -32.12
C VAL G 259 44.40 1.02 -31.78
N GLU G 260 43.08 0.85 -31.73
CA GLU G 260 42.14 1.93 -31.42
C GLU G 260 41.52 1.64 -30.06
N HIS G 261 41.79 2.53 -29.11
CA HIS G 261 41.17 2.55 -27.80
C HIS G 261 40.32 3.81 -27.69
N SER G 262 39.75 4.04 -26.50
CA SER G 262 38.81 5.13 -26.30
C SER G 262 39.43 6.48 -26.64
N GLY G 263 38.99 7.07 -27.75
CA GLY G 263 39.39 8.40 -28.18
C GLY G 263 40.63 8.45 -29.05
N VAL G 264 41.54 7.49 -28.93
CA VAL G 264 42.86 7.58 -29.55
C VAL G 264 43.14 6.32 -30.35
N HIS G 265 43.78 6.48 -31.50
CA HIS G 265 44.34 5.38 -32.27
C HIS G 265 45.85 5.53 -32.33
N MET G 266 46.55 4.41 -32.11
CA MET G 266 48.00 4.40 -32.00
C MET G 266 48.58 3.38 -32.96
N VAL G 267 49.77 3.68 -33.47
CA VAL G 267 50.45 2.85 -34.46
C VAL G 267 51.81 2.46 -33.93
N LEU G 268 52.13 1.17 -34.03
CA LEU G 268 53.44 0.65 -33.66
C LEU G 268 54.09 0.04 -34.90
N GLN G 269 55.32 0.45 -35.18
CA GLN G 269 56.02 0.00 -36.38
C GLN G 269 57.04 -1.06 -36.02
N VAL G 270 57.34 -1.94 -36.97
CA VAL G 270 58.30 -3.01 -36.77
C VAL G 270 59.50 -2.83 -37.70
N ILE H 2 18.11 -28.23 -23.72
CA ILE H 2 18.95 -27.43 -24.61
C ILE H 2 20.07 -26.78 -23.82
N GLN H 3 21.18 -27.50 -23.69
CA GLN H 3 22.33 -27.05 -22.90
C GLN H 3 23.54 -26.88 -23.80
N ARG H 4 24.33 -25.84 -23.54
CA ARG H 4 25.54 -25.56 -24.29
C ARG H 4 26.76 -25.82 -23.42
N THR H 5 27.76 -26.49 -23.99
CA THR H 5 28.98 -26.79 -23.25
C THR H 5 29.75 -25.51 -22.96
N PRO H 6 30.41 -25.43 -21.81
CA PRO H 6 31.17 -24.22 -21.46
C PRO H 6 32.43 -24.09 -22.30
N LYS H 7 33.00 -22.89 -22.25
CA LYS H 7 34.22 -22.55 -22.98
C LYS H 7 35.31 -22.20 -21.98
N ILE H 8 36.42 -22.93 -22.03
CA ILE H 8 37.51 -22.80 -21.08
C ILE H 8 38.63 -21.98 -21.70
N GLN H 9 39.28 -21.15 -20.88
CA GLN H 9 40.38 -20.31 -21.35
C GLN H 9 41.36 -20.11 -20.20
N VAL H 10 42.57 -20.64 -20.34
CA VAL H 10 43.60 -20.57 -19.32
C VAL H 10 44.66 -19.57 -19.80
N TYR H 11 45.06 -18.67 -18.92
CA TYR H 11 46.07 -17.68 -19.27
C TYR H 11 46.68 -17.09 -18.00
N SER H 12 47.54 -16.10 -18.18
CA SER H 12 48.20 -15.42 -17.08
C SER H 12 47.73 -13.96 -17.02
N ARG H 13 47.61 -13.43 -15.81
CA ARG H 13 47.19 -12.05 -15.65
C ARG H 13 48.21 -11.08 -16.25
N HIS H 14 49.49 -11.35 -16.01
CA HIS H 14 50.60 -10.55 -16.51
C HIS H 14 51.52 -11.42 -17.36
N PRO H 15 52.37 -10.82 -18.21
CA PRO H 15 53.37 -11.61 -18.94
C PRO H 15 54.21 -12.45 -17.99
N ALA H 16 54.11 -13.77 -18.14
CA ALA H 16 54.66 -14.71 -17.15
C ALA H 16 56.17 -14.78 -17.29
N GLU H 17 56.88 -14.11 -16.38
CA GLU H 17 58.31 -14.27 -16.24
C GLU H 17 58.59 -15.16 -15.03
N ASN H 18 59.63 -15.97 -15.14
CA ASN H 18 59.94 -16.93 -14.08
C ASN H 18 60.36 -16.23 -12.80
N GLY H 19 59.93 -16.79 -11.68
CA GLY H 19 60.29 -16.26 -10.36
C GLY H 19 59.70 -14.90 -10.05
N LYS H 20 58.44 -14.66 -10.44
CA LYS H 20 57.77 -13.41 -10.14
C LYS H 20 56.34 -13.70 -9.72
N SER H 21 55.85 -12.96 -8.73
CA SER H 21 54.48 -13.11 -8.28
C SER H 21 53.52 -12.70 -9.39
N ASN H 22 52.53 -13.56 -9.65
CA ASN H 22 51.56 -13.31 -10.71
C ASN H 22 50.27 -14.04 -10.35
N PHE H 23 49.24 -13.85 -11.17
CA PHE H 23 47.95 -14.48 -10.97
C PHE H 23 47.59 -15.32 -12.20
N LEU H 24 47.29 -16.60 -11.97
CA LEU H 24 46.85 -17.50 -13.02
C LEU H 24 45.34 -17.35 -13.20
N ASN H 25 44.89 -17.22 -14.43
CA ASN H 25 43.49 -16.91 -14.72
C ASN H 25 42.85 -18.06 -15.50
N CYS H 26 41.67 -18.47 -15.04
CA CYS H 26 40.85 -19.46 -15.73
C CYS H 26 39.47 -18.86 -15.94
N TYR H 27 39.09 -18.64 -17.19
CA TYR H 27 37.85 -17.96 -17.54
C TYR H 27 36.91 -18.96 -18.22
N VAL H 28 35.79 -19.23 -17.59
CA VAL H 28 34.80 -20.18 -18.11
C VAL H 28 33.52 -19.42 -18.44
N SER H 29 33.04 -19.58 -19.66
CA SER H 29 31.86 -18.84 -20.10
C SER H 29 31.03 -19.67 -21.06
N GLY H 30 29.76 -19.32 -21.17
CA GLY H 30 28.89 -19.95 -22.14
C GLY H 30 28.30 -21.29 -21.76
N PHE H 31 28.02 -21.50 -20.47
CA PHE H 31 27.40 -22.72 -20.00
C PHE H 31 25.97 -22.43 -19.57
N HIS H 32 25.02 -23.23 -20.05
CA HIS H 32 23.61 -22.97 -19.78
C HIS H 32 23.25 -23.39 -18.35
N PRO H 33 23.53 -24.62 -17.91
CA PRO H 33 23.32 -24.93 -16.49
C PRO H 33 24.38 -24.23 -15.63
N SER H 34 23.93 -23.59 -14.56
CA SER H 34 24.81 -22.76 -13.75
C SER H 34 25.62 -23.55 -12.72
N ASP H 35 25.31 -24.83 -12.49
CA ASP H 35 26.02 -25.63 -11.50
C ASP H 35 27.24 -26.27 -12.15
N ILE H 36 28.43 -25.76 -11.81
CA ILE H 36 29.68 -26.25 -12.36
C ILE H 36 30.69 -26.38 -11.22
N GLU H 37 31.72 -27.19 -11.45
CA GLU H 37 32.84 -27.31 -10.53
C GLU H 37 34.12 -26.87 -11.24
N VAL H 38 34.85 -25.94 -10.62
CA VAL H 38 36.06 -25.37 -11.21
C VAL H 38 37.20 -25.47 -10.21
N ASP H 39 38.35 -25.99 -10.65
CA ASP H 39 39.54 -26.13 -9.84
C ASP H 39 40.77 -25.80 -10.66
N LEU H 40 41.79 -25.28 -10.00
CA LEU H 40 43.08 -25.00 -10.63
C LEU H 40 44.08 -26.10 -10.27
N LEU H 41 44.98 -26.38 -11.21
CA LEU H 41 45.87 -27.54 -11.12
C LEU H 41 47.32 -27.09 -10.99
N LYS H 42 48.02 -27.65 -10.00
CA LYS H 42 49.46 -27.51 -9.83
C LYS H 42 50.10 -28.87 -10.01
N ASN H 43 50.89 -29.04 -11.07
CA ASN H 43 51.52 -30.32 -11.40
C ASN H 43 50.48 -31.43 -11.51
N GLY H 44 49.33 -31.10 -12.09
CA GLY H 44 48.24 -32.06 -12.17
C GLY H 44 47.54 -32.32 -10.86
N GLU H 45 47.70 -31.43 -9.88
CA GLU H 45 47.07 -31.56 -8.57
C GLU H 45 46.39 -30.24 -8.22
N ARG H 46 45.29 -30.34 -7.49
CA ARG H 46 44.46 -29.18 -7.20
C ARG H 46 45.20 -28.15 -6.37
N ILE H 47 45.04 -26.88 -6.74
CA ILE H 47 45.53 -25.76 -5.95
C ILE H 47 44.43 -25.39 -4.95
N GLU H 48 44.78 -25.38 -3.66
CA GLU H 48 43.80 -25.09 -2.63
C GLU H 48 43.75 -23.61 -2.25
N LYS H 49 44.78 -22.83 -2.58
CA LYS H 49 44.74 -21.39 -2.35
C LYS H 49 44.09 -20.65 -3.53
N VAL H 50 42.90 -21.11 -3.91
CA VAL H 50 42.23 -20.60 -5.09
C VAL H 50 41.29 -19.46 -4.70
N GLU H 51 41.02 -18.58 -5.66
CA GLU H 51 40.10 -17.47 -5.47
C GLU H 51 39.32 -17.24 -6.76
N HIS H 52 38.14 -16.66 -6.62
CA HIS H 52 37.28 -16.42 -7.77
C HIS H 52 36.34 -15.28 -7.45
N SER H 53 35.78 -14.68 -8.51
CA SER H 53 34.79 -13.62 -8.37
C SER H 53 33.42 -14.25 -8.21
N ASP H 54 32.38 -13.43 -8.20
CA ASP H 54 31.01 -13.90 -8.04
C ASP H 54 30.40 -14.22 -9.41
N LEU H 55 29.56 -15.25 -9.43
CA LEU H 55 28.93 -15.67 -10.68
C LEU H 55 28.11 -14.53 -11.26
N SER H 56 28.22 -14.35 -12.57
CA SER H 56 27.63 -13.21 -13.27
C SER H 56 26.67 -13.70 -14.35
N PHE H 57 26.07 -12.75 -15.06
CA PHE H 57 25.05 -13.02 -16.06
C PHE H 57 25.48 -12.44 -17.40
N SER H 58 25.06 -13.10 -18.47
CA SER H 58 25.27 -12.63 -19.83
C SER H 58 23.92 -12.46 -20.53
N LYS H 59 23.89 -11.56 -21.50
CA LYS H 59 22.64 -11.24 -22.20
C LYS H 59 22.14 -12.38 -23.07
N ASP H 60 22.97 -13.40 -23.34
CA ASP H 60 22.55 -14.57 -24.10
C ASP H 60 22.08 -15.72 -23.19
N TRP H 61 21.66 -15.41 -21.97
CA TRP H 61 21.14 -16.37 -21.01
C TRP H 61 22.19 -17.38 -20.55
N SER H 62 23.46 -17.08 -20.74
CA SER H 62 24.56 -17.91 -20.27
C SER H 62 25.24 -17.23 -19.08
N PHE H 63 26.30 -17.86 -18.59
CA PHE H 63 27.04 -17.36 -17.45
C PHE H 63 28.54 -17.39 -17.73
N TYR H 64 29.27 -16.58 -16.97
CA TYR H 64 30.73 -16.53 -17.07
C TYR H 64 31.31 -16.31 -15.67
N LEU H 65 32.51 -16.84 -15.47
CA LEU H 65 33.21 -16.76 -14.19
C LEU H 65 34.71 -16.82 -14.43
N LEU H 66 35.45 -16.33 -13.44
CA LEU H 66 36.90 -16.29 -13.49
C LEU H 66 37.47 -16.78 -12.16
N TYR H 67 38.45 -17.67 -12.24
CA TYR H 67 39.16 -18.19 -11.08
C TYR H 67 40.62 -17.78 -11.16
N TYR H 68 41.21 -17.43 -10.01
CA TYR H 68 42.58 -16.94 -9.99
C TYR H 68 43.23 -17.20 -8.64
N THR H 69 44.56 -17.14 -8.64
CA THR H 69 45.36 -17.32 -7.43
C THR H 69 46.75 -16.76 -7.69
N GLU H 70 47.46 -16.45 -6.62
CA GLU H 70 48.81 -15.90 -6.72
C GLU H 70 49.84 -17.02 -6.68
N PHE H 71 50.81 -16.94 -7.57
CA PHE H 71 51.81 -18.00 -7.73
C PHE H 71 53.06 -17.42 -8.38
N THR H 72 54.03 -18.30 -8.64
CA THR H 72 55.27 -17.94 -9.33
C THR H 72 55.52 -19.01 -10.39
N PRO H 73 55.61 -18.64 -11.66
CA PRO H 73 55.75 -19.66 -12.72
C PRO H 73 57.17 -20.18 -12.83
N THR H 74 57.31 -21.51 -12.78
CA THR H 74 58.55 -22.20 -13.09
C THR H 74 58.29 -23.24 -14.17
N GLU H 75 59.28 -23.43 -15.05
CA GLU H 75 59.10 -24.35 -16.17
C GLU H 75 58.91 -25.80 -15.71
N LYS H 76 59.38 -26.15 -14.52
CA LYS H 76 59.12 -27.48 -13.98
C LYS H 76 57.64 -27.66 -13.66
N ASP H 77 57.01 -26.63 -13.11
CA ASP H 77 55.61 -26.72 -12.72
C ASP H 77 54.70 -26.67 -13.94
N GLU H 78 53.62 -27.44 -13.89
CA GLU H 78 52.62 -27.49 -14.95
C GLU H 78 51.30 -26.95 -14.42
N TYR H 79 50.67 -26.07 -15.19
CA TYR H 79 49.40 -25.47 -14.79
C TYR H 79 48.32 -25.70 -15.84
N CYS H 81 42.77 -26.15 -16.13
CA CYS H 81 41.64 -26.17 -15.21
C CYS H 81 40.86 -27.47 -15.24
N ARG H 82 40.31 -27.82 -14.09
CA ARG H 82 39.42 -28.96 -13.93
C ARG H 82 38.00 -28.43 -13.82
N VAL H 83 37.14 -28.83 -14.75
CA VAL H 83 35.76 -28.36 -14.79
C VAL H 83 34.84 -29.56 -14.89
N ASN H 84 33.78 -29.55 -14.08
CA ASN H 84 32.75 -30.57 -14.13
C ASN H 84 31.40 -29.91 -14.40
N HIS H 85 30.65 -30.49 -15.34
CA HIS H 85 29.37 -29.95 -15.76
C HIS H 85 28.46 -31.11 -16.14
N VAL H 86 27.15 -30.85 -16.12
CA VAL H 86 26.19 -31.86 -16.55
C VAL H 86 26.32 -32.14 -18.04
N THR H 87 26.67 -31.13 -18.84
CA THR H 87 26.85 -31.33 -20.27
C THR H 87 28.09 -32.14 -20.59
N LEU H 88 29.01 -32.30 -19.64
CA LEU H 88 30.25 -33.02 -19.87
C LEU H 88 30.12 -34.45 -19.36
N SER H 89 30.43 -35.42 -20.24
CA SER H 89 30.46 -36.81 -19.80
C SER H 89 31.52 -37.03 -18.74
N GLN H 90 32.70 -36.44 -18.93
CA GLN H 90 33.79 -36.48 -17.98
C GLN H 90 34.34 -35.07 -17.79
N PRO H 91 34.96 -34.79 -16.64
CA PRO H 91 35.60 -33.48 -16.46
C PRO H 91 36.76 -33.28 -17.43
N LYS H 92 36.61 -32.33 -18.34
CA LYS H 92 37.63 -32.08 -19.35
C LYS H 92 38.68 -31.10 -18.82
N ILE H 93 39.91 -31.30 -19.26
CA ILE H 93 41.06 -30.56 -18.75
C ILE H 93 41.69 -29.75 -19.87
N VAL H 94 42.14 -28.54 -19.53
CA VAL H 94 42.87 -27.68 -20.46
C VAL H 94 44.17 -27.26 -19.79
N LYS H 95 45.26 -27.34 -20.54
CA LYS H 95 46.59 -27.00 -20.04
C LYS H 95 46.99 -25.58 -20.44
N TRP H 96 47.98 -25.06 -19.72
CA TRP H 96 48.50 -23.71 -19.97
C TRP H 96 49.77 -23.83 -20.81
N ASP H 97 49.73 -23.24 -22.01
CA ASP H 97 50.80 -23.40 -22.98
C ASP H 97 51.90 -22.35 -22.89
N ARG H 98 51.64 -21.21 -22.25
CA ARG H 98 52.61 -20.12 -22.12
C ARG H 98 52.96 -19.50 -23.47
N ASP H 99 52.11 -19.68 -24.48
CA ASP H 99 52.36 -19.15 -25.81
C ASP H 99 52.38 -17.62 -25.82
C4 30W I . -1.61 2.82 18.35
C6 30W I . 1.28 0.65 18.83
C11 30W I . -6.81 1.79 16.21
C7 30W I . 0.77 -0.58 18.41
C9 30W I . 2.66 0.85 19.31
C10 30W I . -5.48 2.22 16.78
N1 30W I . -2.54 0.26 17.48
N2 30W I . -4.55 1.23 16.93
N3 30W I . -2.87 2.58 17.86
O10 30W I . -5.25 3.39 17.09
C2 30W I . -3.28 1.34 17.44
C8A 30W I . -1.24 0.34 17.94
N8 30W I . -0.47 -0.76 17.96
N5 30W I . 0.50 1.76 18.83
C4A 30W I . -0.75 1.63 18.39
O4 30W I . -1.28 3.96 18.71
C4 30W J . 13.81 -5.27 -11.24
C6 30W J . 16.08 -4.09 -8.65
C11 30W J . 9.79 -2.55 -14.25
C7 30W J . 15.78 -2.72 -8.60
C9 30W J . 17.10 -4.73 -7.77
C10 30W J . 10.80 -3.40 -13.53
N1 30W J . 13.22 -2.47 -11.03
N2 30W J . 11.59 -2.75 -12.65
N3 30W J . 12.86 -4.61 -11.98
O10 30W J . 10.90 -4.61 -13.73
C2 30W J . 12.59 -3.28 -11.87
C8A 30W J . 14.21 -2.97 -10.21
N8 30W J . 14.85 -2.14 -9.37
N5 30W J . 15.46 -4.92 -9.51
C4A 30W J . 14.53 -4.38 -10.29
O4 30W J . 14.01 -6.47 -11.39
#